data_4LX4
#
_entry.id   4LX4
#
_cell.length_a   70.390
_cell.length_b   82.900
_cell.length_c   104.740
_cell.angle_alpha   90.00
_cell.angle_beta   92.08
_cell.angle_gamma   90.00
#
_symmetry.space_group_name_H-M   'P 1 21 1'
#
loop_
_entity.id
_entity.type
_entity.pdbx_description
1 polymer Endoglucanase(Endo-1,4-beta-glucanase)protein
2 non-polymer 2-AMINO-2-HYDROXYMETHYL-PROPANE-1,3-DIOL
3 water water
#
_entity_poly.entity_id   1
_entity_poly.type   'polypeptide(L)'
_entity_poly.pdbx_seq_one_letter_code
;ADWPVNDEGGLALHGVNISGAGFAPHITPGKNGTHYFYPEKKHFKYYADQGIRLIRFPFIWERVQHSLDSGLNFDQIRLL
KKTLDLAAQNGQKVILDMHNYGRYHGELIGSSKVPYEAYASVWRKLAERFKGHPGLLGYDIMNEPHSTVGLWPGAAQAAV
DAIREVDDQTLIFIEGERWSSAYHWPLVNANFLINDPADRLIYEAHLYFDDDFSGKYMAQTSRNIDPMIGVERARPFIEW
LQKHGQKGFLGEYGIPDDLPEAAQAMDNLLAYLNDNCVPSAYWAGGPGWGTYKLAIEPRNGKDRPQMELMRKHLANDCTA
IGPTPAQIAD
;
_entity_poly.pdbx_strand_id   A,B,C,D
#
# COMPACT_ATOMS: atom_id res chain seq x y z
N ASP A 2 15.71 10.04 -15.21
CA ASP A 2 16.08 9.17 -14.11
C ASP A 2 17.52 8.68 -14.24
N TRP A 3 18.21 9.17 -15.26
CA TRP A 3 19.62 8.82 -15.46
C TRP A 3 20.39 9.30 -14.25
N PRO A 4 21.31 8.46 -13.76
CA PRO A 4 22.08 8.83 -12.57
C PRO A 4 22.94 10.09 -12.76
N VAL A 5 23.01 10.90 -11.70
CA VAL A 5 23.78 12.15 -11.76
C VAL A 5 24.98 12.10 -10.83
N ASN A 6 26.01 12.88 -11.18
CA ASN A 6 27.16 13.07 -10.31
C ASN A 6 26.87 14.10 -9.23
N ASP A 7 27.49 13.95 -8.05
CA ASP A 7 27.22 14.87 -6.96
C ASP A 7 27.62 16.31 -7.28
N GLU A 8 28.75 16.47 -7.97
CA GLU A 8 29.28 17.78 -8.32
C GLU A 8 28.65 18.38 -9.57
N GLY A 9 27.69 17.66 -10.16
CA GLY A 9 27.11 18.09 -11.41
C GLY A 9 27.47 17.17 -12.56
N GLY A 10 26.73 17.25 -13.66
CA GLY A 10 26.95 16.36 -14.79
C GLY A 10 26.30 14.99 -14.60
N LEU A 11 26.41 14.13 -15.61
CA LEU A 11 25.73 12.83 -15.57
C LEU A 11 26.68 11.69 -15.20
N ALA A 12 26.15 10.61 -14.61
CA ALA A 12 26.96 9.42 -14.41
C ALA A 12 27.02 8.65 -15.73
N LEU A 13 27.97 9.01 -16.59
CA LEU A 13 28.08 8.44 -17.92
C LEU A 13 28.82 7.11 -17.92
N HIS A 14 29.92 7.05 -17.16
CA HIS A 14 30.85 5.90 -17.28
C HIS A 14 30.79 4.96 -16.10
N GLY A 15 30.36 3.75 -16.40
CA GLY A 15 30.08 2.79 -15.36
C GLY A 15 30.82 1.52 -15.62
N VAL A 16 30.31 0.44 -15.04
CA VAL A 16 31.01 -0.82 -15.04
C VAL A 16 30.02 -1.96 -15.20
N ASN A 17 30.41 -2.95 -15.97
CA ASN A 17 29.69 -4.21 -16.03
C ASN A 17 30.02 -5.01 -14.77
N ILE A 18 29.01 -5.56 -14.10
CA ILE A 18 29.22 -6.33 -12.86
C ILE A 18 28.84 -7.80 -13.03
N SER A 19 29.81 -8.67 -12.75
CA SER A 19 29.65 -10.12 -12.80
C SER A 19 28.79 -10.62 -11.63
N GLY A 20 28.36 -11.88 -11.66
CA GLY A 20 28.66 -12.83 -12.74
C GLY A 20 27.53 -13.82 -13.02
N ALA A 21 26.31 -13.30 -13.15
CA ALA A 21 25.12 -14.14 -13.26
C ALA A 21 24.97 -14.79 -14.65
N GLY A 22 25.76 -14.32 -15.61
CA GLY A 22 25.73 -14.89 -16.95
C GLY A 22 26.92 -15.82 -17.21
N PHE A 23 27.69 -16.10 -16.17
CA PHE A 23 28.86 -16.96 -16.30
C PHE A 23 28.49 -18.39 -16.69
N ALA A 24 29.42 -19.07 -17.35
CA ALA A 24 29.23 -20.45 -17.81
C ALA A 24 27.82 -20.71 -18.31
N PRO A 25 27.44 -20.05 -19.40
CA PRO A 25 26.07 -20.15 -19.89
C PRO A 25 25.79 -21.50 -20.53
N HIS A 26 26.83 -22.29 -20.78
CA HIS A 26 26.65 -23.66 -21.29
C HIS A 26 26.08 -24.59 -20.23
N ILE A 27 26.18 -24.15 -18.98
CA ILE A 27 25.69 -24.92 -17.86
C ILE A 27 24.40 -24.29 -17.31
N THR A 28 23.27 -24.88 -17.69
CA THR A 28 21.96 -24.39 -17.31
C THR A 28 21.09 -25.50 -16.72
N PRO A 29 20.32 -25.18 -15.67
CA PRO A 29 20.32 -23.83 -15.09
C PRO A 29 21.63 -23.49 -14.37
N GLY A 30 22.39 -24.52 -13.99
CA GLY A 30 23.62 -24.30 -13.25
C GLY A 30 23.28 -23.94 -11.81
N LYS A 31 24.31 -23.77 -10.99
CA LYS A 31 24.10 -23.44 -9.60
C LYS A 31 24.79 -22.14 -9.17
N ASN A 32 24.00 -21.22 -8.61
CA ASN A 32 24.54 -20.01 -8.01
C ASN A 32 25.58 -20.40 -6.98
N GLY A 33 26.72 -19.71 -7.02
CA GLY A 33 27.81 -20.00 -6.10
C GLY A 33 28.79 -21.02 -6.64
N THR A 34 28.45 -21.69 -7.73
CA THR A 34 29.32 -22.68 -8.35
C THR A 34 29.68 -22.27 -9.77
N HIS A 35 28.68 -22.21 -10.64
CA HIS A 35 28.82 -21.93 -12.07
C HIS A 35 28.63 -20.46 -12.39
N TYR A 36 27.80 -19.79 -11.62
CA TYR A 36 27.63 -18.35 -11.73
C TYR A 36 27.55 -17.70 -10.36
N PHE A 37 27.65 -16.37 -10.33
CA PHE A 37 27.79 -15.65 -9.08
C PHE A 37 27.04 -14.33 -9.11
N TYR A 38 26.45 -13.99 -7.97
CA TYR A 38 25.86 -12.68 -7.79
C TYR A 38 26.73 -11.83 -6.86
N PRO A 39 26.77 -10.50 -7.10
CA PRO A 39 27.58 -9.57 -6.32
C PRO A 39 27.02 -9.35 -4.92
N GLU A 40 27.87 -8.80 -4.03
CA GLU A 40 27.49 -8.53 -2.65
C GLU A 40 27.63 -7.04 -2.40
N LYS A 41 27.29 -6.61 -1.19
CA LYS A 41 27.33 -5.21 -0.82
C LYS A 41 28.71 -4.58 -1.01
N LYS A 42 29.76 -5.38 -0.83
CA LYS A 42 31.12 -4.86 -0.94
C LYS A 42 31.41 -4.34 -2.34
N HIS A 43 30.97 -5.06 -3.36
CA HIS A 43 31.21 -4.63 -4.74
C HIS A 43 30.52 -3.31 -5.08
N PHE A 44 29.26 -3.18 -4.68
CA PHE A 44 28.52 -1.95 -4.94
C PHE A 44 29.15 -0.79 -4.18
N LYS A 45 29.54 -1.05 -2.94
CA LYS A 45 30.16 -0.03 -2.11
C LYS A 45 31.49 0.48 -2.67
N TYR A 46 32.31 -0.43 -3.19
CA TYR A 46 33.61 -0.04 -3.72
C TYR A 46 33.49 0.87 -4.95
N TYR A 47 32.61 0.48 -5.87
CA TYR A 47 32.42 1.27 -7.08
C TYR A 47 31.82 2.65 -6.79
N ALA A 48 30.89 2.69 -5.85
CA ALA A 48 30.31 3.94 -5.40
C ALA A 48 31.40 4.82 -4.79
N ASP A 49 32.29 4.21 -4.05
CA ASP A 49 33.38 4.95 -3.43
C ASP A 49 34.23 5.56 -4.53
N GLN A 50 34.30 4.88 -5.67
CA GLN A 50 35.11 5.33 -6.78
C GLN A 50 34.41 6.39 -7.62
N GLY A 51 33.17 6.70 -7.27
CA GLY A 51 32.41 7.72 -7.98
C GLY A 51 31.56 7.15 -9.11
N ILE A 52 31.39 5.83 -9.12
CA ILE A 52 30.65 5.15 -10.18
C ILE A 52 29.23 4.82 -9.73
N ARG A 53 28.23 5.31 -10.48
CA ARG A 53 26.83 5.17 -10.13
C ARG A 53 26.04 4.42 -11.21
N LEU A 54 26.74 3.98 -12.25
CA LEU A 54 26.11 3.31 -13.40
C LEU A 54 26.61 1.87 -13.50
N ILE A 55 25.68 0.92 -13.52
CA ILE A 55 26.04 -0.49 -13.56
C ILE A 55 25.24 -1.20 -14.64
N ARG A 56 25.92 -1.99 -15.46
CA ARG A 56 25.25 -2.92 -16.37
C ARG A 56 25.39 -4.32 -15.77
N PHE A 57 24.27 -5.03 -15.60
CA PHE A 57 24.28 -6.34 -14.96
C PHE A 57 23.74 -7.49 -15.82
N PRO A 58 24.65 -8.27 -16.42
CA PRO A 58 24.30 -9.47 -17.19
C PRO A 58 23.65 -10.59 -16.36
N PHE A 59 22.60 -11.17 -16.95
CA PHE A 59 21.98 -12.39 -16.49
C PHE A 59 21.55 -13.10 -17.79
N ILE A 60 21.15 -14.36 -17.70
CA ILE A 60 20.65 -15.07 -18.88
C ILE A 60 19.21 -15.53 -18.76
N TRP A 61 18.52 -15.57 -19.89
CA TRP A 61 17.11 -15.92 -19.90
C TRP A 61 16.89 -17.31 -19.25
N GLU A 62 17.74 -18.26 -19.64
CA GLU A 62 17.66 -19.64 -19.18
C GLU A 62 17.66 -19.78 -17.66
N ARG A 63 18.14 -18.75 -16.97
CA ARG A 63 18.17 -18.77 -15.51
C ARG A 63 16.99 -18.05 -14.84
N VAL A 64 16.26 -17.21 -15.58
CA VAL A 64 14.99 -16.66 -15.07
C VAL A 64 13.80 -17.51 -15.51
N GLN A 65 13.98 -18.25 -16.62
CA GLN A 65 12.97 -19.18 -17.10
C GLN A 65 13.59 -20.46 -17.64
N HIS A 66 13.45 -21.58 -16.92
CA HIS A 66 14.15 -22.78 -17.32
C HIS A 66 13.62 -23.34 -18.65
N SER A 67 12.32 -23.22 -18.86
CA SER A 67 11.69 -23.60 -20.10
C SER A 67 10.56 -22.63 -20.46
N LEU A 68 10.17 -22.60 -21.72
CA LEU A 68 9.18 -21.66 -22.17
C LEU A 68 7.80 -22.02 -21.64
N ASP A 69 7.60 -23.27 -21.24
CA ASP A 69 6.30 -23.65 -20.66
C ASP A 69 6.27 -23.54 -19.14
N SER A 70 7.35 -23.01 -18.58
CA SER A 70 7.43 -22.86 -17.15
C SER A 70 7.40 -21.37 -16.79
N GLY A 71 7.15 -21.07 -15.52
CA GLY A 71 7.16 -19.70 -15.06
C GLY A 71 8.54 -19.22 -14.70
N LEU A 72 8.62 -18.03 -14.12
CA LEU A 72 9.90 -17.45 -13.73
C LEU A 72 10.41 -18.10 -12.43
N ASN A 73 11.73 -18.29 -12.37
CA ASN A 73 12.38 -18.88 -11.22
C ASN A 73 12.45 -17.87 -10.07
N PHE A 74 11.75 -18.19 -8.98
CA PHE A 74 11.56 -17.31 -7.83
C PHE A 74 12.89 -16.85 -7.26
N ASP A 75 13.80 -17.79 -7.10
CA ASP A 75 15.11 -17.49 -6.54
C ASP A 75 15.92 -16.55 -7.42
N GLN A 76 15.86 -16.74 -8.74
CA GLN A 76 16.66 -15.93 -9.63
C GLN A 76 16.16 -14.49 -9.63
N ILE A 77 14.85 -14.32 -9.61
CA ILE A 77 14.27 -12.98 -9.50
C ILE A 77 14.63 -12.35 -8.18
N ARG A 78 14.57 -13.15 -7.12
CA ARG A 78 14.96 -12.70 -5.79
C ARG A 78 16.44 -12.26 -5.79
N LEU A 79 17.29 -12.99 -6.52
CA LEU A 79 18.70 -12.61 -6.65
C LEU A 79 18.88 -11.31 -7.44
N LEU A 80 18.09 -11.14 -8.49
CA LEU A 80 18.07 -9.89 -9.26
C LEU A 80 17.51 -8.70 -8.47
N LYS A 81 16.47 -8.94 -7.68
CA LYS A 81 15.92 -7.89 -6.82
C LYS A 81 16.98 -7.41 -5.81
N LYS A 82 17.73 -8.35 -5.26
CA LYS A 82 18.78 -8.05 -4.30
C LYS A 82 19.81 -7.15 -4.95
N THR A 83 20.13 -7.45 -6.21
CA THR A 83 21.09 -6.66 -6.97
C THR A 83 20.61 -5.24 -7.13
N LEU A 84 19.34 -5.09 -7.47
CA LEU A 84 18.77 -3.78 -7.64
C LEU A 84 18.71 -3.05 -6.31
N ASP A 85 18.39 -3.76 -5.22
CA ASP A 85 18.29 -3.15 -3.90
C ASP A 85 19.63 -2.57 -3.46
N LEU A 86 20.68 -3.38 -3.58
CA LEU A 86 22.02 -3.04 -3.15
C LEU A 86 22.57 -1.88 -3.98
N ALA A 87 22.32 -1.94 -5.28
CA ALA A 87 22.66 -0.85 -6.17
C ALA A 87 22.02 0.44 -5.70
N ALA A 88 20.72 0.41 -5.44
CA ALA A 88 19.98 1.59 -5.05
C ALA A 88 20.49 2.19 -3.74
N GLN A 89 20.79 1.33 -2.77
CA GLN A 89 21.23 1.79 -1.47
C GLN A 89 22.55 2.55 -1.59
N ASN A 90 23.32 2.21 -2.61
CA ASN A 90 24.64 2.80 -2.83
C ASN A 90 24.58 3.87 -3.91
N GLY A 91 23.37 4.35 -4.18
CA GLY A 91 23.18 5.46 -5.10
C GLY A 91 23.47 5.13 -6.55
N GLN A 92 23.36 3.85 -6.91
CA GLN A 92 23.60 3.44 -8.29
C GLN A 92 22.31 3.02 -8.97
N LYS A 93 22.30 3.04 -10.30
CA LYS A 93 21.17 2.57 -11.07
C LYS A 93 21.65 1.50 -12.06
N VAL A 94 20.80 0.51 -12.27
CA VAL A 94 21.25 -0.70 -12.95
C VAL A 94 20.57 -0.87 -14.28
N ILE A 95 21.37 -1.25 -15.29
CA ILE A 95 20.86 -1.70 -16.57
C ILE A 95 20.88 -3.23 -16.55
N LEU A 96 19.70 -3.86 -16.55
CA LEU A 96 19.62 -5.32 -16.60
C LEU A 96 19.77 -5.84 -18.03
N ASP A 97 20.75 -6.72 -18.21
CA ASP A 97 21.12 -7.15 -19.54
C ASP A 97 20.83 -8.63 -19.72
N MET A 98 19.84 -8.94 -20.55
CA MET A 98 19.61 -10.34 -20.92
C MET A 98 20.70 -10.82 -21.88
N HIS A 99 21.64 -11.59 -21.34
CA HIS A 99 22.93 -11.78 -22.00
C HIS A 99 22.91 -12.97 -22.95
N ASN A 100 22.01 -12.93 -23.94
CA ASN A 100 21.59 -14.15 -24.63
C ASN A 100 21.96 -14.30 -26.11
N TYR A 101 22.64 -13.32 -26.69
CA TYR A 101 23.17 -13.42 -28.05
C TYR A 101 22.15 -13.78 -29.13
N GLY A 102 20.92 -13.33 -28.95
CA GLY A 102 19.83 -13.61 -29.88
C GLY A 102 19.29 -15.04 -29.79
N ARG A 103 19.61 -15.74 -28.71
CA ARG A 103 19.26 -17.17 -28.58
C ARG A 103 18.67 -17.57 -27.21
N TYR A 104 17.92 -18.65 -27.20
CA TYR A 104 17.39 -19.28 -25.99
C TYR A 104 17.58 -20.79 -26.08
N HIS A 105 18.30 -21.35 -25.11
CA HIS A 105 18.75 -22.73 -25.15
C HIS A 105 19.32 -23.09 -26.52
N GLY A 106 20.13 -22.17 -27.07
CA GLY A 106 20.86 -22.39 -28.30
C GLY A 106 20.09 -22.13 -29.59
N GLU A 107 18.78 -21.90 -29.47
CA GLU A 107 17.90 -21.70 -30.61
C GLU A 107 17.67 -20.22 -30.82
N LEU A 108 17.48 -19.82 -32.08
CA LEU A 108 17.26 -18.41 -32.41
C LEU A 108 15.89 -17.94 -31.99
N ILE A 109 15.84 -16.77 -31.34
CA ILE A 109 14.58 -16.15 -30.97
C ILE A 109 13.90 -15.73 -32.27
N GLY A 110 12.70 -16.22 -32.53
CA GLY A 110 12.06 -16.01 -33.82
C GLY A 110 12.03 -17.25 -34.70
N SER A 111 12.74 -18.27 -34.25
CA SER A 111 12.68 -19.61 -34.83
C SER A 111 11.41 -20.29 -34.34
N SER A 112 11.06 -21.44 -34.92
CA SER A 112 9.84 -22.14 -34.49
C SER A 112 9.90 -22.60 -33.04
N LYS A 113 11.09 -22.99 -32.57
CA LYS A 113 11.30 -23.39 -31.17
C LYS A 113 11.26 -22.21 -30.19
N VAL A 114 11.66 -21.03 -30.64
CA VAL A 114 11.59 -19.84 -29.81
C VAL A 114 10.84 -18.71 -30.53
N PRO A 115 9.51 -18.73 -30.47
CA PRO A 115 8.73 -17.66 -31.11
C PRO A 115 8.94 -16.31 -30.46
N TYR A 116 8.75 -15.26 -31.24
CA TYR A 116 8.77 -13.89 -30.74
C TYR A 116 7.90 -13.76 -29.50
N GLU A 117 6.78 -14.48 -29.53
CA GLU A 117 5.80 -14.47 -28.45
C GLU A 117 6.43 -14.87 -27.11
N ALA A 118 7.35 -15.82 -27.16
CA ALA A 118 8.02 -16.30 -25.95
C ALA A 118 8.95 -15.26 -25.33
N TYR A 119 9.66 -14.55 -26.20
CA TYR A 119 10.60 -13.50 -25.83
C TYR A 119 9.85 -12.27 -25.31
N ALA A 120 8.78 -11.89 -25.99
CA ALA A 120 7.91 -10.83 -25.47
C ALA A 120 7.36 -11.12 -24.06
N SER A 121 6.98 -12.37 -23.81
CA SER A 121 6.37 -12.77 -22.53
C SER A 121 7.29 -12.64 -21.34
N VAL A 122 8.53 -13.09 -21.52
CA VAL A 122 9.48 -13.12 -20.42
C VAL A 122 9.84 -11.72 -19.99
N TRP A 123 9.93 -10.81 -20.97
CA TRP A 123 10.24 -9.41 -20.68
C TRP A 123 9.06 -8.65 -20.07
N ARG A 124 7.86 -9.02 -20.50
CA ARG A 124 6.65 -8.46 -19.92
C ARG A 124 6.52 -8.95 -18.47
N LYS A 125 6.85 -10.21 -18.23
CA LYS A 125 6.86 -10.74 -16.87
C LYS A 125 7.97 -10.10 -16.03
N LEU A 126 9.14 -9.90 -16.62
CA LEU A 126 10.23 -9.24 -15.90
C LEU A 126 9.92 -7.77 -15.58
N ALA A 127 9.31 -7.08 -16.54
CA ALA A 127 8.96 -5.68 -16.33
C ALA A 127 7.93 -5.59 -15.22
N GLU A 128 7.05 -6.57 -15.16
CA GLU A 128 6.09 -6.66 -14.06
C GLU A 128 6.81 -6.83 -12.72
N ARG A 129 7.88 -7.63 -12.68
CA ARG A 129 8.61 -7.88 -11.42
C ARG A 129 9.43 -6.67 -10.95
N PHE A 130 10.00 -5.90 -11.89
CA PHE A 130 11.00 -4.89 -11.56
C PHE A 130 10.51 -3.43 -11.65
N LYS A 131 9.36 -3.24 -12.28
CA LYS A 131 8.71 -1.93 -12.45
C LYS A 131 8.71 -1.02 -11.21
N GLY A 132 9.26 0.17 -11.36
CA GLY A 132 9.30 1.15 -10.28
C GLY A 132 10.42 1.01 -9.26
N HIS A 133 11.32 0.05 -9.47
CA HIS A 133 12.43 -0.13 -8.54
C HIS A 133 13.41 1.04 -8.63
N PRO A 134 13.84 1.54 -7.39
CA PRO A 134 14.69 2.75 -7.52
C PRO A 134 16.11 2.49 -8.01
N GLY A 135 16.56 1.24 -7.99
CA GLY A 135 17.88 0.92 -8.50
C GLY A 135 17.90 0.55 -9.97
N LEU A 136 16.73 0.54 -10.61
CA LEU A 136 16.64 0.13 -12.02
C LEU A 136 16.74 1.36 -12.94
N LEU A 137 17.68 1.30 -13.89
CA LEU A 137 17.79 2.34 -14.91
C LEU A 137 17.03 1.87 -16.14
N GLY A 138 17.22 0.59 -16.48
CA GLY A 138 16.56 0.03 -17.65
C GLY A 138 16.88 -1.41 -18.01
N TYR A 139 16.29 -1.81 -19.13
CA TYR A 139 16.41 -3.16 -19.67
C TYR A 139 17.19 -3.18 -20.98
N ASP A 140 18.38 -3.77 -20.90
CA ASP A 140 19.13 -4.07 -22.09
C ASP A 140 18.56 -5.41 -22.54
N ILE A 141 17.63 -5.35 -23.49
CA ILE A 141 16.78 -6.49 -23.76
C ILE A 141 17.53 -7.67 -24.39
N MET A 142 18.68 -7.42 -24.98
CA MET A 142 19.45 -8.50 -25.58
C MET A 142 20.90 -8.10 -25.83
N ASN A 143 21.82 -8.97 -25.41
CA ASN A 143 23.24 -8.73 -25.58
C ASN A 143 23.77 -9.37 -26.86
N GLU A 144 24.46 -8.55 -27.67
CA GLU A 144 25.26 -9.05 -28.78
C GLU A 144 24.56 -10.01 -29.74
N PRO A 145 23.44 -9.60 -30.33
CA PRO A 145 22.79 -10.46 -31.31
C PRO A 145 23.76 -10.69 -32.45
N HIS A 146 23.83 -11.91 -32.95
CA HIS A 146 24.70 -12.23 -34.08
C HIS A 146 24.13 -13.42 -34.87
N SER A 147 24.35 -13.43 -36.17
CA SER A 147 23.97 -14.57 -37.00
C SER A 147 22.50 -14.94 -36.78
N THR A 148 21.62 -13.95 -36.74
CA THR A 148 20.20 -14.21 -36.46
C THR A 148 19.36 -14.41 -37.72
N VAL A 149 19.99 -14.30 -38.88
CA VAL A 149 19.32 -14.47 -40.17
C VAL A 149 18.07 -13.59 -40.30
N GLY A 150 18.20 -12.33 -39.90
CA GLY A 150 17.16 -11.33 -40.10
C GLY A 150 16.08 -11.36 -39.04
N LEU A 151 16.23 -12.26 -38.07
CA LEU A 151 15.32 -12.39 -36.94
C LEU A 151 15.33 -11.24 -35.91
N TRP A 152 16.50 -10.65 -35.65
CA TRP A 152 16.66 -9.79 -34.47
C TRP A 152 15.74 -8.56 -34.44
N PRO A 153 15.64 -7.81 -35.57
CA PRO A 153 14.83 -6.60 -35.48
C PRO A 153 13.38 -6.84 -35.04
N GLY A 154 12.74 -7.90 -35.52
CA GLY A 154 11.39 -8.24 -35.12
C GLY A 154 11.28 -8.68 -33.68
N ALA A 155 12.33 -9.34 -33.20
CA ALA A 155 12.38 -9.78 -31.81
C ALA A 155 12.46 -8.58 -30.89
N ALA A 156 13.32 -7.62 -31.24
CA ALA A 156 13.47 -6.40 -30.47
C ALA A 156 12.15 -5.64 -30.32
N GLN A 157 11.43 -5.49 -31.43
CA GLN A 157 10.17 -4.76 -31.39
C GLN A 157 9.14 -5.53 -30.56
N ALA A 158 9.18 -6.87 -30.62
CA ALA A 158 8.23 -7.67 -29.87
C ALA A 158 8.42 -7.50 -28.36
N ALA A 159 9.67 -7.42 -27.92
CA ALA A 159 9.97 -7.23 -26.51
C ALA A 159 9.64 -5.80 -26.07
N VAL A 160 9.96 -4.82 -26.90
CA VAL A 160 9.69 -3.42 -26.58
C VAL A 160 8.18 -3.17 -26.42
N ASP A 161 7.39 -3.75 -27.33
CA ASP A 161 5.93 -3.57 -27.29
C ASP A 161 5.40 -4.14 -25.98
N ALA A 162 5.89 -5.33 -25.64
CA ALA A 162 5.48 -6.03 -24.44
C ALA A 162 5.87 -5.29 -23.16
N ILE A 163 7.09 -4.78 -23.10
CA ILE A 163 7.50 -4.04 -21.92
C ILE A 163 6.62 -2.80 -21.72
N ARG A 164 6.33 -2.10 -22.80
CA ARG A 164 5.60 -0.82 -22.74
C ARG A 164 4.13 -0.98 -22.33
N GLU A 165 3.61 -2.20 -22.44
CA GLU A 165 2.26 -2.52 -21.99
C GLU A 165 2.19 -2.43 -20.48
N VAL A 166 3.31 -2.66 -19.83
CA VAL A 166 3.38 -2.66 -18.38
C VAL A 166 4.25 -1.56 -17.77
N ASP A 167 5.21 -1.02 -18.53
CA ASP A 167 6.14 -0.04 -17.98
C ASP A 167 6.58 1.01 -18.99
N ASP A 168 5.97 2.19 -18.89
CA ASP A 168 6.18 3.29 -19.83
C ASP A 168 7.28 4.25 -19.39
N GLN A 169 7.92 3.97 -18.25
CA GLN A 169 8.84 4.89 -17.60
C GLN A 169 10.31 4.47 -17.68
N THR A 170 10.57 3.17 -17.61
CA THR A 170 11.93 2.63 -17.66
C THR A 170 12.55 2.78 -19.05
N LEU A 171 13.85 3.09 -19.08
CA LEU A 171 14.66 3.05 -20.30
C LEU A 171 14.83 1.63 -20.89
N ILE A 172 14.86 1.56 -22.22
CA ILE A 172 15.16 0.33 -22.92
C ILE A 172 16.41 0.52 -23.79
N PHE A 173 17.33 -0.44 -23.71
CA PHE A 173 18.58 -0.40 -24.48
C PHE A 173 18.58 -1.41 -25.61
N ILE A 174 18.75 -0.91 -26.83
CA ILE A 174 18.65 -1.73 -28.01
C ILE A 174 19.98 -1.95 -28.69
N GLU A 175 20.43 -3.20 -28.72
CA GLU A 175 21.65 -3.54 -29.41
C GLU A 175 21.33 -4.00 -30.83
N GLY A 176 22.40 -4.10 -31.62
CA GLY A 176 22.34 -4.40 -33.04
C GLY A 176 23.14 -5.64 -33.40
N GLU A 177 22.99 -6.05 -34.65
CA GLU A 177 23.57 -7.30 -35.20
C GLU A 177 25.09 -7.19 -35.37
N ARG A 178 25.74 -8.33 -35.64
CA ARG A 178 27.20 -8.43 -35.67
C ARG A 178 27.85 -8.14 -34.32
N TRP A 179 27.21 -8.65 -33.28
CA TRP A 179 27.68 -8.54 -31.91
C TRP A 179 27.64 -7.08 -31.46
N SER A 180 26.72 -6.33 -32.05
CA SER A 180 26.54 -4.92 -31.71
C SER A 180 27.82 -4.10 -31.83
N SER A 181 28.68 -4.49 -32.76
CA SER A 181 29.91 -3.75 -33.04
C SER A 181 29.63 -2.30 -33.42
N ALA A 182 30.28 -1.38 -32.70
CA ALA A 182 30.21 0.06 -32.97
C ALA A 182 30.72 0.39 -34.38
N TYR A 183 31.88 -0.16 -34.73
CA TYR A 183 32.52 0.14 -36.00
C TYR A 183 31.70 -0.29 -37.21
N HIS A 184 31.02 -1.42 -37.08
CA HIS A 184 30.24 -1.99 -38.18
C HIS A 184 28.78 -1.51 -38.20
N TRP A 185 28.41 -0.69 -37.21
CA TRP A 185 27.01 -0.29 -36.98
C TRP A 185 26.30 0.31 -38.20
N PRO A 186 26.95 1.27 -38.88
CA PRO A 186 26.28 1.93 -40.02
C PRO A 186 26.05 1.01 -41.22
N LEU A 187 26.89 0.00 -41.41
CA LEU A 187 26.67 -1.01 -42.44
C LEU A 187 25.65 -2.07 -42.02
N VAL A 188 25.77 -2.55 -40.79
CA VAL A 188 24.93 -3.64 -40.33
C VAL A 188 23.54 -3.19 -39.85
N ASN A 189 23.44 -1.96 -39.34
CA ASN A 189 22.16 -1.46 -38.85
C ASN A 189 21.76 -0.18 -39.54
N ALA A 190 22.04 -0.10 -40.84
CA ALA A 190 21.92 1.15 -41.57
C ALA A 190 20.55 1.77 -41.28
N ASN A 191 19.53 0.92 -41.43
CA ASN A 191 18.14 1.30 -41.26
C ASN A 191 17.47 0.68 -40.05
N PHE A 192 18.25 0.32 -39.03
CA PHE A 192 17.71 -0.23 -37.80
C PHE A 192 16.89 0.85 -37.06
N LEU A 193 15.61 0.57 -36.80
CA LEU A 193 14.78 1.49 -36.01
C LEU A 193 13.66 0.78 -35.27
N ILE A 194 13.70 0.85 -33.94
CA ILE A 194 12.69 0.27 -33.05
C ILE A 194 11.73 1.37 -32.59
N ASN A 195 10.42 1.08 -32.60
CA ASN A 195 9.40 2.05 -32.22
C ASN A 195 9.12 2.11 -30.72
N ASP A 196 9.16 3.31 -30.15
CA ASP A 196 8.86 3.52 -28.73
C ASP A 196 8.20 4.86 -28.46
N PRO A 197 6.87 4.85 -28.26
CA PRO A 197 6.05 6.04 -27.99
C PRO A 197 6.48 6.80 -26.74
N ALA A 198 7.19 6.13 -25.83
CA ALA A 198 7.64 6.74 -24.59
C ALA A 198 8.87 7.60 -24.77
N ASP A 199 9.56 7.45 -25.90
CA ASP A 199 10.81 8.17 -26.14
C ASP A 199 11.81 7.82 -25.05
N ARG A 200 11.87 6.54 -24.70
CA ARG A 200 12.79 6.08 -23.67
C ARG A 200 13.62 4.92 -24.20
N LEU A 201 14.14 5.08 -25.42
CA LEU A 201 15.02 4.09 -26.03
C LEU A 201 16.41 4.65 -26.27
N ILE A 202 17.41 3.78 -26.09
CA ILE A 202 18.82 4.11 -26.35
C ILE A 202 19.48 2.95 -27.08
N TYR A 203 20.27 3.27 -28.10
CA TYR A 203 20.95 2.25 -28.91
C TYR A 203 22.33 2.02 -28.31
N GLU A 204 22.75 0.76 -28.27
CA GLU A 204 23.92 0.39 -27.50
C GLU A 204 24.84 -0.48 -28.33
N ALA A 205 26.10 -0.05 -28.46
CA ALA A 205 27.09 -0.81 -29.18
C ALA A 205 28.20 -1.18 -28.22
N HIS A 206 29.00 -2.17 -28.63
CA HIS A 206 30.18 -2.59 -27.89
C HIS A 206 31.40 -2.29 -28.75
N LEU A 207 32.55 -2.11 -28.11
CA LEU A 207 33.74 -1.69 -28.83
C LEU A 207 35.02 -2.20 -28.16
N TYR A 208 35.69 -3.15 -28.82
CA TYR A 208 37.01 -3.59 -28.36
C TYR A 208 38.14 -3.23 -29.32
N PHE A 209 39.39 -3.29 -28.83
CA PHE A 209 40.50 -2.65 -29.55
C PHE A 209 41.38 -3.62 -30.32
N ASP A 210 41.07 -4.92 -30.24
CA ASP A 210 41.88 -5.92 -30.94
C ASP A 210 41.47 -6.10 -32.40
N ASP A 211 42.37 -6.69 -33.19
CA ASP A 211 42.27 -6.69 -34.65
C ASP A 211 40.97 -7.31 -35.15
N ASP A 212 40.41 -8.22 -34.36
CA ASP A 212 39.22 -8.94 -34.78
C ASP A 212 37.95 -8.39 -34.14
N PHE A 213 38.06 -7.28 -33.41
CA PHE A 213 36.90 -6.63 -32.78
C PHE A 213 36.27 -7.46 -31.64
N SER A 214 36.92 -8.55 -31.24
CA SER A 214 36.30 -9.51 -30.33
C SER A 214 36.48 -9.23 -28.83
N GLY A 215 37.49 -8.46 -28.47
CA GLY A 215 37.76 -8.22 -27.06
C GLY A 215 38.39 -9.40 -26.34
N LYS A 216 38.75 -10.43 -27.10
CA LYS A 216 39.54 -11.55 -26.60
C LYS A 216 40.93 -11.09 -26.19
N TYR A 217 41.46 -10.15 -26.97
CA TYR A 217 42.84 -9.70 -26.86
C TYR A 217 43.83 -10.86 -26.94
N MET A 218 43.75 -11.62 -28.01
CA MET A 218 44.75 -12.63 -28.32
C MET A 218 46.07 -11.99 -28.75
N ALA A 219 47.16 -12.73 -28.59
CA ALA A 219 48.50 -12.20 -28.83
C ALA A 219 48.69 -11.64 -30.24
N GLN A 220 48.27 -12.38 -31.26
CA GLN A 220 48.47 -11.93 -32.63
C GLN A 220 47.58 -10.75 -33.02
N THR A 221 46.48 -10.55 -32.30
CA THR A 221 45.50 -9.54 -32.68
C THR A 221 45.57 -8.29 -31.83
N SER A 222 46.59 -8.22 -30.97
CA SER A 222 46.72 -7.16 -29.98
C SER A 222 48.10 -6.49 -30.07
N ARG A 223 48.80 -6.72 -31.16
CA ARG A 223 50.04 -6.02 -31.44
C ARG A 223 49.62 -4.76 -32.18
N ASN A 224 50.33 -3.66 -32.00
CA ASN A 224 50.02 -2.46 -32.78
C ASN A 224 48.60 -1.91 -32.60
N ILE A 225 48.22 -1.61 -31.36
CA ILE A 225 46.96 -0.92 -31.10
C ILE A 225 47.13 0.61 -31.26
N ASP A 226 46.46 1.22 -32.25
CA ASP A 226 46.54 2.67 -32.46
C ASP A 226 45.83 3.44 -31.33
N PRO A 227 46.48 4.47 -30.79
CA PRO A 227 45.83 5.15 -29.65
C PRO A 227 44.48 5.81 -30.02
N MET A 228 44.19 5.96 -31.30
CA MET A 228 42.90 6.52 -31.72
C MET A 228 41.92 5.45 -32.25
N ILE A 229 42.27 4.19 -32.12
CA ILE A 229 41.41 3.10 -32.59
C ILE A 229 40.03 3.10 -31.88
N GLY A 230 40.01 3.51 -30.63
CA GLY A 230 38.76 3.59 -29.91
C GLY A 230 37.87 4.68 -30.47
N VAL A 231 38.46 5.85 -30.72
CA VAL A 231 37.73 6.97 -31.31
C VAL A 231 37.26 6.61 -32.70
N GLU A 232 38.15 5.97 -33.46
CA GLU A 232 37.88 5.59 -34.84
C GLU A 232 36.76 4.57 -34.97
N ARG A 233 36.68 3.64 -34.01
CA ARG A 233 35.65 2.62 -34.02
C ARG A 233 34.32 3.13 -33.42
N ALA A 234 34.40 4.13 -32.55
CA ALA A 234 33.19 4.76 -32.01
C ALA A 234 32.53 5.73 -32.99
N ARG A 235 33.33 6.43 -33.78
CA ARG A 235 32.83 7.53 -34.61
C ARG A 235 31.67 7.10 -35.53
N PRO A 236 31.80 5.94 -36.18
CA PRO A 236 30.73 5.49 -37.05
C PRO A 236 29.39 5.35 -36.32
N PHE A 237 29.46 4.88 -35.07
CA PHE A 237 28.27 4.70 -34.25
C PHE A 237 27.67 6.04 -33.84
N ILE A 238 28.52 6.91 -33.31
CA ILE A 238 28.14 8.28 -32.93
C ILE A 238 27.50 9.06 -34.08
N GLU A 239 28.07 8.96 -35.27
CA GLU A 239 27.53 9.65 -36.42
C GLU A 239 26.20 9.05 -36.90
N TRP A 240 26.05 7.74 -36.76
CA TRP A 240 24.77 7.08 -37.06
C TRP A 240 23.69 7.58 -36.12
N LEU A 241 24.01 7.62 -34.82
CA LEU A 241 23.09 8.15 -33.81
C LEU A 241 22.68 9.61 -34.05
N GLN A 242 23.64 10.45 -34.38
CA GLN A 242 23.37 11.86 -34.62
C GLN A 242 22.44 12.03 -35.81
N LYS A 243 22.70 11.26 -36.85
CA LYS A 243 21.90 11.32 -38.06
C LYS A 243 20.45 10.92 -37.84
N HIS A 244 20.24 9.92 -37.02
CA HIS A 244 18.89 9.43 -36.76
C HIS A 244 18.29 10.07 -35.52
N GLY A 245 19.01 11.02 -34.95
CA GLY A 245 18.55 11.75 -33.79
C GLY A 245 18.35 10.90 -32.55
N GLN A 246 19.21 9.89 -32.39
CA GLN A 246 19.04 8.92 -31.32
C GLN A 246 20.10 9.01 -30.21
N LYS A 247 19.75 8.54 -29.02
CA LYS A 247 20.70 8.48 -27.89
C LYS A 247 21.52 7.19 -27.90
N GLY A 248 22.79 7.28 -27.47
CA GLY A 248 23.66 6.11 -27.47
C GLY A 248 24.32 5.73 -26.14
N PHE A 249 24.83 4.51 -26.11
CA PHE A 249 25.44 3.91 -24.93
C PHE A 249 26.49 2.92 -25.43
N LEU A 250 27.72 3.07 -24.94
CA LEU A 250 28.79 2.11 -25.24
C LEU A 250 28.89 1.02 -24.16
N GLY A 251 28.02 0.02 -24.28
CA GLY A 251 27.77 -0.95 -23.21
C GLY A 251 28.90 -1.88 -22.78
N GLU A 252 29.91 -1.99 -23.63
CA GLU A 252 31.10 -2.76 -23.35
C GLU A 252 32.33 -2.16 -24.01
N TYR A 253 33.43 -2.17 -23.27
CA TYR A 253 34.76 -1.84 -23.75
C TYR A 253 35.66 -2.29 -22.61
N GLY A 254 36.94 -2.56 -22.89
CA GLY A 254 37.82 -3.09 -21.87
C GLY A 254 39.22 -3.31 -22.41
N ILE A 255 40.22 -3.26 -21.54
CA ILE A 255 41.60 -3.42 -21.97
C ILE A 255 42.38 -4.36 -21.07
N PRO A 256 43.31 -5.19 -21.74
CA PRO A 256 44.15 -5.96 -20.81
C PRO A 256 45.15 -5.06 -20.08
N ASP A 257 45.49 -5.43 -18.85
CA ASP A 257 46.42 -4.66 -18.04
C ASP A 257 47.83 -4.57 -18.64
N ASP A 258 48.25 -5.63 -19.34
CA ASP A 258 49.62 -5.68 -19.85
C ASP A 258 49.85 -5.09 -21.25
N LEU A 259 48.94 -4.26 -21.75
CA LEU A 259 49.12 -3.60 -23.04
C LEU A 259 49.04 -2.09 -22.91
N PRO A 260 50.21 -1.42 -22.84
CA PRO A 260 50.28 0.03 -22.71
C PRO A 260 49.52 0.79 -23.81
N GLU A 261 49.50 0.23 -25.02
CA GLU A 261 48.81 0.84 -26.15
C GLU A 261 47.29 0.82 -25.98
N ALA A 262 46.76 -0.23 -25.36
CA ALA A 262 45.31 -0.29 -25.12
C ALA A 262 44.93 0.80 -24.10
N ALA A 263 45.82 1.09 -23.16
CA ALA A 263 45.57 2.12 -22.16
C ALA A 263 45.38 3.49 -22.81
N GLN A 264 46.26 3.83 -23.75
CA GLN A 264 46.14 5.06 -24.52
C GLN A 264 44.84 5.11 -25.32
N ALA A 265 44.47 3.97 -25.90
CA ALA A 265 43.25 3.87 -26.67
C ALA A 265 42.01 4.08 -25.81
N MET A 266 42.05 3.56 -24.58
CA MET A 266 40.94 3.74 -23.63
C MET A 266 40.79 5.20 -23.21
N ASP A 267 41.90 5.87 -22.91
CA ASP A 267 41.85 7.29 -22.58
C ASP A 267 41.19 8.13 -23.67
N ASN A 268 41.66 7.95 -24.89
CA ASN A 268 41.13 8.74 -25.99
C ASN A 268 39.67 8.43 -26.28
N LEU A 269 39.30 7.18 -26.04
CA LEU A 269 37.93 6.78 -26.23
C LEU A 269 36.99 7.46 -25.24
N LEU A 270 37.33 7.42 -23.97
CA LEU A 270 36.48 8.02 -22.94
C LEU A 270 36.40 9.53 -23.09
N ALA A 271 37.48 10.15 -23.56
CA ALA A 271 37.48 11.58 -23.84
C ALA A 271 36.47 11.91 -24.92
N TYR A 272 36.50 11.13 -25.99
CA TYR A 272 35.56 11.27 -27.09
C TYR A 272 34.11 11.05 -26.66
N LEU A 273 33.87 10.05 -25.82
CA LEU A 273 32.50 9.83 -25.36
C LEU A 273 32.01 11.02 -24.50
N ASN A 274 32.87 11.57 -23.63
CA ASN A 274 32.50 12.77 -22.88
C ASN A 274 32.13 13.97 -23.77
N ASP A 275 32.90 14.18 -24.84
CA ASP A 275 32.66 15.29 -25.74
C ASP A 275 31.29 15.18 -26.41
N ASN A 276 30.73 13.98 -26.42
CA ASN A 276 29.41 13.72 -26.98
C ASN A 276 28.34 13.39 -25.94
N CYS A 277 28.72 13.45 -24.67
CA CYS A 277 27.84 13.07 -23.55
C CYS A 277 27.25 11.67 -23.70
N VAL A 278 28.08 10.75 -24.18
CA VAL A 278 27.69 9.36 -24.36
C VAL A 278 28.22 8.45 -23.24
N PRO A 279 27.30 7.72 -22.57
CA PRO A 279 27.69 6.83 -21.48
C PRO A 279 28.34 5.51 -21.97
N SER A 280 28.94 4.80 -21.03
CA SER A 280 29.66 3.56 -21.32
C SER A 280 29.65 2.64 -20.11
N ALA A 281 30.03 1.39 -20.33
CA ALA A 281 30.19 0.44 -19.24
C ALA A 281 31.42 -0.42 -19.52
N TYR A 282 32.35 -0.43 -18.55
CA TYR A 282 33.61 -1.16 -18.65
C TYR A 282 33.39 -2.65 -18.47
N TRP A 283 34.06 -3.47 -19.29
CA TRP A 283 34.04 -4.94 -19.12
C TRP A 283 35.34 -5.50 -18.52
N ALA A 284 35.33 -5.97 -17.27
CA ALA A 284 34.19 -5.97 -16.34
C ALA A 284 34.71 -6.04 -14.90
N GLY A 285 33.83 -5.88 -13.91
CA GLY A 285 34.21 -5.98 -12.51
C GLY A 285 33.28 -6.92 -11.76
N GLY A 286 33.42 -7.01 -10.44
CA GLY A 286 32.61 -7.92 -9.64
C GLY A 286 33.29 -9.22 -9.28
N PRO A 287 32.56 -10.17 -8.66
CA PRO A 287 33.05 -11.49 -8.22
C PRO A 287 33.41 -12.50 -9.32
N GLY A 288 34.41 -13.33 -9.04
CA GLY A 288 34.71 -14.49 -9.86
C GLY A 288 35.61 -14.30 -11.08
N TRP A 289 36.30 -13.16 -11.18
CA TRP A 289 37.15 -12.91 -12.35
C TRP A 289 38.61 -13.39 -12.22
N GLY A 290 39.04 -13.69 -10.99
CA GLY A 290 40.40 -14.13 -10.77
C GLY A 290 41.40 -13.10 -11.26
N THR A 291 42.39 -13.55 -12.02
CA THR A 291 43.42 -12.66 -12.55
C THR A 291 43.15 -12.32 -14.02
N TYR A 292 41.87 -12.19 -14.37
CA TYR A 292 41.50 -11.85 -15.73
C TYR A 292 42.12 -10.49 -16.03
N LYS A 293 42.81 -10.38 -17.16
CA LYS A 293 43.58 -9.18 -17.46
C LYS A 293 42.69 -7.95 -17.62
N LEU A 294 41.55 -8.14 -18.27
CA LEU A 294 40.57 -7.06 -18.45
C LEU A 294 39.93 -6.57 -17.15
N ALA A 295 39.66 -7.50 -16.23
CA ALA A 295 38.91 -7.20 -15.00
C ALA A 295 39.38 -5.93 -14.27
N ILE A 296 38.39 -5.14 -13.84
CA ILE A 296 38.66 -3.89 -13.13
C ILE A 296 38.41 -4.07 -11.63
N GLU A 297 38.10 -5.30 -11.22
CA GLU A 297 37.86 -5.59 -9.81
C GLU A 297 39.17 -5.52 -9.05
N PRO A 298 39.19 -4.81 -7.88
CA PRO A 298 40.43 -4.67 -7.09
C PRO A 298 40.95 -5.99 -6.50
N ARG A 299 42.26 -6.06 -6.34
CA ARG A 299 42.89 -7.26 -5.78
C ARG A 299 43.72 -6.88 -4.55
N ASN A 300 43.41 -7.51 -3.42
CA ASN A 300 44.17 -7.27 -2.20
C ASN A 300 44.03 -5.82 -1.75
N GLY A 301 42.89 -5.22 -2.08
CA GLY A 301 42.63 -3.85 -1.70
C GLY A 301 43.21 -2.85 -2.67
N LYS A 302 43.89 -3.36 -3.69
CA LYS A 302 44.60 -2.48 -4.61
C LYS A 302 43.83 -2.18 -5.90
N ASP A 303 43.64 -0.90 -6.17
CA ASP A 303 42.92 -0.46 -7.36
C ASP A 303 43.68 -0.92 -8.58
N ARG A 304 42.91 -1.33 -9.58
CA ARG A 304 43.44 -1.79 -10.85
C ARG A 304 43.76 -0.59 -11.73
N PRO A 305 44.70 -0.78 -12.65
CA PRO A 305 45.16 0.29 -13.53
C PRO A 305 44.00 0.86 -14.35
N GLN A 306 43.03 0.04 -14.71
CA GLN A 306 41.92 0.51 -15.53
C GLN A 306 40.99 1.43 -14.74
N MET A 307 40.91 1.24 -13.43
CA MET A 307 40.11 2.09 -12.58
C MET A 307 40.78 3.45 -12.43
N GLU A 308 42.10 3.43 -12.31
CA GLU A 308 42.89 4.64 -12.20
C GLU A 308 42.81 5.43 -13.49
N LEU A 309 42.83 4.72 -14.61
CA LEU A 309 42.66 5.36 -15.91
C LEU A 309 41.30 6.02 -16.02
N MET A 310 40.27 5.34 -15.51
CA MET A 310 38.90 5.85 -15.56
C MET A 310 38.66 7.18 -14.88
N ARG A 311 39.24 7.36 -13.70
CA ARG A 311 38.83 8.45 -12.81
C ARG A 311 38.94 9.83 -13.44
N LYS A 312 39.87 9.98 -14.38
CA LYS A 312 40.11 11.26 -15.04
C LYS A 312 38.87 11.68 -15.81
N HIS A 313 38.06 10.70 -16.21
CA HIS A 313 37.00 10.94 -17.17
C HIS A 313 35.63 10.92 -16.54
N LEU A 314 35.54 10.83 -15.22
CA LEU A 314 34.23 10.72 -14.58
C LEU A 314 33.45 12.04 -14.56
N ALA A 315 34.17 13.14 -14.57
CA ALA A 315 33.53 14.46 -14.50
C ALA A 315 33.01 14.89 -15.85
N ASN A 316 31.85 15.55 -15.84
CA ASN A 316 31.27 16.19 -17.01
C ASN A 316 30.21 17.22 -16.62
N ASP A 317 29.78 18.00 -17.61
CA ASP A 317 28.72 19.00 -17.41
C ASP A 317 27.52 18.74 -18.30
N CYS A 318 27.35 17.46 -18.65
CA CYS A 318 26.20 16.99 -19.43
C CYS A 318 24.90 17.02 -18.62
N THR A 319 23.85 17.46 -19.29
CA THR A 319 22.49 17.48 -18.74
C THR A 319 21.58 16.45 -19.44
N ALA A 320 22.05 15.94 -20.58
CA ALA A 320 21.30 14.93 -21.32
C ALA A 320 22.23 13.92 -21.95
N ILE A 321 21.68 12.72 -22.21
CA ILE A 321 22.40 11.67 -22.90
C ILE A 321 22.49 12.06 -24.37
N GLY A 322 23.69 11.94 -24.93
CA GLY A 322 23.92 12.28 -26.33
C GLY A 322 23.92 11.04 -27.19
N PRO A 323 24.47 11.17 -28.40
CA PRO A 323 25.03 12.44 -28.89
C PRO A 323 23.96 13.41 -29.38
N TRP B 3 -22.93 -10.35 9.46
CA TRP B 3 -21.59 -10.86 9.29
C TRP B 3 -20.72 -10.58 10.51
N PRO B 4 -19.85 -11.51 10.88
CA PRO B 4 -19.02 -11.30 12.06
C PRO B 4 -18.10 -10.09 11.88
N VAL B 5 -17.95 -9.29 12.93
CA VAL B 5 -17.13 -8.08 12.86
C VAL B 5 -15.88 -8.17 13.71
N ASN B 6 -14.86 -7.40 13.33
CA ASN B 6 -13.66 -7.26 14.15
C ASN B 6 -14.00 -6.23 15.23
N ASP B 7 -13.42 -6.37 16.42
CA ASP B 7 -13.70 -5.45 17.52
C ASP B 7 -13.31 -3.97 17.27
N GLU B 8 -12.20 -3.79 16.56
CA GLU B 8 -11.68 -2.46 16.33
C GLU B 8 -12.38 -1.79 15.15
N GLY B 9 -13.33 -2.51 14.56
CA GLY B 9 -13.98 -2.02 13.35
C GLY B 9 -13.63 -2.91 12.17
N GLY B 10 -14.41 -2.82 11.11
CA GLY B 10 -14.23 -3.69 9.96
C GLY B 10 -14.89 -5.05 10.18
N LEU B 11 -14.83 -5.89 9.15
CA LEU B 11 -15.47 -7.19 9.19
C LEU B 11 -14.48 -8.31 9.40
N ALA B 12 -14.96 -9.44 9.88
CA ALA B 12 -14.11 -10.63 9.97
C ALA B 12 -14.23 -11.30 8.61
N LEU B 13 -13.29 -10.99 7.74
CA LEU B 13 -13.34 -11.44 6.36
C LEU B 13 -12.62 -12.75 6.18
N HIS B 14 -11.51 -12.92 6.89
CA HIS B 14 -10.65 -14.05 6.62
C HIS B 14 -10.71 -15.09 7.71
N GLY B 15 -11.21 -16.26 7.34
CA GLY B 15 -11.48 -17.31 8.30
C GLY B 15 -10.79 -18.61 7.91
N VAL B 16 -11.28 -19.71 8.45
CA VAL B 16 -10.60 -21.00 8.31
C VAL B 16 -11.65 -22.10 8.17
N ASN B 17 -11.34 -23.06 7.31
CA ASN B 17 -12.06 -24.32 7.23
C ASN B 17 -11.63 -25.23 8.37
N ILE B 18 -12.60 -25.78 9.09
CA ILE B 18 -12.34 -26.61 10.27
C ILE B 18 -12.82 -28.07 10.07
N SER B 19 -11.91 -29.03 10.25
CA SER B 19 -12.19 -30.46 10.17
C SER B 19 -13.00 -30.98 11.37
N GLY B 20 -13.49 -32.22 11.31
CA GLY B 20 -13.28 -33.14 10.20
C GLY B 20 -14.48 -34.06 9.98
N ALA B 21 -15.66 -33.48 9.92
CA ALA B 21 -16.90 -34.25 9.85
C ALA B 21 -17.15 -34.83 8.46
N GLY B 22 -16.37 -34.41 7.47
CA GLY B 22 -16.48 -34.96 6.13
C GLY B 22 -15.36 -35.93 5.79
N PHE B 23 -14.53 -36.27 6.77
CA PHE B 23 -13.41 -37.17 6.54
C PHE B 23 -13.94 -38.55 6.17
N ALA B 24 -13.12 -39.31 5.45
CA ALA B 24 -13.46 -40.65 4.91
C ALA B 24 -14.87 -40.76 4.44
N PRO B 25 -15.24 -40.02 3.39
CA PRO B 25 -16.65 -40.02 2.95
C PRO B 25 -17.02 -41.33 2.27
N HIS B 26 -16.04 -42.16 1.94
CA HIS B 26 -16.29 -43.49 1.41
C HIS B 26 -16.81 -44.45 2.46
N ILE B 27 -16.67 -44.05 3.72
CA ILE B 27 -17.14 -44.85 4.86
C ILE B 27 -18.37 -44.21 5.48
N THR B 28 -19.55 -44.72 5.14
CA THR B 28 -20.78 -44.12 5.64
C THR B 28 -21.70 -45.17 6.24
N PRO B 29 -22.38 -44.82 7.37
CA PRO B 29 -22.25 -43.54 8.08
C PRO B 29 -20.89 -43.36 8.74
N GLY B 30 -20.16 -44.44 8.97
CA GLY B 30 -18.87 -44.35 9.64
C GLY B 30 -19.06 -44.17 11.12
N LYS B 31 -17.95 -44.09 11.87
CA LYS B 31 -18.02 -43.92 13.31
C LYS B 31 -17.34 -42.62 13.79
N ASN B 32 -18.10 -41.78 14.50
CA ASN B 32 -17.49 -40.59 15.13
C ASN B 32 -16.36 -40.99 16.08
N GLY B 33 -15.23 -40.30 15.95
CA GLY B 33 -14.05 -40.60 16.74
C GLY B 33 -13.10 -41.60 16.07
N THR B 34 -13.60 -42.29 15.03
CA THR B 34 -12.81 -43.28 14.31
C THR B 34 -12.53 -42.86 12.86
N HIS B 35 -13.60 -42.70 12.07
CA HIS B 35 -13.43 -42.35 10.66
C HIS B 35 -13.52 -40.85 10.40
N TYR B 36 -14.30 -40.15 11.22
CA TYR B 36 -14.39 -38.69 11.16
C TYR B 36 -14.37 -38.09 12.55
N PHE B 37 -14.16 -36.77 12.63
CA PHE B 37 -13.93 -36.12 13.93
C PHE B 37 -14.59 -34.74 13.97
N TYR B 38 -15.13 -34.39 15.13
CA TYR B 38 -15.66 -33.06 15.37
C TYR B 38 -14.70 -32.23 16.22
N PRO B 39 -14.62 -30.93 15.95
CA PRO B 39 -13.73 -30.05 16.69
C PRO B 39 -14.19 -29.84 18.14
N GLU B 40 -13.27 -29.36 18.96
CA GLU B 40 -13.56 -29.09 20.37
C GLU B 40 -13.29 -27.62 20.73
N LYS B 41 -13.51 -27.32 21.99
CA LYS B 41 -13.32 -25.99 22.51
C LYS B 41 -11.95 -25.43 22.14
N LYS B 42 -10.91 -26.25 22.29
CA LYS B 42 -9.53 -25.81 22.06
C LYS B 42 -9.28 -25.30 20.65
N HIS B 43 -9.96 -25.87 19.66
CA HIS B 43 -9.79 -25.44 18.28
C HIS B 43 -10.38 -24.05 18.03
N PHE B 44 -11.63 -23.85 18.45
CA PHE B 44 -12.29 -22.56 18.26
C PHE B 44 -11.58 -21.51 19.12
N LYS B 45 -11.21 -21.91 20.33
CA LYS B 45 -10.45 -21.05 21.24
C LYS B 45 -9.12 -20.60 20.62
N TYR B 46 -8.38 -21.51 20.00
CA TYR B 46 -7.10 -21.15 19.38
C TYR B 46 -7.28 -20.08 18.30
N TYR B 47 -8.17 -20.34 17.36
CA TYR B 47 -8.41 -19.43 16.24
C TYR B 47 -8.94 -18.07 16.68
N ALA B 48 -9.81 -18.07 17.68
CA ALA B 48 -10.33 -16.83 18.25
C ALA B 48 -9.18 -16.02 18.85
N ASP B 49 -8.25 -16.72 19.48
CA ASP B 49 -7.07 -16.10 20.08
C ASP B 49 -6.23 -15.41 19.00
N GLN B 50 -6.20 -15.99 17.82
CA GLN B 50 -5.50 -15.40 16.69
C GLN B 50 -6.23 -14.19 16.11
N GLY B 51 -7.50 -14.05 16.48
CA GLY B 51 -8.34 -12.99 15.94
C GLY B 51 -9.26 -13.39 14.79
N ILE B 52 -9.34 -14.69 14.51
CA ILE B 52 -10.22 -15.19 13.47
C ILE B 52 -11.64 -15.45 14.00
N ARG B 53 -12.65 -14.88 13.35
CA ARG B 53 -14.04 -15.03 13.81
C ARG B 53 -14.94 -15.73 12.81
N LEU B 54 -14.37 -16.13 11.68
CA LEU B 54 -15.13 -16.75 10.60
C LEU B 54 -14.71 -18.22 10.42
N ILE B 55 -15.68 -19.12 10.43
CA ILE B 55 -15.43 -20.55 10.34
C ILE B 55 -16.27 -21.18 9.21
N ARG B 56 -15.64 -21.97 8.34
CA ARG B 56 -16.40 -22.82 7.42
C ARG B 56 -16.33 -24.27 7.89
N PHE B 57 -17.48 -24.92 8.03
CA PHE B 57 -17.49 -26.27 8.56
C PHE B 57 -18.10 -27.29 7.61
N PRO B 58 -17.25 -28.08 6.94
CA PRO B 58 -17.75 -29.19 6.12
C PRO B 58 -18.47 -30.29 6.92
N PHE B 59 -19.58 -30.77 6.37
CA PHE B 59 -20.22 -32.00 6.86
C PHE B 59 -20.76 -32.71 5.61
N ILE B 60 -21.15 -33.97 5.74
CA ILE B 60 -21.74 -34.68 4.61
C ILE B 60 -23.20 -35.13 4.84
N TRP B 61 -23.97 -35.07 3.75
CA TRP B 61 -25.38 -35.35 3.76
C TRP B 61 -25.57 -36.77 4.30
N GLU B 62 -24.76 -37.70 3.81
CA GLU B 62 -24.86 -39.10 4.17
C GLU B 62 -24.82 -39.38 5.68
N ARG B 63 -24.24 -38.46 6.44
CA ARG B 63 -24.13 -38.61 7.89
C ARG B 63 -25.24 -37.90 8.65
N VAL B 64 -25.94 -37.01 7.97
CA VAL B 64 -27.15 -36.40 8.53
C VAL B 64 -28.42 -37.18 8.13
N GLN B 65 -28.36 -37.82 6.96
CA GLN B 65 -29.43 -38.66 6.45
C GLN B 65 -28.85 -39.89 5.76
N HIS B 66 -28.96 -41.04 6.43
CA HIS B 66 -28.33 -42.28 5.94
C HIS B 66 -28.93 -42.73 4.61
N SER B 67 -30.24 -42.58 4.47
CA SER B 67 -30.94 -42.88 3.22
C SER B 67 -32.03 -41.83 3.01
N LEU B 68 -32.49 -41.71 1.77
CA LEU B 68 -33.52 -40.73 1.44
C LEU B 68 -34.79 -41.02 2.24
N ASP B 69 -35.08 -42.31 2.40
CA ASP B 69 -36.19 -42.76 3.23
C ASP B 69 -36.01 -42.40 4.71
N SER B 70 -34.78 -42.45 5.20
CA SER B 70 -34.49 -42.23 6.61
C SER B 70 -34.68 -40.79 7.09
N GLY B 71 -34.93 -40.64 8.39
CA GLY B 71 -35.00 -39.36 9.07
C GLY B 71 -33.62 -38.79 9.38
N LEU B 72 -33.59 -37.53 9.80
CA LEU B 72 -32.33 -36.88 10.21
C LEU B 72 -31.71 -37.57 11.43
N ASN B 73 -30.40 -37.79 11.36
CA ASN B 73 -29.68 -38.50 12.41
C ASN B 73 -29.51 -37.56 13.62
N PHE B 74 -30.17 -37.92 14.72
CA PHE B 74 -30.22 -37.07 15.91
C PHE B 74 -28.82 -36.70 16.39
N ASP B 75 -27.94 -37.68 16.47
CA ASP B 75 -26.59 -37.44 17.00
C ASP B 75 -25.80 -36.47 16.13
N GLN B 76 -25.94 -36.61 14.80
CA GLN B 76 -25.18 -35.76 13.88
C GLN B 76 -25.65 -34.31 13.94
N ILE B 77 -26.97 -34.12 14.07
CA ILE B 77 -27.52 -32.80 14.31
C ILE B 77 -27.03 -32.25 15.66
N ARG B 78 -26.95 -33.12 16.67
CA ARG B 78 -26.44 -32.70 17.97
C ARG B 78 -24.99 -32.22 17.86
N LEU B 79 -24.19 -32.92 17.08
CA LEU B 79 -22.77 -32.57 16.87
C LEU B 79 -22.63 -31.24 16.13
N LEU B 80 -23.47 -31.05 15.13
CA LEU B 80 -23.46 -29.82 14.38
C LEU B 80 -23.88 -28.63 15.24
N LYS B 81 -24.89 -28.85 16.09
CA LYS B 81 -25.35 -27.83 17.02
C LYS B 81 -24.27 -27.42 18.02
N LYS B 82 -23.56 -28.40 18.54
CA LYS B 82 -22.45 -28.19 19.46
C LYS B 82 -21.33 -27.42 18.77
N THR B 83 -21.12 -27.69 17.49
CA THR B 83 -20.14 -26.97 16.71
C THR B 83 -20.53 -25.49 16.70
N LEU B 84 -21.80 -25.22 16.47
CA LEU B 84 -22.28 -23.84 16.52
C LEU B 84 -22.14 -23.20 17.92
N ASP B 85 -22.41 -23.98 18.97
CA ASP B 85 -22.28 -23.47 20.34
C ASP B 85 -20.85 -23.10 20.67
N LEU B 86 -19.92 -23.97 20.28
CA LEU B 86 -18.48 -23.76 20.49
C LEU B 86 -17.94 -22.57 19.69
N ALA B 87 -18.40 -22.42 18.46
CA ALA B 87 -18.12 -21.19 17.71
C ALA B 87 -18.64 -19.94 18.44
N ALA B 88 -19.90 -19.97 18.86
CA ALA B 88 -20.55 -18.81 19.49
C ALA B 88 -19.90 -18.39 20.81
N GLN B 89 -19.46 -19.37 21.60
CA GLN B 89 -18.78 -19.06 22.86
C GLN B 89 -17.49 -18.29 22.63
N ASN B 90 -16.94 -18.42 21.41
CA ASN B 90 -15.67 -17.81 21.06
C ASN B 90 -15.82 -16.65 20.10
N GLY B 91 -17.04 -16.13 20.00
CA GLY B 91 -17.33 -14.95 19.22
C GLY B 91 -17.21 -15.17 17.73
N GLN B 92 -17.36 -16.43 17.31
CA GLN B 92 -17.24 -16.77 15.90
C GLN B 92 -18.59 -17.14 15.29
N LYS B 93 -18.65 -17.09 13.97
CA LYS B 93 -19.83 -17.53 13.24
C LYS B 93 -19.46 -18.57 12.19
N VAL B 94 -20.35 -19.54 12.00
CA VAL B 94 -20.06 -20.73 11.21
C VAL B 94 -20.89 -20.79 9.92
N ILE B 95 -20.20 -21.11 8.83
CA ILE B 95 -20.86 -21.39 7.56
C ILE B 95 -20.89 -22.90 7.42
N LEU B 96 -22.08 -23.48 7.54
CA LEU B 96 -22.24 -24.93 7.42
C LEU B 96 -22.23 -25.37 5.96
N ASP B 97 -21.26 -26.22 5.64
CA ASP B 97 -21.03 -26.64 4.28
C ASP B 97 -21.40 -28.11 4.10
N MET B 98 -22.42 -28.35 3.26
CA MET B 98 -22.73 -29.71 2.83
C MET B 98 -21.75 -30.17 1.76
N HIS B 99 -20.81 -31.01 2.16
CA HIS B 99 -19.55 -31.20 1.43
C HIS B 99 -19.66 -32.35 0.40
N ASN B 100 -20.60 -32.21 -0.53
CA ASN B 100 -21.10 -33.39 -1.23
C ASN B 100 -20.85 -33.47 -2.74
N TYR B 101 -20.22 -32.44 -3.31
CA TYR B 101 -19.80 -32.47 -4.72
C TYR B 101 -20.93 -32.71 -5.72
N GLY B 102 -22.13 -32.25 -5.38
CA GLY B 102 -23.27 -32.45 -6.26
C GLY B 102 -23.81 -33.87 -6.22
N ARG B 103 -23.42 -34.66 -5.22
CA ARG B 103 -23.77 -36.07 -5.19
C ARG B 103 -24.28 -36.53 -3.82
N TYR B 104 -25.06 -37.62 -3.85
CA TYR B 104 -25.53 -38.31 -2.65
C TYR B 104 -25.39 -39.82 -2.84
N HIS B 105 -24.62 -40.46 -1.96
CA HIS B 105 -24.22 -41.87 -2.10
C HIS B 105 -23.77 -42.19 -3.51
N GLY B 106 -22.99 -41.30 -4.11
CA GLY B 106 -22.41 -41.53 -5.42
C GLY B 106 -23.29 -41.15 -6.61
N GLU B 107 -24.54 -40.80 -6.34
CA GLU B 107 -25.46 -40.40 -7.39
C GLU B 107 -25.68 -38.90 -7.47
N LEU B 108 -25.85 -38.39 -8.69
CA LEU B 108 -26.01 -36.96 -8.90
C LEU B 108 -27.34 -36.44 -8.33
N ILE B 109 -27.27 -35.29 -7.68
CA ILE B 109 -28.51 -34.63 -7.26
C ILE B 109 -29.23 -34.14 -8.50
N GLY B 110 -30.48 -34.60 -8.68
CA GLY B 110 -31.21 -34.34 -9.91
C GLY B 110 -31.35 -35.58 -10.79
N SER B 111 -30.66 -36.66 -10.42
CA SER B 111 -30.86 -37.96 -11.07
C SER B 111 -32.12 -38.60 -10.50
N SER B 112 -32.63 -39.66 -11.14
CA SER B 112 -33.84 -40.30 -10.64
C SER B 112 -33.61 -40.86 -9.25
N LYS B 113 -32.37 -41.27 -8.98
CA LYS B 113 -32.01 -41.81 -7.68
C LYS B 113 -31.96 -40.75 -6.56
N VAL B 114 -31.54 -39.54 -6.91
CA VAL B 114 -31.53 -38.45 -5.94
C VAL B 114 -32.26 -37.26 -6.52
N PRO B 115 -33.59 -37.26 -6.38
CA PRO B 115 -34.41 -36.18 -6.91
C PRO B 115 -34.12 -34.83 -6.24
N TYR B 116 -34.33 -33.75 -6.98
CA TYR B 116 -34.19 -32.40 -6.43
C TYR B 116 -34.98 -32.28 -5.13
N GLU B 117 -36.18 -32.87 -5.11
CA GLU B 117 -37.04 -32.77 -3.94
C GLU B 117 -36.40 -33.35 -2.66
N ALA B 118 -35.60 -34.41 -2.80
CA ALA B 118 -34.93 -34.97 -1.63
C ALA B 118 -33.85 -34.01 -1.10
N TYR B 119 -33.15 -33.33 -2.00
CA TYR B 119 -32.11 -32.37 -1.65
C TYR B 119 -32.69 -31.10 -1.03
N ALA B 120 -33.75 -30.55 -1.62
CA ALA B 120 -34.48 -29.43 -1.03
C ALA B 120 -35.03 -29.76 0.37
N SER B 121 -35.54 -30.97 0.52
CA SER B 121 -36.15 -31.42 1.76
C SER B 121 -35.15 -31.47 2.92
N VAL B 122 -33.94 -31.96 2.67
CA VAL B 122 -32.98 -32.05 3.77
C VAL B 122 -32.52 -30.67 4.19
N TRP B 123 -32.41 -29.76 3.23
CA TRP B 123 -31.98 -28.39 3.52
C TRP B 123 -33.05 -27.56 4.25
N ARG B 124 -34.31 -27.83 3.96
CA ARG B 124 -35.39 -27.18 4.69
C ARG B 124 -35.39 -27.67 6.14
N LYS B 125 -35.17 -28.96 6.34
CA LYS B 125 -35.11 -29.53 7.69
C LYS B 125 -33.93 -29.04 8.51
N LEU B 126 -32.77 -28.93 7.87
CA LEU B 126 -31.57 -28.43 8.54
C LEU B 126 -31.77 -26.96 8.92
N ALA B 127 -32.37 -26.19 8.01
CA ALA B 127 -32.63 -24.78 8.28
C ALA B 127 -33.65 -24.54 9.38
N GLU B 128 -34.65 -25.42 9.49
CA GLU B 128 -35.64 -25.34 10.57
C GLU B 128 -34.95 -25.49 11.91
N ARG B 129 -34.02 -26.43 11.96
CA ARG B 129 -33.25 -26.75 13.16
C ARG B 129 -32.15 -25.72 13.57
N PHE B 130 -31.50 -25.07 12.59
CA PHE B 130 -30.34 -24.22 12.88
C PHE B 130 -30.64 -22.72 12.87
N LYS B 131 -31.76 -22.36 12.25
CA LYS B 131 -32.22 -20.98 12.12
C LYS B 131 -32.18 -20.23 13.44
N GLY B 132 -31.51 -19.08 13.45
CA GLY B 132 -31.41 -18.24 14.63
C GLY B 132 -30.35 -18.58 15.66
N HIS B 133 -29.55 -19.61 15.40
CA HIS B 133 -28.47 -19.98 16.32
C HIS B 133 -27.40 -18.91 16.41
N PRO B 134 -26.94 -18.59 17.63
CA PRO B 134 -25.97 -17.50 17.77
C PRO B 134 -24.65 -17.76 17.06
N GLY B 135 -24.32 -19.03 16.82
CA GLY B 135 -23.10 -19.38 16.14
C GLY B 135 -23.22 -19.59 14.63
N LEU B 136 -24.41 -19.43 14.08
CA LEU B 136 -24.64 -19.65 12.64
C LEU B 136 -24.51 -18.39 11.78
N LEU B 137 -23.71 -18.48 10.71
CA LEU B 137 -23.62 -17.37 9.76
C LEU B 137 -24.48 -17.66 8.53
N GLY B 138 -24.39 -18.89 8.03
CA GLY B 138 -25.17 -19.27 6.86
C GLY B 138 -25.02 -20.69 6.37
N TYR B 139 -25.71 -20.99 5.26
CA TYR B 139 -25.77 -22.34 4.71
C TYR B 139 -25.03 -22.38 3.38
N ASP B 140 -23.89 -23.07 3.36
CA ASP B 140 -23.18 -23.33 2.12
C ASP B 140 -23.76 -24.64 1.58
N ILE B 141 -24.72 -24.53 0.67
CA ILE B 141 -25.61 -25.65 0.36
C ILE B 141 -24.98 -26.82 -0.38
N MET B 142 -23.82 -26.60 -0.99
CA MET B 142 -23.08 -27.65 -1.65
C MET B 142 -21.61 -27.26 -1.90
N ASN B 143 -20.70 -28.13 -1.47
CA ASN B 143 -19.28 -28.04 -1.84
C ASN B 143 -18.97 -28.59 -3.23
N GLU B 144 -18.33 -27.75 -4.06
CA GLU B 144 -17.73 -28.17 -5.34
C GLU B 144 -18.52 -29.13 -6.22
N PRO B 145 -19.66 -28.67 -6.75
CA PRO B 145 -20.31 -29.40 -7.84
C PRO B 145 -19.33 -29.60 -9.00
N HIS B 146 -19.37 -30.79 -9.61
CA HIS B 146 -18.59 -31.05 -10.81
C HIS B 146 -19.24 -32.15 -11.67
N SER B 147 -19.09 -32.06 -13.00
CA SER B 147 -19.66 -33.06 -13.91
C SER B 147 -21.07 -33.45 -13.50
N THR B 148 -21.92 -32.45 -13.35
CA THR B 148 -23.28 -32.68 -12.88
C THR B 148 -24.25 -32.73 -14.05
N VAL B 149 -23.67 -32.78 -15.25
CA VAL B 149 -24.41 -32.87 -16.52
C VAL B 149 -25.63 -31.94 -16.60
N GLY B 150 -25.40 -30.67 -16.27
CA GLY B 150 -26.42 -29.63 -16.32
C GLY B 150 -27.44 -29.63 -15.20
N LEU B 151 -27.20 -30.43 -14.16
CA LEU B 151 -28.16 -30.58 -13.08
C LEU B 151 -27.92 -29.67 -11.87
N TRP B 152 -26.73 -29.10 -11.72
CA TRP B 152 -26.45 -28.32 -10.50
C TRP B 152 -27.32 -27.07 -10.29
N PRO B 153 -27.48 -26.25 -11.35
CA PRO B 153 -28.23 -25.01 -11.19
C PRO B 153 -29.68 -25.23 -10.70
N GLY B 154 -30.34 -26.26 -11.22
CA GLY B 154 -31.67 -26.61 -10.77
C GLY B 154 -31.69 -27.14 -9.36
N ALA B 155 -30.64 -27.84 -8.96
CA ALA B 155 -30.56 -28.34 -7.59
C ALA B 155 -30.45 -27.16 -6.64
N ALA B 156 -29.58 -26.20 -7.00
CA ALA B 156 -29.35 -25.03 -6.17
C ALA B 156 -30.62 -24.24 -5.89
N GLN B 157 -31.41 -23.97 -6.93
CA GLN B 157 -32.65 -23.20 -6.81
C GLN B 157 -33.67 -23.93 -5.95
N ALA B 158 -33.74 -25.24 -6.10
CA ALA B 158 -34.70 -26.02 -5.32
C ALA B 158 -34.35 -25.92 -3.84
N ALA B 159 -33.04 -25.90 -3.55
CA ALA B 159 -32.58 -25.85 -2.18
C ALA B 159 -32.86 -24.48 -1.60
N VAL B 160 -32.62 -23.45 -2.39
CA VAL B 160 -32.86 -22.08 -1.93
C VAL B 160 -34.34 -21.85 -1.67
N ASP B 161 -35.18 -22.32 -2.58
CA ASP B 161 -36.62 -22.13 -2.45
C ASP B 161 -37.17 -22.76 -1.18
N ALA B 162 -36.73 -24.00 -0.92
CA ALA B 162 -37.18 -24.76 0.25
C ALA B 162 -36.73 -24.13 1.55
N ILE B 163 -35.47 -23.70 1.60
CA ILE B 163 -34.92 -23.06 2.80
C ILE B 163 -35.67 -21.77 3.13
N ARG B 164 -35.99 -20.99 2.09
CA ARG B 164 -36.67 -19.71 2.26
C ARG B 164 -38.08 -19.86 2.81
N GLU B 165 -38.67 -21.03 2.58
CA GLU B 165 -40.00 -21.34 3.15
C GLU B 165 -40.01 -21.36 4.69
N VAL B 166 -38.87 -21.73 5.29
CA VAL B 166 -38.73 -21.82 6.75
C VAL B 166 -37.76 -20.76 7.34
N ASP B 167 -36.92 -20.19 6.49
CA ASP B 167 -35.88 -19.27 6.94
C ASP B 167 -35.59 -18.19 5.90
N ASP B 168 -36.33 -17.09 5.97
CA ASP B 168 -36.18 -16.00 5.00
C ASP B 168 -34.86 -15.22 4.97
N GLN B 169 -34.28 -14.93 6.14
CA GLN B 169 -33.12 -14.04 6.19
C GLN B 169 -31.69 -14.64 6.25
N THR B 170 -31.55 -15.92 6.56
CA THR B 170 -30.21 -16.48 6.70
C THR B 170 -29.46 -16.47 5.37
N LEU B 171 -28.17 -16.15 5.42
CA LEU B 171 -27.34 -16.15 4.21
C LEU B 171 -27.19 -17.56 3.66
N ILE B 172 -27.29 -17.68 2.33
CA ILE B 172 -27.03 -18.96 1.67
C ILE B 172 -25.83 -18.76 0.75
N PHE B 173 -24.90 -19.70 0.78
CA PHE B 173 -23.71 -19.59 -0.07
C PHE B 173 -23.80 -20.53 -1.26
N ILE B 174 -23.73 -19.95 -2.45
CA ILE B 174 -23.96 -20.68 -3.70
C ILE B 174 -22.68 -20.92 -4.47
N GLU B 175 -22.27 -22.19 -4.59
CA GLU B 175 -21.07 -22.55 -5.31
C GLU B 175 -21.39 -22.88 -6.78
N GLY B 176 -20.35 -22.89 -7.61
CA GLY B 176 -20.52 -23.14 -9.04
C GLY B 176 -19.87 -24.42 -9.51
N GLU B 177 -19.98 -24.64 -10.81
CA GLU B 177 -19.52 -25.85 -11.50
C GLU B 177 -18.00 -25.91 -11.64
N ARG B 178 -17.51 -27.06 -12.07
CA ARG B 178 -16.07 -27.31 -12.20
C ARG B 178 -15.33 -27.12 -10.87
N TRP B 179 -15.90 -27.68 -9.81
CA TRP B 179 -15.29 -27.62 -8.50
C TRP B 179 -15.28 -26.20 -7.97
N SER B 180 -16.25 -25.41 -8.45
CA SER B 180 -16.42 -24.03 -8.00
C SER B 180 -15.16 -23.22 -8.25
N SER B 181 -14.46 -23.56 -9.33
CA SER B 181 -13.22 -22.88 -9.68
C SER B 181 -13.43 -21.38 -9.86
N ALA B 182 -12.63 -20.59 -9.14
CA ALA B 182 -12.67 -19.13 -9.26
C ALA B 182 -12.30 -18.68 -10.67
N TYR B 183 -11.17 -19.19 -11.16
CA TYR B 183 -10.62 -18.73 -12.43
C TYR B 183 -11.55 -19.01 -13.60
N HIS B 184 -12.25 -20.15 -13.50
CA HIS B 184 -13.14 -20.63 -14.56
C HIS B 184 -14.58 -20.13 -14.39
N TRP B 185 -14.82 -19.33 -13.34
CA TRP B 185 -16.19 -18.98 -13.00
C TRP B 185 -16.99 -18.43 -14.17
N PRO B 186 -16.45 -17.42 -14.87
CA PRO B 186 -17.22 -16.80 -15.96
C PRO B 186 -17.42 -17.72 -17.16
N LEU B 187 -16.49 -18.64 -17.37
CA LEU B 187 -16.61 -19.67 -18.40
C LEU B 187 -17.70 -20.73 -18.20
N VAL B 188 -17.80 -21.27 -16.98
CA VAL B 188 -18.74 -22.36 -16.71
C VAL B 188 -20.00 -21.94 -15.95
N ASN B 189 -19.99 -20.73 -15.41
CA ASN B 189 -21.13 -20.18 -14.69
C ASN B 189 -21.57 -18.84 -15.25
N ALA B 190 -21.37 -18.65 -16.55
CA ALA B 190 -21.47 -17.32 -17.13
C ALA B 190 -22.82 -16.67 -16.87
N ASN B 191 -23.90 -17.45 -17.03
CA ASN B 191 -25.25 -16.94 -16.83
C ASN B 191 -25.92 -17.47 -15.56
N PHE B 192 -25.10 -18.07 -14.69
CA PHE B 192 -25.60 -18.66 -13.45
C PHE B 192 -26.24 -17.58 -12.59
N LEU B 193 -27.41 -17.88 -12.05
CA LEU B 193 -28.14 -16.94 -11.22
C LEU B 193 -29.26 -17.64 -10.48
N ILE B 194 -29.21 -17.55 -9.15
CA ILE B 194 -30.23 -18.17 -8.29
C ILE B 194 -31.24 -17.12 -7.79
N ASN B 195 -32.53 -17.47 -7.79
CA ASN B 195 -33.58 -16.55 -7.31
C ASN B 195 -33.76 -16.55 -5.79
N ASP B 196 -33.70 -15.35 -5.20
CA ASP B 196 -33.87 -15.15 -3.75
C ASP B 196 -34.45 -13.77 -3.51
N PRO B 197 -35.75 -13.72 -3.17
CA PRO B 197 -36.44 -12.45 -2.92
C PRO B 197 -35.80 -11.69 -1.79
N ALA B 198 -35.09 -12.40 -0.91
CA ALA B 198 -34.46 -11.76 0.25
C ALA B 198 -33.13 -11.08 -0.08
N ASP B 199 -32.55 -11.39 -1.24
CA ASP B 199 -31.26 -10.81 -1.59
C ASP B 199 -30.24 -11.11 -0.50
N ARG B 200 -30.23 -12.36 -0.06
CA ARG B 200 -29.32 -12.81 0.99
C ARG B 200 -28.54 -14.02 0.51
N LEU B 201 -28.04 -13.92 -0.71
CA LEU B 201 -27.21 -14.97 -1.34
C LEU B 201 -25.78 -14.45 -1.50
N ILE B 202 -24.82 -15.36 -1.39
CA ILE B 202 -23.43 -15.04 -1.64
C ILE B 202 -22.83 -16.17 -2.46
N TYR B 203 -22.12 -15.82 -3.52
CA TYR B 203 -21.56 -16.83 -4.42
C TYR B 203 -20.15 -17.15 -3.96
N GLU B 204 -19.77 -18.42 -4.07
CA GLU B 204 -18.53 -18.90 -3.45
C GLU B 204 -17.65 -19.69 -4.41
N ALA B 205 -16.40 -19.25 -4.55
CA ALA B 205 -15.46 -19.93 -5.42
C ALA B 205 -14.31 -20.44 -4.58
N HIS B 206 -13.61 -21.42 -5.13
CA HIS B 206 -12.43 -22.00 -4.51
C HIS B 206 -11.22 -21.72 -5.44
N LEU B 207 -10.04 -21.54 -4.84
CA LEU B 207 -8.87 -21.08 -5.58
C LEU B 207 -7.56 -21.60 -5.03
N TYR B 208 -6.95 -22.52 -5.78
CA TYR B 208 -5.61 -23.02 -5.46
C TYR B 208 -4.57 -22.59 -6.50
N PHE B 209 -3.30 -22.75 -6.15
CA PHE B 209 -2.21 -22.11 -6.89
C PHE B 209 -1.45 -23.07 -7.80
N ASP B 210 -1.83 -24.36 -7.79
CA ASP B 210 -1.12 -25.32 -8.62
C ASP B 210 -1.69 -25.35 -10.02
N ASP B 211 -0.90 -25.88 -10.95
CA ASP B 211 -1.14 -25.73 -12.39
C ASP B 211 -2.48 -26.29 -12.84
N ASP B 212 -2.97 -27.30 -12.14
CA ASP B 212 -4.18 -27.98 -12.54
C ASP B 212 -5.39 -27.51 -11.73
N PHE B 213 -5.18 -26.48 -10.92
CA PHE B 213 -6.21 -25.82 -10.14
C PHE B 213 -6.79 -26.73 -9.05
N SER B 214 -6.15 -27.87 -8.82
CA SER B 214 -6.72 -28.91 -7.96
C SER B 214 -6.41 -28.72 -6.46
N GLY B 215 -5.38 -27.97 -6.12
CA GLY B 215 -5.01 -27.83 -4.73
C GLY B 215 -4.33 -29.04 -4.09
N LYS B 216 -3.99 -30.02 -4.92
CA LYS B 216 -3.16 -31.15 -4.51
C LYS B 216 -1.72 -30.75 -4.20
N TYR B 217 -1.22 -29.80 -4.99
CA TYR B 217 0.17 -29.38 -4.98
C TYR B 217 1.16 -30.53 -5.19
N MET B 218 0.96 -31.27 -6.28
CA MET B 218 1.92 -32.27 -6.73
C MET B 218 3.17 -31.55 -7.23
N ALA B 219 4.30 -32.24 -7.17
CA ALA B 219 5.57 -31.60 -7.48
C ALA B 219 5.68 -31.07 -8.92
N GLN B 220 5.25 -31.88 -9.89
CA GLN B 220 5.30 -31.49 -11.30
C GLN B 220 4.40 -30.30 -11.61
N THR B 221 3.26 -30.26 -10.93
CA THR B 221 2.24 -29.23 -11.12
C THR B 221 2.40 -27.98 -10.25
N SER B 222 3.40 -27.97 -9.39
CA SER B 222 3.53 -26.91 -8.38
C SER B 222 4.77 -26.03 -8.60
N ARG B 223 5.60 -26.36 -9.58
CA ARG B 223 6.83 -25.59 -9.83
C ARG B 223 6.60 -24.13 -10.28
N ASN B 224 7.47 -23.25 -9.82
CA ASN B 224 7.49 -21.86 -10.29
C ASN B 224 6.18 -21.11 -10.16
N ILE B 225 5.52 -21.27 -9.03
CA ILE B 225 4.26 -20.57 -8.78
C ILE B 225 4.44 -19.05 -8.80
N ASP B 226 3.69 -18.39 -9.69
CA ASP B 226 3.69 -16.95 -9.83
C ASP B 226 3.08 -16.24 -8.61
N PRO B 227 3.81 -15.26 -8.05
CA PRO B 227 3.33 -14.61 -6.83
C PRO B 227 1.99 -13.87 -7.04
N MET B 228 1.61 -13.69 -8.29
CA MET B 228 0.32 -13.08 -8.61
C MET B 228 -0.73 -14.07 -9.12
N ILE B 229 -0.46 -15.37 -9.06
CA ILE B 229 -1.45 -16.34 -9.53
C ILE B 229 -2.79 -16.31 -8.77
N GLY B 230 -2.74 -15.99 -7.48
CA GLY B 230 -3.95 -15.90 -6.69
C GLY B 230 -4.82 -14.73 -7.11
N VAL B 231 -4.19 -13.59 -7.31
CA VAL B 231 -4.90 -12.41 -7.80
C VAL B 231 -5.43 -12.67 -9.21
N GLU B 232 -4.60 -13.25 -10.08
CA GLU B 232 -5.00 -13.49 -11.45
C GLU B 232 -6.17 -14.46 -11.55
N ARG B 233 -6.12 -15.53 -10.76
CA ARG B 233 -7.23 -16.47 -10.69
C ARG B 233 -8.49 -15.89 -10.05
N ALA B 234 -8.30 -15.09 -9.01
CA ALA B 234 -9.41 -14.43 -8.31
C ALA B 234 -10.17 -13.44 -9.17
N ARG B 235 -9.43 -12.75 -10.04
CA ARG B 235 -9.94 -11.57 -10.76
C ARG B 235 -11.13 -11.91 -11.65
N PRO B 236 -11.04 -13.12 -12.36
CA PRO B 236 -12.25 -13.40 -13.17
C PRO B 236 -13.51 -13.53 -12.32
N PHE B 237 -13.37 -14.17 -11.16
CA PHE B 237 -14.49 -14.34 -10.22
C PHE B 237 -15.01 -13.00 -9.68
N ILE B 238 -14.08 -12.11 -9.32
CA ILE B 238 -14.45 -10.79 -8.80
C ILE B 238 -15.19 -9.95 -9.83
N GLU B 239 -14.73 -10.00 -11.08
CA GLU B 239 -15.32 -9.19 -12.14
C GLU B 239 -16.73 -9.66 -12.49
N TRP B 240 -16.97 -10.96 -12.44
CA TRP B 240 -18.28 -11.52 -12.73
C TRP B 240 -19.26 -11.02 -11.69
N LEU B 241 -18.80 -11.05 -10.44
CA LEU B 241 -19.56 -10.57 -9.29
C LEU B 241 -19.91 -9.09 -9.39
N GLN B 242 -18.94 -8.28 -9.79
CA GLN B 242 -19.16 -6.84 -9.90
C GLN B 242 -20.17 -6.52 -10.98
N LYS B 243 -20.03 -7.18 -12.12
CA LYS B 243 -20.96 -7.05 -13.25
C LYS B 243 -22.38 -7.45 -12.87
N HIS B 244 -22.53 -8.53 -12.10
CA HIS B 244 -23.86 -9.03 -11.76
C HIS B 244 -24.38 -8.50 -10.43
N GLY B 245 -23.61 -7.59 -9.83
CA GLY B 245 -23.98 -6.92 -8.58
C GLY B 245 -24.10 -7.86 -7.39
N GLN B 246 -23.27 -8.89 -7.36
CA GLN B 246 -23.38 -9.92 -6.33
C GLN B 246 -22.21 -9.89 -5.34
N LYS B 247 -22.43 -10.43 -4.14
CA LYS B 247 -21.39 -10.61 -3.12
C LYS B 247 -20.69 -11.96 -3.32
N GLY B 248 -19.40 -12.05 -2.98
CA GLY B 248 -18.64 -13.27 -3.16
C GLY B 248 -17.90 -13.78 -1.93
N PHE B 249 -17.45 -15.02 -2.02
CA PHE B 249 -16.77 -15.69 -0.91
C PHE B 249 -15.74 -16.64 -1.49
N LEU B 250 -14.49 -16.46 -1.08
CA LEU B 250 -13.42 -17.38 -1.48
C LEU B 250 -13.28 -18.45 -0.43
N GLY B 251 -14.17 -19.44 -0.53
CA GLY B 251 -14.41 -20.44 0.50
C GLY B 251 -13.29 -21.42 0.76
N GLU B 252 -12.43 -21.61 -0.24
CA GLU B 252 -11.19 -22.38 -0.06
C GLU B 252 -10.02 -21.79 -0.80
N TYR B 253 -8.85 -21.88 -0.17
CA TYR B 253 -7.55 -21.59 -0.77
C TYR B 253 -6.59 -22.16 0.28
N GLY B 254 -5.35 -22.44 -0.11
CA GLY B 254 -4.41 -23.06 0.81
C GLY B 254 -3.06 -23.24 0.14
N ILE B 255 -2.01 -23.29 0.94
CA ILE B 255 -0.65 -23.46 0.41
C ILE B 255 0.18 -24.45 1.19
N PRO B 256 1.04 -25.20 0.51
CA PRO B 256 1.99 -26.08 1.19
C PRO B 256 3.06 -25.26 1.92
N ASP B 257 3.49 -25.73 3.09
CA ASP B 257 4.47 -25.00 3.89
C ASP B 257 5.83 -24.81 3.20
N ASP B 258 6.19 -25.74 2.33
CA ASP B 258 7.52 -25.76 1.72
C ASP B 258 7.72 -24.89 0.45
N LEU B 259 6.66 -24.21 0.01
CA LEU B 259 6.77 -23.35 -1.18
C LEU B 259 6.75 -21.85 -0.87
N PRO B 260 7.91 -21.21 -0.95
CA PRO B 260 8.03 -19.76 -0.72
C PRO B 260 7.22 -18.91 -1.72
N GLU B 261 7.14 -19.38 -2.96
CA GLU B 261 6.40 -18.70 -4.00
C GLU B 261 4.92 -18.65 -3.64
N ALA B 262 4.44 -19.76 -3.08
CA ALA B 262 3.03 -19.92 -2.74
C ALA B 262 2.67 -19.03 -1.56
N ALA B 263 3.63 -18.86 -0.66
CA ALA B 263 3.47 -17.98 0.49
C ALA B 263 3.30 -16.55 0.02
N GLN B 264 4.12 -16.13 -0.94
CA GLN B 264 3.98 -14.79 -1.53
C GLN B 264 2.63 -14.64 -2.23
N ALA B 265 2.22 -15.69 -2.94
CA ALA B 265 0.95 -15.69 -3.65
C ALA B 265 -0.27 -15.64 -2.70
N MET B 266 -0.15 -16.29 -1.55
CA MET B 266 -1.19 -16.19 -0.55
C MET B 266 -1.25 -14.76 -0.03
N ASP B 267 -0.07 -14.21 0.24
CA ASP B 267 0.06 -12.85 0.75
C ASP B 267 -0.60 -11.84 -0.18
N ASN B 268 -0.29 -11.92 -1.47
CA ASN B 268 -0.85 -11.01 -2.46
C ASN B 268 -2.35 -11.19 -2.65
N LEU B 269 -2.81 -12.43 -2.50
CA LEU B 269 -4.23 -12.75 -2.65
C LEU B 269 -5.06 -12.12 -1.53
N LEU B 270 -4.63 -12.30 -0.28
CA LEU B 270 -5.41 -11.76 0.83
C LEU B 270 -5.46 -10.23 0.83
N ALA B 271 -4.38 -9.59 0.37
CA ALA B 271 -4.38 -8.14 0.18
C ALA B 271 -5.41 -7.72 -0.86
N TYR B 272 -5.43 -8.46 -1.97
CA TYR B 272 -6.37 -8.23 -3.06
C TYR B 272 -7.82 -8.40 -2.59
N LEU B 273 -8.08 -9.40 -1.78
CA LEU B 273 -9.43 -9.60 -1.23
C LEU B 273 -9.82 -8.47 -0.27
N ASN B 274 -8.87 -8.02 0.56
CA ASN B 274 -9.12 -6.92 1.49
C ASN B 274 -9.53 -5.63 0.78
N ASP B 275 -8.82 -5.32 -0.30
CA ASP B 275 -9.12 -4.15 -1.13
C ASP B 275 -10.52 -4.22 -1.70
N ASN B 276 -11.03 -5.44 -1.84
CA ASN B 276 -12.33 -5.67 -2.45
C ASN B 276 -13.37 -6.10 -1.43
N CYS B 277 -12.94 -6.19 -0.16
CA CYS B 277 -13.81 -6.58 0.94
C CYS B 277 -14.46 -7.94 0.71
N VAL B 278 -13.68 -8.87 0.17
CA VAL B 278 -14.19 -10.21 -0.10
C VAL B 278 -13.69 -11.21 0.93
N PRO B 279 -14.71 -11.91 1.62
CA PRO B 279 -14.19 -12.86 2.62
C PRO B 279 -13.58 -14.14 2.03
N SER B 280 -12.80 -14.85 2.86
CA SER B 280 -12.16 -16.09 2.45
C SER B 280 -12.11 -17.08 3.60
N ALA B 281 -11.88 -18.36 3.28
CA ALA B 281 -11.67 -19.35 4.31
C ALA B 281 -10.49 -20.28 3.93
N TYR B 282 -9.50 -20.36 4.80
CA TYR B 282 -8.28 -21.15 4.56
C TYR B 282 -8.50 -22.66 4.73
N TRP B 283 -7.97 -23.44 3.80
CA TRP B 283 -8.03 -24.90 3.88
C TRP B 283 -6.67 -25.48 4.28
N ALA B 284 -6.55 -26.02 5.50
CA ALA B 284 -7.63 -26.07 6.49
C ALA B 284 -7.02 -26.28 7.88
N GLY B 285 -7.83 -26.17 8.93
CA GLY B 285 -7.36 -26.42 10.28
C GLY B 285 -8.29 -27.36 11.04
N GLY B 286 -8.06 -27.50 12.34
CA GLY B 286 -8.84 -28.44 13.15
C GLY B 286 -8.13 -29.77 13.37
N PRO B 287 -8.84 -30.73 13.95
CA PRO B 287 -8.34 -32.08 14.29
C PRO B 287 -8.08 -33.01 13.11
N GLY B 288 -7.09 -33.89 13.27
CA GLY B 288 -6.91 -35.01 12.37
C GLY B 288 -6.13 -34.78 11.10
N TRP B 289 -5.42 -33.66 11.01
CA TRP B 289 -4.67 -33.35 9.78
C TRP B 289 -3.26 -33.93 9.73
N GLY B 290 -2.73 -34.35 10.88
CA GLY B 290 -1.39 -34.88 10.94
C GLY B 290 -0.38 -33.85 10.48
N THR B 291 0.52 -34.27 9.60
CA THR B 291 1.56 -33.39 9.09
C THR B 291 1.25 -32.89 7.65
N TYR B 292 -0.03 -32.96 7.29
CA TYR B 292 -0.53 -32.41 6.01
C TYR B 292 0.07 -31.04 5.74
N LYS B 293 0.63 -30.88 4.55
CA LYS B 293 1.42 -29.70 4.22
C LYS B 293 0.59 -28.43 4.32
N LEU B 294 -0.68 -28.53 3.92
CA LEU B 294 -1.55 -27.37 3.85
C LEU B 294 -2.16 -27.01 5.19
N ALA B 295 -2.14 -27.95 6.13
CA ALA B 295 -2.81 -27.74 7.40
C ALA B 295 -2.25 -26.51 8.13
N ILE B 296 -3.17 -25.75 8.72
CA ILE B 296 -2.80 -24.56 9.46
C ILE B 296 -2.92 -24.81 10.96
N GLU B 297 -3.24 -26.06 11.32
CA GLU B 297 -3.37 -26.45 12.72
C GLU B 297 -2.00 -26.46 13.39
N PRO B 298 -1.89 -25.83 14.59
CA PRO B 298 -0.57 -25.78 15.24
C PRO B 298 -0.10 -27.15 15.63
N ARG B 299 1.21 -27.33 15.72
CA ARG B 299 1.77 -28.62 16.08
C ARG B 299 2.67 -28.46 17.29
N ASN B 300 2.33 -29.13 18.38
CA ASN B 300 3.15 -29.11 19.58
C ASN B 300 3.29 -27.70 20.16
N GLY B 301 2.21 -26.93 20.00
CA GLY B 301 2.14 -25.56 20.50
C GLY B 301 2.69 -24.55 19.52
N LYS B 302 3.16 -25.05 18.39
CA LYS B 302 3.87 -24.23 17.43
C LYS B 302 2.91 -23.72 16.37
N ASP B 303 2.93 -22.41 16.15
CA ASP B 303 2.12 -21.80 15.11
C ASP B 303 2.66 -22.19 13.74
N ARG B 304 1.75 -22.41 12.79
CA ARG B 304 2.12 -22.78 11.44
C ARG B 304 2.49 -21.56 10.60
N PRO B 305 3.24 -21.77 9.52
CA PRO B 305 3.68 -20.63 8.71
C PRO B 305 2.51 -19.85 8.13
N GLN B 306 1.49 -20.56 7.69
CA GLN B 306 0.33 -19.94 7.05
C GLN B 306 -0.44 -18.98 7.96
N MET B 307 -0.41 -19.24 9.26
CA MET B 307 -1.10 -18.43 10.25
C MET B 307 -0.54 -17.02 10.32
N GLU B 308 0.77 -16.90 10.19
CA GLU B 308 1.43 -15.60 10.20
C GLU B 308 0.98 -14.76 9.01
N LEU B 309 0.85 -15.40 7.85
CA LEU B 309 0.36 -14.72 6.66
C LEU B 309 -1.08 -14.22 6.84
N MET B 310 -1.90 -15.05 7.46
CA MET B 310 -3.29 -14.68 7.71
C MET B 310 -3.39 -13.49 8.66
N ARG B 311 -2.60 -13.51 9.73
CA ARG B 311 -2.69 -12.47 10.75
C ARG B 311 -2.28 -11.10 10.22
N LYS B 312 -1.41 -11.11 9.20
CA LYS B 312 -0.93 -9.88 8.58
C LYS B 312 -2.07 -9.09 7.95
N HIS B 313 -3.08 -9.82 7.50
CA HIS B 313 -4.22 -9.27 6.76
C HIS B 313 -5.60 -9.20 7.45
N LEU B 314 -5.64 -9.41 8.77
CA LEU B 314 -6.93 -9.51 9.47
C LEU B 314 -7.71 -8.21 9.68
N ALA B 315 -7.01 -7.09 9.73
CA ALA B 315 -7.63 -5.77 9.90
C ALA B 315 -8.17 -5.25 8.57
N ASN B 316 -9.31 -4.55 8.65
CA ASN B 316 -9.86 -3.87 7.49
C ASN B 316 -10.82 -2.75 7.87
N ASP B 317 -11.27 -2.00 6.87
CA ASP B 317 -12.23 -0.92 7.08
C ASP B 317 -13.51 -1.19 6.31
N CYS B 318 -13.73 -2.45 5.95
CA CYS B 318 -14.93 -2.81 5.22
C CYS B 318 -16.22 -2.59 6.02
N THR B 319 -17.20 -2.05 5.30
CA THR B 319 -18.51 -1.75 5.85
C THR B 319 -19.61 -2.69 5.33
N ALA B 320 -19.30 -3.41 4.24
CA ALA B 320 -20.20 -4.40 3.63
C ALA B 320 -19.34 -5.49 2.99
N ILE B 321 -19.94 -6.65 2.71
CA ILE B 321 -19.27 -7.70 1.98
C ILE B 321 -19.21 -7.33 0.51
N GLY B 322 -18.03 -7.38 -0.10
CA GLY B 322 -17.87 -6.95 -1.48
C GLY B 322 -17.98 -8.11 -2.45
N PRO B 323 -17.52 -7.90 -3.70
CA PRO B 323 -16.91 -6.66 -4.19
C PRO B 323 -17.96 -5.59 -4.48
N THR B 324 -17.51 -4.38 -4.77
CA THR B 324 -18.41 -3.27 -5.02
C THR B 324 -19.17 -3.51 -6.32
N PRO B 325 -20.49 -3.32 -6.30
CA PRO B 325 -21.23 -3.53 -7.55
C PRO B 325 -20.77 -2.58 -8.68
N ALA B 326 -20.97 -3.03 -9.92
CA ALA B 326 -20.79 -2.17 -11.09
C ALA B 326 -21.77 -0.99 -11.10
N GLN B 327 -21.39 0.10 -11.74
CA GLN B 327 -22.29 1.23 -11.97
C GLN B 327 -23.44 0.82 -12.89
N ILE B 328 -24.66 1.25 -12.58
CA ILE B 328 -25.82 0.90 -13.39
C ILE B 328 -25.93 1.81 -14.61
N ALA B 329 -25.84 1.25 -15.82
CA ALA B 329 -25.91 2.08 -17.02
C ALA B 329 -26.71 1.45 -18.16
N ASP B 330 -26.78 2.17 -19.27
CA ASP B 330 -27.47 1.74 -20.48
C ASP B 330 -27.76 2.95 -21.38
N TRP C 3 -15.61 33.04 8.51
CA TRP C 3 -16.92 32.72 7.96
C TRP C 3 -17.75 33.97 7.72
N PRO C 4 -18.55 33.98 6.67
CA PRO C 4 -19.39 35.16 6.39
C PRO C 4 -20.42 35.39 7.50
N VAL C 5 -20.66 36.66 7.84
CA VAL C 5 -21.57 37.01 8.92
C VAL C 5 -22.82 37.77 8.46
N ASN C 6 -23.86 37.73 9.28
CA ASN C 6 -25.06 38.53 9.12
C ASN C 6 -24.90 39.95 9.67
N ASP C 7 -25.64 40.90 9.09
CA ASP C 7 -25.56 42.30 9.50
C ASP C 7 -25.99 42.58 10.95
N GLU C 8 -27.03 41.89 11.41
CA GLU C 8 -27.55 42.12 12.75
C GLU C 8 -26.69 41.36 13.76
N GLY C 9 -25.73 40.58 13.29
CA GLY C 9 -25.04 39.66 14.16
C GLY C 9 -25.35 38.22 13.75
N GLY C 10 -24.59 37.27 14.28
CA GLY C 10 -24.76 35.87 13.92
C GLY C 10 -24.06 35.53 12.62
N LEU C 11 -24.09 34.25 12.24
CA LEU C 11 -23.35 33.77 11.07
C LEU C 11 -24.22 33.63 9.81
N ALA C 12 -23.58 33.76 8.66
CA ALA C 12 -24.26 33.50 7.39
C ALA C 12 -24.22 31.99 7.17
N LEU C 13 -25.19 31.30 7.77
CA LEU C 13 -25.20 29.83 7.78
C LEU C 13 -25.79 29.19 6.53
N HIS C 14 -26.88 29.77 6.02
CA HIS C 14 -27.63 29.12 4.96
C HIS C 14 -27.48 29.85 3.64
N GLY C 15 -26.87 29.14 2.68
CA GLY C 15 -26.50 29.74 1.42
C GLY C 15 -27.10 28.94 0.29
N VAL C 16 -26.48 29.04 -0.88
CA VAL C 16 -27.05 28.43 -2.09
C VAL C 16 -25.94 27.84 -2.97
N ASN C 17 -26.22 26.70 -3.60
CA ASN C 17 -25.40 26.20 -4.70
C ASN C 17 -25.71 26.97 -5.97
N ILE C 18 -24.67 27.45 -6.64
CA ILE C 18 -24.85 28.28 -7.85
C ILE C 18 -24.29 27.59 -9.12
N SER C 19 -25.14 27.45 -10.14
CA SER C 19 -24.78 26.86 -11.42
C SER C 19 -23.86 27.77 -12.28
N GLY C 20 -23.31 27.25 -13.38
CA GLY C 20 -23.48 25.89 -13.87
C GLY C 20 -22.20 25.38 -14.53
N ALA C 21 -21.07 25.53 -13.84
CA ALA C 21 -19.77 25.23 -14.41
C ALA C 21 -19.52 23.72 -14.48
N GLY C 22 -20.38 22.94 -13.81
CA GLY C 22 -20.25 21.50 -13.86
C GLY C 22 -21.28 20.82 -14.74
N PHE C 23 -22.08 21.61 -15.48
CA PHE C 23 -23.13 21.05 -16.32
C PHE C 23 -22.56 20.20 -17.44
N ALA C 24 -23.36 19.25 -17.90
CA ALA C 24 -22.97 18.31 -18.96
C ALA C 24 -21.50 17.84 -18.93
N PRO C 25 -21.13 17.08 -17.89
CA PRO C 25 -19.75 16.66 -17.67
C PRO C 25 -19.32 15.59 -18.67
N HIS C 26 -20.28 15.04 -19.40
CA HIS C 26 -19.94 14.08 -20.46
C HIS C 26 -19.35 14.81 -21.65
N ILE C 27 -19.54 16.13 -21.68
CA ILE C 27 -19.03 16.96 -22.76
C ILE C 27 -17.88 17.85 -22.29
N THR C 28 -16.65 17.44 -22.57
CA THR C 28 -15.47 18.17 -22.12
C THR C 28 -14.51 18.40 -23.28
N PRO C 29 -13.91 19.59 -23.34
CA PRO C 29 -14.08 20.72 -22.43
C PRO C 29 -15.49 21.36 -22.48
N GLY C 30 -16.22 21.15 -23.58
CA GLY C 30 -17.52 21.77 -23.76
C GLY C 30 -17.35 23.24 -24.08
N LYS C 31 -18.44 23.94 -24.32
CA LYS C 31 -18.37 25.38 -24.59
C LYS C 31 -19.17 26.20 -23.59
N ASN C 32 -18.51 27.18 -22.97
CA ASN C 32 -19.18 28.16 -22.13
C ASN C 32 -20.28 28.87 -22.92
N GLY C 33 -21.48 28.93 -22.34
CA GLY C 33 -22.64 29.48 -23.01
C GLY C 33 -23.44 28.42 -23.73
N THR C 34 -22.87 27.22 -23.94
CA THR C 34 -23.61 26.15 -24.62
C THR C 34 -23.86 24.92 -23.74
N HIS C 35 -22.77 24.27 -23.30
CA HIS C 35 -22.87 23.05 -22.51
C HIS C 35 -22.81 23.33 -21.00
N TYR C 36 -22.12 24.42 -20.63
CA TYR C 36 -22.07 24.90 -19.25
C TYR C 36 -22.18 26.42 -19.17
N PHE C 37 -22.38 26.96 -17.98
CA PHE C 37 -22.68 28.39 -17.83
C PHE C 37 -22.04 28.95 -16.57
N TYR C 38 -21.54 30.19 -16.63
CA TYR C 38 -21.08 30.87 -15.42
C TYR C 38 -22.08 31.95 -15.01
N PRO C 39 -22.23 32.16 -13.70
CA PRO C 39 -23.17 33.16 -13.19
C PRO C 39 -22.69 34.57 -13.47
N GLU C 40 -23.61 35.52 -13.39
CA GLU C 40 -23.33 36.92 -13.62
C GLU C 40 -23.66 37.72 -12.37
N LYS C 41 -23.45 39.03 -12.48
CA LYS C 41 -23.69 39.96 -11.40
C LYS C 41 -25.09 39.80 -10.83
N LYS C 42 -26.06 39.62 -11.71
CA LYS C 42 -27.44 39.60 -11.30
C LYS C 42 -27.68 38.48 -10.30
N HIS C 43 -27.09 37.32 -10.52
CA HIS C 43 -27.28 36.21 -9.60
C HIS C 43 -26.73 36.49 -8.21
N PHE C 44 -25.50 36.98 -8.13
CA PHE C 44 -24.88 37.30 -6.85
C PHE C 44 -25.64 38.42 -6.15
N LYS C 45 -26.08 39.42 -6.91
CA LYS C 45 -26.81 40.54 -6.36
C LYS C 45 -28.14 40.13 -5.73
N TYR C 46 -28.89 39.27 -6.43
CA TYR C 46 -30.20 38.87 -5.96
C TYR C 46 -30.13 38.15 -4.63
N TYR C 47 -29.21 37.22 -4.50
CA TYR C 47 -29.07 36.45 -3.27
C TYR C 47 -28.62 37.28 -2.07
N ALA C 48 -27.69 38.19 -2.29
CA ALA C 48 -27.23 39.06 -1.22
C ALA C 48 -28.40 39.93 -0.78
N ASP C 49 -29.19 40.38 -1.76
CA ASP C 49 -30.37 41.17 -1.48
C ASP C 49 -31.39 40.38 -0.66
N GLN C 50 -31.37 39.06 -0.77
CA GLN C 50 -32.24 38.22 0.05
C GLN C 50 -31.58 38.02 1.39
N GLY C 51 -30.37 38.56 1.56
CA GLY C 51 -29.64 38.44 2.81
C GLY C 51 -28.69 37.26 2.87
N ILE C 52 -28.43 36.64 1.72
CA ILE C 52 -27.61 35.42 1.66
C ILE C 52 -26.16 35.72 1.27
N ARG C 53 -25.21 35.29 2.08
CA ARG C 53 -23.81 35.60 1.85
C ARG C 53 -22.91 34.38 1.61
N LEU C 54 -23.54 33.20 1.60
CA LEU C 54 -22.83 31.94 1.45
C LEU C 54 -23.17 31.29 0.11
N ILE C 55 -22.14 30.98 -0.65
CA ILE C 55 -22.27 30.42 -1.99
C ILE C 55 -21.42 29.15 -2.07
N ARG C 56 -22.01 28.07 -2.59
CA ARG C 56 -21.23 26.89 -2.98
C ARG C 56 -21.20 26.86 -4.50
N PHE C 57 -20.01 26.73 -5.08
CA PHE C 57 -19.88 26.78 -6.55
C PHE C 57 -19.21 25.56 -7.17
N PRO C 58 -20.01 24.67 -7.75
CA PRO C 58 -19.48 23.51 -8.50
C PRO C 58 -18.68 23.92 -9.74
N PHE C 59 -17.59 23.21 -9.95
CA PHE C 59 -16.86 23.23 -11.22
C PHE C 59 -16.29 21.81 -11.38
N ILE C 60 -15.80 21.48 -12.58
CA ILE C 60 -15.19 20.16 -12.77
C ILE C 60 -13.71 20.22 -13.13
N TRP C 61 -12.98 19.21 -12.65
CA TRP C 61 -11.55 19.11 -12.83
C TRP C 61 -11.23 19.11 -14.31
N GLU C 62 -11.99 18.35 -15.10
CA GLU C 62 -11.78 18.24 -16.53
C GLU C 62 -11.73 19.56 -17.29
N ARG C 63 -12.35 20.58 -16.73
CA ARG C 63 -12.39 21.88 -17.41
C ARG C 63 -11.31 22.87 -16.92
N VAL C 64 -10.72 22.56 -15.78
CA VAL C 64 -9.57 23.32 -15.27
C VAL C 64 -8.26 22.66 -15.72
N GLN C 65 -8.30 21.35 -15.98
CA GLN C 65 -7.15 20.61 -16.50
C GLN C 65 -7.60 19.55 -17.51
N HIS C 66 -7.36 19.78 -18.80
CA HIS C 66 -7.90 18.89 -19.82
C HIS C 66 -7.24 17.50 -19.81
N SER C 67 -5.94 17.45 -19.55
CA SER C 67 -5.24 16.17 -19.36
C SER C 67 -4.17 16.31 -18.30
N LEU C 68 -3.79 15.18 -17.72
CA LEU C 68 -2.84 15.14 -16.63
C LEU C 68 -1.41 15.43 -17.10
N ASP C 69 -1.17 15.38 -18.42
CA ASP C 69 0.17 15.67 -18.96
C ASP C 69 0.43 17.12 -19.34
N SER C 70 -0.54 17.99 -19.09
CA SER C 70 -0.40 19.43 -19.32
C SER C 70 -0.89 20.22 -18.10
N GLY C 71 -0.70 21.55 -18.12
CA GLY C 71 -1.11 22.43 -17.03
C GLY C 71 -2.59 22.82 -17.01
N LEU C 72 -2.88 23.88 -16.26
CA LEU C 72 -4.25 24.35 -16.08
C LEU C 72 -4.73 25.22 -17.23
N ASN C 73 -6.03 25.15 -17.49
CA ASN C 73 -6.68 25.94 -18.53
C ASN C 73 -6.88 27.39 -18.05
N PHE C 74 -6.21 28.33 -18.72
CA PHE C 74 -6.22 29.74 -18.36
C PHE C 74 -7.63 30.30 -18.31
N ASP C 75 -8.41 29.98 -19.33
CA ASP C 75 -9.73 30.55 -19.44
C ASP C 75 -10.62 30.10 -18.27
N GLN C 76 -10.52 28.83 -17.91
CA GLN C 76 -11.39 28.31 -16.88
C GLN C 76 -11.03 28.91 -15.50
N ILE C 77 -9.74 29.09 -15.26
CA ILE C 77 -9.29 29.77 -14.04
C ILE C 77 -9.78 31.23 -13.98
N ARG C 78 -9.69 31.94 -15.10
CA ARG C 78 -10.19 33.31 -15.20
C ARG C 78 -11.70 33.43 -14.90
N LEU C 79 -12.49 32.48 -15.38
CA LEU C 79 -13.92 32.44 -15.09
C LEU C 79 -14.16 32.18 -13.61
N LEU C 80 -13.37 31.31 -13.00
CA LEU C 80 -13.46 31.06 -11.56
C LEU C 80 -13.06 32.27 -10.72
N LYS C 81 -12.01 32.97 -11.13
CA LYS C 81 -11.57 34.17 -10.42
C LYS C 81 -12.66 35.23 -10.43
N LYS C 82 -13.28 35.41 -11.58
CA LYS C 82 -14.36 36.36 -11.76
C LYS C 82 -15.57 36.01 -10.88
N THR C 83 -15.83 34.72 -10.72
CA THR C 83 -16.89 34.25 -9.85
C THR C 83 -16.59 34.66 -8.41
N LEU C 84 -15.33 34.52 -7.99
CA LEU C 84 -14.91 34.99 -6.66
C LEU C 84 -15.02 36.52 -6.56
N ASP C 85 -14.72 37.21 -7.65
CA ASP C 85 -14.83 38.67 -7.71
C ASP C 85 -16.26 39.14 -7.51
N LEU C 86 -17.19 38.53 -8.24
CA LEU C 86 -18.59 38.89 -8.15
C LEU C 86 -19.14 38.66 -6.75
N ALA C 87 -18.80 37.51 -6.16
CA ALA C 87 -19.14 37.24 -4.78
C ALA C 87 -18.59 38.31 -3.83
N ALA C 88 -17.33 38.65 -4.01
CA ALA C 88 -16.65 39.61 -3.13
C ALA C 88 -17.28 40.99 -3.21
N GLN C 89 -17.73 41.36 -4.40
CA GLN C 89 -18.34 42.67 -4.62
C GLN C 89 -19.71 42.78 -3.95
N ASN C 90 -20.32 41.63 -3.70
CA ASN C 90 -21.66 41.58 -3.12
C ASN C 90 -21.62 41.10 -1.67
N GLY C 91 -20.42 41.12 -1.10
CA GLY C 91 -20.19 40.79 0.30
C GLY C 91 -20.38 39.33 0.65
N GLN C 92 -20.22 38.46 -0.35
CA GLN C 92 -20.39 37.03 -0.17
C GLN C 92 -19.05 36.26 -0.19
N LYS C 93 -19.07 35.03 0.30
CA LYS C 93 -17.88 34.16 0.26
C LYS C 93 -18.20 32.80 -0.39
N VAL C 94 -17.24 32.29 -1.14
CA VAL C 94 -17.49 31.13 -2.00
C VAL C 94 -16.69 29.89 -1.57
N ILE C 95 -17.41 28.76 -1.56
CA ILE C 95 -16.83 27.44 -1.39
C ILE C 95 -16.72 26.88 -2.79
N LEU C 96 -15.49 26.72 -3.26
CA LEU C 96 -15.24 26.16 -4.59
C LEU C 96 -15.29 24.64 -4.52
N ASP C 97 -16.17 24.05 -5.33
CA ASP C 97 -16.49 22.63 -5.25
C ASP C 97 -16.06 21.91 -6.51
N MET C 98 -15.00 21.09 -6.40
CA MET C 98 -14.61 20.20 -7.50
C MET C 98 -15.60 19.06 -7.62
N HIS C 99 -16.47 19.15 -8.63
CA HIS C 99 -17.71 18.41 -8.68
C HIS C 99 -17.54 17.07 -9.41
N ASN C 100 -16.68 16.21 -8.88
CA ASN C 100 -16.11 15.13 -9.67
C ASN C 100 -16.41 13.68 -9.27
N TYR C 101 -17.15 13.49 -8.18
CA TYR C 101 -17.57 12.17 -7.74
C TYR C 101 -16.41 11.18 -7.58
N GLY C 102 -15.26 11.69 -7.16
CA GLY C 102 -14.10 10.86 -6.89
C GLY C 102 -13.43 10.34 -8.15
N ARG C 103 -13.76 10.96 -9.28
CA ARG C 103 -13.27 10.49 -10.56
C ARG C 103 -12.69 11.61 -11.42
N TYR C 104 -11.85 11.21 -12.37
CA TYR C 104 -11.30 12.12 -13.38
C TYR C 104 -11.30 11.43 -14.75
N HIS C 105 -11.97 12.06 -15.73
CA HIS C 105 -12.22 11.45 -17.04
C HIS C 105 -12.65 9.99 -16.96
N GLY C 106 -13.55 9.71 -16.02
CA GLY C 106 -14.15 8.39 -15.90
C GLY C 106 -13.38 7.37 -15.10
N GLU C 107 -12.15 7.70 -14.72
CA GLU C 107 -11.33 6.82 -13.90
C GLU C 107 -11.26 7.29 -12.45
N LEU C 108 -11.18 6.35 -11.52
CA LEU C 108 -11.15 6.66 -10.09
C LEU C 108 -9.86 7.36 -9.67
N ILE C 109 -9.98 8.37 -8.81
CA ILE C 109 -8.82 8.99 -8.19
C ILE C 109 -8.22 7.98 -7.20
N GLY C 110 -6.94 7.64 -7.41
CA GLY C 110 -6.28 6.58 -6.68
C GLY C 110 -6.03 5.35 -7.55
N SER C 111 -6.61 5.35 -8.76
CA SER C 111 -6.29 4.34 -9.77
C SER C 111 -4.95 4.71 -10.40
N SER C 112 -4.38 3.78 -11.17
CA SER C 112 -3.12 4.05 -11.84
C SER C 112 -3.22 5.18 -12.86
N LYS C 113 -4.37 5.31 -13.51
CA LYS C 113 -4.57 6.40 -14.47
C LYS C 113 -4.67 7.76 -13.79
N VAL C 114 -5.28 7.80 -12.62
CA VAL C 114 -5.38 9.04 -11.86
C VAL C 114 -4.81 8.83 -10.45
N PRO C 115 -3.47 8.89 -10.33
CA PRO C 115 -2.78 8.74 -9.05
C PRO C 115 -3.09 9.89 -8.09
N TYR C 116 -3.01 9.63 -6.79
CA TYR C 116 -3.22 10.64 -5.76
C TYR C 116 -2.43 11.90 -6.07
N GLU C 117 -1.23 11.70 -6.60
CA GLU C 117 -0.34 12.81 -6.90
C GLU C 117 -0.99 13.80 -7.85
N ALA C 118 -1.75 13.29 -8.81
CA ALA C 118 -2.40 14.13 -9.80
C ALA C 118 -3.52 14.96 -9.18
N TYR C 119 -4.27 14.34 -8.27
CA TYR C 119 -5.36 14.97 -7.55
C TYR C 119 -4.82 15.99 -6.56
N ALA C 120 -3.77 15.62 -5.84
CA ALA C 120 -3.05 16.55 -4.96
C ALA C 120 -2.44 17.77 -5.67
N SER C 121 -1.82 17.56 -6.84
CA SER C 121 -1.15 18.64 -7.55
C SER C 121 -2.08 19.73 -8.07
N VAL C 122 -3.22 19.33 -8.59
CA VAL C 122 -4.15 20.30 -9.18
C VAL C 122 -4.73 21.18 -8.08
N TRP C 123 -4.96 20.59 -6.91
CA TRP C 123 -5.50 21.34 -5.78
C TRP C 123 -4.49 22.27 -5.13
N ARG C 124 -3.22 21.88 -5.15
CA ARG C 124 -2.17 22.75 -4.67
C ARG C 124 -2.03 23.93 -5.61
N LYS C 125 -2.19 23.68 -6.91
CA LYS C 125 -2.15 24.73 -7.91
C LYS C 125 -3.32 25.69 -7.77
N LEU C 126 -4.53 25.14 -7.57
CA LEU C 126 -5.72 25.95 -7.39
C LEU C 126 -5.61 26.82 -6.13
N ALA C 127 -5.10 26.22 -5.06
CA ALA C 127 -4.89 26.94 -3.82
C ALA C 127 -3.91 28.06 -4.06
N GLU C 128 -2.91 27.79 -4.90
CA GLU C 128 -1.95 28.79 -5.28
C GLU C 128 -2.63 29.93 -6.04
N ARG C 129 -3.53 29.57 -6.95
CA ARG C 129 -4.28 30.57 -7.71
C ARG C 129 -5.23 31.44 -6.86
N PHE C 130 -5.94 30.81 -5.93
CA PHE C 130 -7.04 31.47 -5.23
C PHE C 130 -6.76 31.96 -3.80
N LYS C 131 -5.63 31.58 -3.23
CA LYS C 131 -5.32 31.93 -1.85
C LYS C 131 -5.47 33.41 -1.57
N GLY C 132 -6.22 33.76 -0.53
CA GLY C 132 -6.35 35.16 -0.12
C GLY C 132 -7.35 36.03 -0.85
N HIS C 133 -8.06 35.45 -1.80
CA HIS C 133 -9.11 36.20 -2.49
C HIS C 133 -10.24 36.58 -1.50
N PRO C 134 -10.70 37.84 -1.56
CA PRO C 134 -11.75 38.28 -0.62
C PRO C 134 -13.08 37.52 -0.74
N GLY C 135 -13.33 36.89 -1.88
CA GLY C 135 -14.57 36.17 -2.07
C GLY C 135 -14.47 34.68 -1.79
N LEU C 136 -13.30 34.23 -1.38
CA LEU C 136 -13.09 32.80 -1.18
C LEU C 136 -13.37 32.41 0.26
N LEU C 137 -14.18 31.38 0.45
CA LEU C 137 -14.42 30.84 1.78
C LEU C 137 -13.62 29.55 1.98
N GLY C 138 -13.61 28.70 0.95
CA GLY C 138 -12.86 27.46 1.05
C GLY C 138 -12.88 26.51 -0.14
N TYR C 139 -12.21 25.37 0.02
CA TYR C 139 -12.04 24.39 -1.05
C TYR C 139 -12.82 23.11 -0.70
N ASP C 140 -13.91 22.87 -1.41
CA ASP C 140 -14.66 21.61 -1.28
C ASP C 140 -13.99 20.64 -2.25
N ILE C 141 -13.07 19.82 -1.73
CA ILE C 141 -12.10 19.13 -2.60
C ILE C 141 -12.69 18.05 -3.50
N MET C 142 -13.89 17.60 -3.16
CA MET C 142 -14.58 16.62 -3.98
C MET C 142 -16.07 16.57 -3.65
N ASN C 143 -16.90 16.69 -4.68
CA ASN C 143 -18.32 16.39 -4.55
C ASN C 143 -18.58 14.89 -4.56
N GLU C 144 -19.31 14.42 -3.54
CA GLU C 144 -19.91 13.09 -3.52
C GLU C 144 -19.05 11.94 -4.04
N PRO C 145 -18.00 11.58 -3.32
CA PRO C 145 -17.27 10.37 -3.65
C PRO C 145 -18.18 9.16 -3.45
N HIS C 146 -18.29 8.29 -4.45
CA HIS C 146 -19.08 7.07 -4.32
C HIS C 146 -18.40 5.88 -4.99
N SER C 147 -18.52 4.70 -4.37
CA SER C 147 -18.02 3.47 -4.97
C SER C 147 -16.55 3.58 -5.37
N THR C 148 -15.74 4.17 -4.49
CA THR C 148 -14.32 4.40 -4.78
C THR C 148 -13.43 3.25 -4.34
N VAL C 149 -14.04 2.19 -3.82
CA VAL C 149 -13.34 0.98 -3.41
C VAL C 149 -12.21 1.28 -2.42
N GLY C 150 -12.51 2.18 -1.49
CA GLY C 150 -11.62 2.51 -0.39
C GLY C 150 -10.53 3.50 -0.77
N LEU C 151 -10.58 3.97 -2.01
CA LEU C 151 -9.65 4.98 -2.52
C LEU C 151 -9.76 6.39 -1.94
N TRP C 152 -10.97 6.84 -1.65
CA TRP C 152 -11.22 8.25 -1.34
C TRP C 152 -10.50 8.79 -0.09
N PRO C 153 -10.50 7.98 1.05
CA PRO C 153 -9.86 8.61 2.23
C PRO C 153 -8.43 9.06 1.97
N GLY C 154 -7.67 8.24 1.26
CA GLY C 154 -6.31 8.53 0.87
C GLY C 154 -6.17 9.69 -0.11
N ALA C 155 -7.15 9.82 -1.01
CA ALA C 155 -7.19 10.93 -1.94
C ALA C 155 -7.46 12.21 -1.19
N ALA C 156 -8.40 12.14 -0.25
CA ALA C 156 -8.79 13.27 0.60
C ALA C 156 -7.61 13.81 1.39
N GLN C 157 -6.84 12.89 1.99
CA GLN C 157 -5.66 13.26 2.76
C GLN C 157 -4.52 13.83 1.90
N ALA C 158 -4.30 13.24 0.73
CA ALA C 158 -3.25 13.69 -0.18
C ALA C 158 -3.52 15.10 -0.65
N ALA C 159 -4.80 15.39 -0.87
CA ALA C 159 -5.22 16.71 -1.33
C ALA C 159 -5.06 17.77 -0.26
N VAL C 160 -5.46 17.43 0.97
CA VAL C 160 -5.35 18.34 2.10
C VAL C 160 -3.90 18.67 2.42
N ASP C 161 -3.05 17.66 2.35
CA ASP C 161 -1.61 17.83 2.61
C ASP C 161 -0.98 18.81 1.62
N ALA C 162 -1.33 18.65 0.35
CA ALA C 162 -0.80 19.50 -0.72
C ALA C 162 -1.24 20.94 -0.59
N ILE C 163 -2.52 21.14 -0.31
CA ILE C 163 -3.07 22.47 -0.14
C ILE C 163 -2.36 23.22 1.00
N ARG C 164 -2.11 22.52 2.10
CA ARG C 164 -1.57 23.13 3.31
C ARG C 164 -0.13 23.58 3.12
N GLU C 165 0.55 23.02 2.12
CA GLU C 165 1.92 23.41 1.78
C GLU C 165 1.96 24.83 1.24
N VAL C 166 0.88 25.24 0.59
CA VAL C 166 0.81 26.57 -0.03
C VAL C 166 -0.21 27.46 0.67
N ASP C 167 -1.13 26.85 1.41
CA ASP C 167 -2.22 27.60 2.04
C ASP C 167 -2.63 27.02 3.39
N ASP C 168 -2.13 27.61 4.46
CA ASP C 168 -2.33 27.12 5.82
C ASP C 168 -3.56 27.72 6.50
N GLN C 169 -4.31 28.54 5.76
CA GLN C 169 -5.41 29.30 6.35
C GLN C 169 -6.81 28.94 5.85
N THR C 170 -6.92 28.63 4.56
CA THR C 170 -8.23 28.42 3.94
C THR C 170 -8.95 27.19 4.51
N LEU C 171 -10.25 27.32 4.76
CA LEU C 171 -11.04 26.17 5.18
C LEU C 171 -11.09 25.15 4.05
N ILE C 172 -11.08 23.87 4.42
CA ILE C 172 -11.24 22.78 3.47
C ILE C 172 -12.47 21.99 3.88
N PHE C 173 -13.30 21.64 2.90
CA PHE C 173 -14.51 20.88 3.17
C PHE C 173 -14.35 19.44 2.73
N ILE C 174 -14.53 18.51 3.66
CA ILE C 174 -14.31 17.09 3.41
C ILE C 174 -15.63 16.33 3.35
N GLU C 175 -15.92 15.80 2.15
CA GLU C 175 -17.11 15.01 1.95
C GLU C 175 -16.80 13.52 2.13
N GLY C 176 -17.84 12.71 2.33
CA GLY C 176 -17.67 11.30 2.57
C GLY C 176 -18.24 10.38 1.50
N GLU C 177 -18.06 9.08 1.69
CA GLU C 177 -18.56 8.09 0.73
C GLU C 177 -20.09 7.98 0.72
N ARG C 178 -20.59 7.10 -0.15
CA ARG C 178 -22.02 6.93 -0.38
C ARG C 178 -22.71 8.24 -0.74
N TRP C 179 -22.06 9.01 -1.60
CA TRP C 179 -22.58 10.28 -2.08
C TRP C 179 -22.68 11.25 -0.93
N SER C 180 -21.77 11.09 0.03
CA SER C 180 -21.73 11.96 1.21
C SER C 180 -23.05 12.10 1.94
N SER C 181 -23.86 11.05 1.90
CA SER C 181 -25.15 11.01 2.57
C SER C 181 -25.04 11.32 4.07
N ALA C 182 -25.82 12.28 4.55
CA ALA C 182 -25.85 12.59 5.98
C ALA C 182 -26.34 11.40 6.78
N TYR C 183 -27.44 10.81 6.34
CA TYR C 183 -28.05 9.73 7.10
C TYR C 183 -27.16 8.50 7.22
N HIS C 184 -26.38 8.20 6.18
CA HIS C 184 -25.51 7.03 6.19
C HIS C 184 -24.11 7.31 6.72
N TRP C 185 -23.85 8.55 7.13
CA TRP C 185 -22.49 8.97 7.48
C TRP C 185 -21.76 8.14 8.55
N PRO C 186 -22.40 7.89 9.71
CA PRO C 186 -21.69 7.16 10.77
C PRO C 186 -21.37 5.71 10.40
N LEU C 187 -22.13 5.13 9.47
CA LEU C 187 -21.90 3.77 8.99
C LEU C 187 -20.75 3.68 7.98
N VAL C 188 -20.81 4.54 6.96
CA VAL C 188 -19.90 4.51 5.83
C VAL C 188 -18.56 5.22 6.09
N ASN C 189 -18.57 6.17 7.04
CA ASN C 189 -17.36 6.91 7.40
C ASN C 189 -17.03 6.81 8.90
N ALA C 190 -17.24 5.64 9.49
CA ALA C 190 -17.19 5.48 10.95
C ALA C 190 -15.92 6.06 11.57
N ASN C 191 -14.77 5.65 11.05
CA ASN C 191 -13.47 6.08 11.58
C ASN C 191 -12.76 7.01 10.59
N PHE C 192 -13.54 7.63 9.71
CA PHE C 192 -13.03 8.59 8.74
C PHE C 192 -12.50 9.79 9.50
N LEU C 193 -11.22 10.10 9.28
CA LEU C 193 -10.61 11.24 9.93
C LEU C 193 -9.44 11.74 9.08
N ILE C 194 -9.48 13.02 8.75
CA ILE C 194 -8.40 13.69 8.00
C ILE C 194 -7.49 14.48 8.96
N ASN C 195 -6.18 14.39 8.75
CA ASN C 195 -5.24 15.16 9.57
C ASN C 195 -5.08 16.58 9.04
N ASP C 196 -5.21 17.57 9.91
CA ASP C 196 -5.01 18.95 9.50
C ASP C 196 -4.50 19.80 10.66
N PRO C 197 -3.18 20.07 10.65
CA PRO C 197 -2.45 20.85 11.64
C PRO C 197 -3.01 22.25 11.75
N ALA C 198 -3.68 22.69 10.69
CA ALA C 198 -4.24 24.03 10.66
C ALA C 198 -5.56 24.11 11.45
N ASP C 199 -6.21 22.98 11.67
CA ASP C 199 -7.51 22.95 12.33
C ASP C 199 -8.56 23.80 11.61
N ARG C 200 -8.53 23.77 10.28
CA ARG C 200 -9.45 24.55 9.45
C ARG C 200 -10.14 23.59 8.50
N LEU C 201 -10.66 22.52 9.07
CA LEU C 201 -11.34 21.48 8.33
C LEU C 201 -12.83 21.44 8.70
N ILE C 202 -13.69 21.22 7.72
CA ILE C 202 -15.12 21.09 7.96
C ILE C 202 -15.68 19.93 7.15
N TYR C 203 -16.48 19.08 7.78
CA TYR C 203 -17.00 17.89 7.12
C TYR C 203 -18.35 18.20 6.52
N GLU C 204 -18.61 17.65 5.34
CA GLU C 204 -19.76 18.05 4.52
C GLU C 204 -20.58 16.87 4.02
N ALA C 205 -21.87 16.87 4.38
CA ALA C 205 -22.78 15.82 3.97
C ALA C 205 -23.89 16.40 3.12
N HIS C 206 -24.56 15.54 2.37
CA HIS C 206 -25.68 15.95 1.53
C HIS C 206 -26.94 15.26 2.01
N LEU C 207 -28.09 15.91 1.86
CA LEU C 207 -29.33 15.43 2.46
C LEU C 207 -30.59 15.78 1.66
N TYR C 208 -31.16 14.76 1.04
CA TYR C 208 -32.45 14.89 0.37
C TYR C 208 -33.54 14.06 1.07
N PHE C 209 -34.81 14.34 0.74
CA PHE C 209 -35.95 13.87 1.51
C PHE C 209 -36.70 12.71 0.86
N ASP C 210 -36.24 12.31 -0.34
CA ASP C 210 -36.89 11.21 -1.06
C ASP C 210 -36.42 9.82 -0.62
N ASP C 211 -37.18 8.79 -1.00
CA ASP C 211 -37.01 7.44 -0.46
C ASP C 211 -35.61 6.89 -0.69
N ASP C 212 -35.00 7.31 -1.79
CA ASP C 212 -33.71 6.76 -2.17
C ASP C 212 -32.52 7.65 -1.80
N PHE C 213 -32.81 8.75 -1.10
CA PHE C 213 -31.78 9.68 -0.66
C PHE C 213 -31.12 10.40 -1.84
N SER C 214 -31.74 10.30 -3.02
CA SER C 214 -31.10 10.76 -4.26
C SER C 214 -31.31 12.23 -4.63
N GLY C 215 -32.35 12.85 -4.09
CA GLY C 215 -32.66 14.23 -4.46
C GLY C 215 -33.25 14.38 -5.86
N LYS C 216 -33.61 13.26 -6.46
CA LYS C 216 -34.20 13.26 -7.80
C LYS C 216 -35.69 13.51 -7.72
N TYR C 217 -36.26 13.13 -6.58
CA TYR C 217 -37.66 13.36 -6.28
C TYR C 217 -38.64 12.81 -7.34
N MET C 218 -38.41 11.58 -7.78
CA MET C 218 -39.35 10.91 -8.68
C MET C 218 -40.65 10.61 -7.93
N ALA C 219 -41.75 10.48 -8.69
CA ALA C 219 -43.07 10.30 -8.10
C ALA C 219 -43.18 9.09 -7.16
N GLN C 220 -42.58 7.97 -7.55
CA GLN C 220 -42.67 6.74 -6.76
C GLN C 220 -41.94 6.89 -5.44
N THR C 221 -40.96 7.79 -5.43
CA THR C 221 -40.07 7.98 -4.29
C THR C 221 -40.27 9.28 -3.49
N SER C 222 -41.31 10.04 -3.80
CA SER C 222 -41.48 11.36 -3.18
C SER C 222 -42.86 11.61 -2.57
N ARG C 223 -43.64 10.55 -2.42
CA ARG C 223 -44.99 10.67 -1.93
C ARG C 223 -44.97 10.63 -0.40
N ASN C 224 -45.88 11.38 0.21
CA ASN C 224 -46.12 11.30 1.66
C ASN C 224 -44.89 11.55 2.52
N ILE C 225 -44.20 12.66 2.27
CA ILE C 225 -42.98 13.04 2.99
C ILE C 225 -43.20 13.54 4.43
N ASP C 226 -42.58 12.83 5.38
CA ASP C 226 -42.68 13.16 6.80
C ASP C 226 -41.96 14.48 7.10
N PRO C 227 -42.64 15.39 7.82
CA PRO C 227 -42.14 16.73 8.13
C PRO C 227 -40.85 16.71 8.98
N MET C 228 -40.47 15.57 9.53
CA MET C 228 -39.22 15.42 10.29
C MET C 228 -38.15 14.57 9.57
N ILE C 229 -38.38 14.21 8.32
CA ILE C 229 -37.43 13.38 7.57
C ILE C 229 -36.04 14.04 7.42
N GLY C 230 -36.03 15.36 7.29
CA GLY C 230 -34.79 16.11 7.18
C GLY C 230 -34.02 16.13 8.48
N VAL C 231 -34.70 16.36 9.60
CA VAL C 231 -34.06 16.36 10.90
C VAL C 231 -33.55 14.96 11.24
N GLU C 232 -34.38 13.96 10.97
CA GLU C 232 -34.01 12.57 11.26
C GLU C 232 -32.80 12.09 10.46
N ARG C 233 -32.75 12.46 9.19
CA ARG C 233 -31.59 12.17 8.34
C ARG C 233 -30.33 12.94 8.78
N ALA C 234 -30.52 14.18 9.20
CA ALA C 234 -29.43 15.04 9.68
C ALA C 234 -28.74 14.57 10.96
N ARG C 235 -29.51 14.03 11.89
CA ARG C 235 -29.02 13.77 13.24
C ARG C 235 -27.84 12.79 13.31
N PRO C 236 -27.83 11.76 12.48
CA PRO C 236 -26.71 10.81 12.51
C PRO C 236 -25.40 11.49 12.15
N PHE C 237 -25.44 12.39 11.17
CA PHE C 237 -24.28 13.18 10.80
C PHE C 237 -23.88 14.15 11.91
N ILE C 238 -24.87 14.80 12.51
CA ILE C 238 -24.63 15.74 13.61
C ILE C 238 -24.03 15.05 14.81
N GLU C 239 -24.54 13.86 15.13
CA GLU C 239 -24.07 13.14 16.31
C GLU C 239 -22.66 12.61 16.12
N TRP C 240 -22.32 12.22 14.90
CA TRP C 240 -20.97 11.79 14.58
C TRP C 240 -19.98 12.95 14.74
N LEU C 241 -20.38 14.14 14.29
CA LEU C 241 -19.54 15.32 14.41
C LEU C 241 -19.29 15.71 15.87
N GLN C 242 -20.33 15.65 16.68
CA GLN C 242 -20.24 15.99 18.10
C GLN C 242 -19.32 15.05 18.85
N LYS C 243 -19.41 13.76 18.54
CA LYS C 243 -18.57 12.75 19.15
C LYS C 243 -17.10 13.00 18.83
N HIS C 244 -16.85 13.37 17.57
CA HIS C 244 -15.48 13.58 17.10
C HIS C 244 -15.00 15.03 17.23
N GLY C 245 -15.87 15.90 17.74
CA GLY C 245 -15.52 17.29 17.98
C GLY C 245 -15.21 18.07 16.71
N GLN C 246 -15.99 17.80 15.67
CA GLN C 246 -15.76 18.40 14.34
C GLN C 246 -16.87 19.36 13.95
N LYS C 247 -16.54 20.25 13.01
CA LYS C 247 -17.51 21.17 12.41
C LYS C 247 -18.19 20.50 11.21
N GLY C 248 -19.45 20.87 10.94
CA GLY C 248 -20.18 20.26 9.83
C GLY C 248 -20.80 21.25 8.86
N PHE C 249 -21.16 20.75 7.68
CA PHE C 249 -21.72 21.58 6.62
C PHE C 249 -22.67 20.70 5.83
N LEU C 250 -23.94 21.13 5.73
CA LEU C 250 -24.90 20.41 4.90
C LEU C 250 -24.90 21.00 3.52
N GLY C 251 -23.93 20.59 2.71
CA GLY C 251 -23.61 21.20 1.44
C GLY C 251 -24.65 21.10 0.33
N GLU C 252 -25.53 20.11 0.40
CA GLU C 252 -26.68 20.08 -0.49
C GLU C 252 -27.95 19.61 0.22
N TYR C 253 -29.06 20.21 -0.19
CA TYR C 253 -30.42 19.79 0.20
C TYR C 253 -31.33 20.58 -0.73
N GLY C 254 -32.56 20.11 -0.94
CA GLY C 254 -33.45 20.73 -1.90
C GLY C 254 -34.82 20.06 -1.99
N ILE C 255 -35.81 20.82 -2.42
CA ILE C 255 -37.16 20.28 -2.51
C ILE C 255 -37.84 20.72 -3.79
N PRO C 256 -38.73 19.79 -4.34
CA PRO C 256 -39.50 20.31 -5.48
C PRO C 256 -40.56 21.31 -5.01
N ASP C 257 -40.93 22.23 -5.88
CA ASP C 257 -41.94 23.23 -5.56
C ASP C 257 -43.30 22.58 -5.27
N ASP C 258 -43.63 21.51 -5.99
CA ASP C 258 -44.95 20.90 -5.92
C ASP C 258 -45.16 19.84 -4.82
N LEU C 259 -44.36 19.88 -3.75
CA LEU C 259 -44.57 18.96 -2.63
C LEU C 259 -44.70 19.74 -1.33
N PRO C 260 -45.96 19.95 -0.92
CA PRO C 260 -46.27 20.71 0.31
C PRO C 260 -45.62 20.09 1.54
N GLU C 261 -45.49 18.77 1.54
CA GLU C 261 -44.89 18.06 2.67
C GLU C 261 -43.40 18.35 2.78
N ALA C 262 -42.73 18.51 1.65
CA ALA C 262 -41.29 18.78 1.61
C ALA C 262 -40.94 20.14 2.19
N ALA C 263 -41.85 21.11 2.03
CA ALA C 263 -41.69 22.44 2.59
C ALA C 263 -41.61 22.47 4.12
N GLN C 264 -42.52 21.75 4.80
CA GLN C 264 -42.45 21.64 6.24
C GLN C 264 -41.14 21.01 6.65
N ALA C 265 -40.72 19.99 5.92
CA ALA C 265 -39.48 19.27 6.21
C ALA C 265 -38.28 20.18 6.06
N MET C 266 -38.34 21.10 5.08
CA MET C 266 -37.29 22.08 4.91
C MET C 266 -37.25 23.06 6.08
N ASP C 267 -38.43 23.52 6.49
CA ASP C 267 -38.55 24.44 7.63
C ASP C 267 -37.94 23.86 8.90
N ASN C 268 -38.32 22.62 9.20
CA ASN C 268 -37.82 21.93 10.38
C ASN C 268 -36.33 21.65 10.32
N LEU C 269 -35.83 21.33 9.12
CA LEU C 269 -34.40 21.07 8.97
C LEU C 269 -33.59 22.34 9.21
N LEU C 270 -34.02 23.48 8.66
CA LEU C 270 -33.26 24.72 8.87
C LEU C 270 -33.30 25.19 10.32
N ALA C 271 -34.42 24.93 11.00
CA ALA C 271 -34.54 25.19 12.44
C ALA C 271 -33.57 24.31 13.21
N TYR C 272 -33.53 23.03 12.85
CA TYR C 272 -32.62 22.08 13.47
C TYR C 272 -31.16 22.48 13.26
N LEU C 273 -30.82 22.90 12.04
CA LEU C 273 -29.45 23.32 11.77
C LEU C 273 -29.09 24.60 12.54
N ASN C 274 -30.02 25.55 12.63
CA ASN C 274 -29.78 26.77 13.42
C ASN C 274 -29.49 26.52 14.90
N ASP C 275 -30.22 25.57 15.49
CA ASP C 275 -30.04 25.21 16.90
C ASP C 275 -28.65 24.67 17.13
N ASN C 276 -28.04 24.18 16.06
CA ASN C 276 -26.70 23.60 16.09
C ASN C 276 -25.61 24.44 15.41
N CYS C 277 -26.00 25.61 14.90
CA CYS C 277 -25.08 26.49 14.18
C CYS C 277 -24.35 25.79 13.05
N VAL C 278 -25.10 24.94 12.34
CA VAL C 278 -24.57 24.22 11.20
C VAL C 278 -25.04 24.86 9.87
N PRO C 279 -24.09 25.30 9.05
CA PRO C 279 -24.42 25.92 7.77
C PRO C 279 -24.94 24.92 6.75
N SER C 280 -25.54 25.42 5.66
CA SER C 280 -26.13 24.57 4.65
C SER C 280 -26.07 25.26 3.32
N ALA C 281 -26.32 24.52 2.24
CA ALA C 281 -26.37 25.12 0.93
C ALA C 281 -27.48 24.49 0.10
N TYR C 282 -28.42 25.30 -0.36
CA TYR C 282 -29.57 24.83 -1.14
C TYR C 282 -29.24 24.48 -2.57
N TRP C 283 -29.76 23.36 -3.03
CA TRP C 283 -29.59 22.95 -4.43
C TRP C 283 -30.86 23.14 -5.27
N ALA C 284 -30.87 24.11 -6.19
CA ALA C 284 -29.77 25.05 -6.41
C ALA C 284 -30.29 26.31 -7.10
N GLY C 285 -29.41 27.30 -7.27
CA GLY C 285 -29.75 28.52 -7.99
C GLY C 285 -28.73 28.79 -9.08
N GLY C 286 -28.81 29.97 -9.69
CA GLY C 286 -27.93 30.32 -10.80
C GLY C 286 -28.57 30.15 -12.17
N PRO C 287 -27.76 30.34 -13.22
CA PRO C 287 -28.17 30.28 -14.63
C PRO C 287 -28.49 28.88 -15.16
N GLY C 288 -29.40 28.81 -16.13
CA GLY C 288 -29.53 27.61 -16.92
C GLY C 288 -30.39 26.49 -16.37
N TRP C 289 -31.17 26.78 -15.34
CA TRP C 289 -31.96 25.72 -14.70
C TRP C 289 -33.32 25.47 -15.35
N GLY C 290 -33.78 26.39 -16.19
CA GLY C 290 -35.09 26.21 -16.81
C GLY C 290 -36.17 26.09 -15.78
N THR C 291 -37.04 25.08 -15.93
CA THR C 291 -38.12 24.86 -15.00
C THR C 291 -37.83 23.71 -14.05
N TYR C 292 -36.56 23.58 -13.67
CA TYR C 292 -36.15 22.51 -12.75
C TYR C 292 -36.93 22.71 -11.46
N LYS C 293 -37.51 21.63 -10.94
CA LYS C 293 -38.43 21.73 -9.81
C LYS C 293 -37.75 22.24 -8.56
N LEU C 294 -36.56 21.73 -8.31
CA LEU C 294 -35.74 22.12 -7.16
C LEU C 294 -35.28 23.57 -7.22
N ALA C 295 -34.97 24.03 -8.43
CA ALA C 295 -34.40 25.37 -8.64
C ALA C 295 -35.03 26.47 -7.77
N ILE C 296 -34.15 27.28 -7.19
CA ILE C 296 -34.54 28.41 -6.34
C ILE C 296 -34.29 29.76 -7.05
N GLU C 297 -33.85 29.66 -8.30
CA GLU C 297 -33.62 30.85 -9.11
C GLU C 297 -34.94 31.51 -9.53
N PRO C 298 -35.06 32.83 -9.35
CA PRO C 298 -36.30 33.50 -9.73
C PRO C 298 -36.61 33.37 -11.22
N ARG C 299 -37.89 33.44 -11.56
CA ARG C 299 -38.32 33.32 -12.94
C ARG C 299 -39.21 34.50 -13.33
N LYS C 302 -39.99 36.86 -10.16
CA LYS C 302 -40.82 36.20 -9.18
C LYS C 302 -39.99 35.30 -8.28
N ASP C 303 -40.05 35.54 -6.98
CA ASP C 303 -39.35 34.68 -6.02
C ASP C 303 -39.98 33.28 -6.02
N ARG C 304 -39.14 32.27 -5.85
CA ARG C 304 -39.60 30.89 -5.77
C ARG C 304 -40.00 30.57 -4.34
N PRO C 305 -40.93 29.64 -4.17
CA PRO C 305 -41.45 29.28 -2.85
C PRO C 305 -40.36 28.86 -1.87
N GLN C 306 -39.32 28.20 -2.39
CA GLN C 306 -38.21 27.73 -1.59
C GLN C 306 -37.44 28.91 -0.99
N MET C 307 -37.43 30.04 -1.69
CA MET C 307 -36.71 31.22 -1.20
C MET C 307 -37.40 31.82 0.00
N GLU C 308 -38.73 31.82 -0.03
CA GLU C 308 -39.46 32.34 1.10
C GLU C 308 -39.26 31.51 2.36
N LEU C 309 -39.16 30.19 2.20
CA LEU C 309 -38.87 29.29 3.33
C LEU C 309 -37.47 29.51 3.89
N MET C 310 -36.49 29.67 2.99
CA MET C 310 -35.11 29.87 3.38
C MET C 310 -34.97 31.15 4.20
N ARG C 311 -35.62 32.22 3.74
CA ARG C 311 -35.53 33.56 4.31
C ARG C 311 -36.03 33.63 5.74
N LYS C 312 -36.97 32.74 6.06
CA LYS C 312 -37.51 32.63 7.42
C LYS C 312 -36.46 32.21 8.44
N HIS C 313 -35.37 31.61 7.97
CA HIS C 313 -34.40 30.97 8.84
C HIS C 313 -32.99 31.58 8.84
N LEU C 314 -32.82 32.77 8.28
CA LEU C 314 -31.49 33.35 8.12
C LEU C 314 -30.87 33.93 9.42
N ALA C 315 -31.73 34.34 10.36
CA ALA C 315 -31.23 34.95 11.58
C ALA C 315 -30.78 33.93 12.62
N ASN C 316 -29.67 34.26 13.28
CA ASN C 316 -29.15 33.51 14.41
C ASN C 316 -28.16 34.35 15.21
N ASP C 317 -27.74 33.85 16.36
CA ASP C 317 -26.71 34.52 17.16
C ASP C 317 -25.54 33.57 17.38
N CYS C 318 -25.30 32.68 16.43
CA CYS C 318 -24.16 31.78 16.51
C CYS C 318 -22.89 32.59 16.47
N THR C 319 -21.91 32.16 17.27
CA THR C 319 -20.63 32.85 17.27
C THR C 319 -19.57 32.01 16.58
N ALA C 320 -19.87 30.74 16.37
CA ALA C 320 -18.96 29.82 15.69
C ALA C 320 -19.70 28.73 14.89
N ILE C 321 -19.01 28.08 13.97
CA ILE C 321 -19.61 26.99 13.22
C ILE C 321 -19.69 25.74 14.10
N GLY C 322 -20.86 25.12 14.12
CA GLY C 322 -21.11 23.95 14.95
C GLY C 322 -21.00 22.64 14.18
N PRO C 323 -21.54 21.53 14.73
CA PRO C 323 -22.26 21.53 16.01
C PRO C 323 -21.27 21.57 17.16
N THR C 324 -21.80 21.76 18.37
CA THR C 324 -21.00 21.84 19.59
C THR C 324 -20.40 20.50 19.92
N PRO C 325 -19.09 20.47 20.13
CA PRO C 325 -18.35 19.25 20.46
C PRO C 325 -18.79 18.56 21.75
N ASP D 2 10.45 -11.85 17.21
CA ASP D 2 11.89 -11.79 16.89
C ASP D 2 12.22 -10.63 15.93
N TRP D 3 13.47 -10.17 15.97
CA TRP D 3 13.86 -8.97 15.26
C TRP D 3 13.64 -9.10 13.77
N PRO D 4 13.12 -8.04 13.12
CA PRO D 4 12.83 -8.03 11.68
C PRO D 4 14.09 -8.22 10.82
N VAL D 5 13.93 -8.92 9.70
CA VAL D 5 15.06 -9.25 8.83
C VAL D 5 15.07 -8.56 7.47
N ASN D 6 16.25 -8.42 6.87
CA ASN D 6 16.37 -8.00 5.46
C ASN D 6 16.16 -9.16 4.46
N ASP D 7 15.63 -8.85 3.27
CA ASP D 7 15.28 -9.91 2.31
C ASP D 7 16.46 -10.76 1.90
N GLU D 8 17.61 -10.11 1.71
CA GLU D 8 18.82 -10.80 1.30
C GLU D 8 19.55 -11.45 2.48
N GLY D 9 19.03 -11.26 3.69
CA GLY D 9 19.75 -11.65 4.89
C GLY D 9 20.15 -10.46 5.74
N GLY D 10 20.59 -10.73 6.96
CA GLY D 10 20.95 -9.68 7.90
C GLY D 10 19.71 -9.12 8.56
N LEU D 11 19.90 -8.25 9.52
CA LEU D 11 18.79 -7.76 10.33
C LEU D 11 18.33 -6.39 9.85
N ALA D 12 17.06 -6.09 10.06
CA ALA D 12 16.55 -4.75 9.79
C ALA D 12 16.93 -3.87 10.97
N LEU D 13 18.15 -3.35 10.93
CA LEU D 13 18.72 -2.60 12.02
C LEU D 13 18.32 -1.15 12.08
N HIS D 14 18.21 -0.53 10.91
CA HIS D 14 18.04 0.91 10.85
C HIS D 14 16.62 1.28 10.40
N GLY D 15 15.89 1.92 11.30
CA GLY D 15 14.49 2.24 11.11
C GLY D 15 14.23 3.70 11.37
N VAL D 16 12.98 4.05 11.66
CA VAL D 16 12.60 5.47 11.77
C VAL D 16 11.58 5.66 12.89
N ASN D 17 11.72 6.77 13.61
CA ASN D 17 10.65 7.22 14.51
C ASN D 17 9.53 7.81 13.67
N ILE D 18 8.29 7.35 13.92
CA ILE D 18 7.12 7.81 13.18
C ILE D 18 6.14 8.60 14.07
N SER D 19 5.87 9.84 13.65
CA SER D 19 4.92 10.74 14.30
C SER D 19 3.48 10.26 14.07
N GLY D 20 2.50 10.86 14.76
CA GLY D 20 2.72 11.96 15.70
C GLY D 20 1.76 11.91 16.87
N ALA D 21 1.63 10.75 17.47
CA ALA D 21 0.66 10.53 18.53
C ALA D 21 1.12 11.18 19.85
N GLY D 22 2.38 11.61 19.88
CA GLY D 22 2.92 12.28 21.05
C GLY D 22 3.00 13.79 20.91
N PHE D 23 2.41 14.34 19.84
CA PHE D 23 2.46 15.78 19.62
C PHE D 23 1.72 16.62 20.65
N ALA D 24 2.18 17.86 20.83
CA ALA D 24 1.63 18.79 21.80
C ALA D 24 1.22 18.14 23.10
N PRO D 25 2.18 17.62 23.86
CA PRO D 25 1.86 16.87 25.09
C PRO D 25 1.34 17.77 26.22
N HIS D 26 1.44 19.08 26.06
CA HIS D 26 0.82 20.00 27.00
C HIS D 26 -0.71 20.04 26.79
N ILE D 27 -1.17 19.57 25.64
CA ILE D 27 -2.60 19.54 25.35
C ILE D 27 -3.20 18.14 25.43
N THR D 28 -3.83 17.86 26.57
CA THR D 28 -4.37 16.53 26.86
C THR D 28 -5.81 16.61 27.36
N PRO D 29 -6.66 15.66 26.91
CA PRO D 29 -6.31 14.58 25.99
C PRO D 29 -5.95 15.06 24.59
N GLY D 30 -6.40 16.25 24.20
CA GLY D 30 -6.19 16.73 22.85
C GLY D 30 -7.17 16.09 21.88
N LYS D 31 -7.09 16.50 20.61
CA LYS D 31 -7.98 15.99 19.56
C LYS D 31 -7.17 15.33 18.46
N ASN D 32 -7.46 14.06 18.19
CA ASN D 32 -6.87 13.40 17.05
C ASN D 32 -7.15 14.14 15.72
N GLY D 33 -6.12 14.33 14.91
CA GLY D 33 -6.28 15.05 13.66
C GLY D 33 -6.03 16.55 13.73
N THR D 34 -6.01 17.07 14.96
CA THR D 34 -5.82 18.51 15.24
C THR D 34 -4.53 18.80 16.02
N HIS D 35 -4.42 18.22 17.23
CA HIS D 35 -3.25 18.41 18.10
C HIS D 35 -2.21 17.29 18.00
N TYR D 36 -2.67 16.08 17.69
CA TYR D 36 -1.77 14.96 17.42
C TYR D 36 -2.29 14.16 16.23
N PHE D 37 -1.45 13.28 15.68
CA PHE D 37 -1.74 12.62 14.40
C PHE D 37 -1.23 11.18 14.39
N TYR D 38 -2.01 10.29 13.78
CA TYR D 38 -1.55 8.92 13.57
C TYR D 38 -1.17 8.70 12.11
N PRO D 39 -0.16 7.85 11.86
CA PRO D 39 0.28 7.61 10.48
C PRO D 39 -0.78 6.79 9.73
N GLU D 40 -0.70 6.80 8.39
CA GLU D 40 -1.64 6.06 7.56
C GLU D 40 -0.90 5.03 6.70
N LYS D 41 -1.64 4.26 5.92
CA LYS D 41 -1.03 3.22 5.09
C LYS D 41 0.14 3.70 4.23
N LYS D 42 -0.01 4.88 3.63
CA LYS D 42 1.02 5.43 2.75
C LYS D 42 2.36 5.61 3.45
N HIS D 43 2.34 5.96 4.74
CA HIS D 43 3.59 6.12 5.48
C HIS D 43 4.31 4.79 5.63
N PHE D 44 3.59 3.77 6.10
CA PHE D 44 4.20 2.46 6.31
C PHE D 44 4.61 1.87 4.96
N LYS D 45 3.79 2.10 3.95
CA LYS D 45 4.10 1.66 2.59
C LYS D 45 5.39 2.30 2.08
N TYR D 46 5.52 3.61 2.26
CA TYR D 46 6.66 4.32 1.71
C TYR D 46 7.98 3.84 2.33
N TYR D 47 7.99 3.71 3.66
CA TYR D 47 9.19 3.26 4.36
C TYR D 47 9.55 1.82 4.02
N ALA D 48 8.53 0.97 3.88
CA ALA D 48 8.75 -0.42 3.47
C ALA D 48 9.36 -0.45 2.07
N ASP D 49 8.89 0.47 1.22
CA ASP D 49 9.41 0.59 -0.14
C ASP D 49 10.89 0.93 -0.09
N GLN D 50 11.26 1.75 0.89
CA GLN D 50 12.65 2.15 1.13
C GLN D 50 13.50 0.99 1.65
N GLY D 51 12.85 -0.09 2.09
CA GLY D 51 13.53 -1.23 2.66
C GLY D 51 13.65 -1.17 4.18
N ILE D 52 12.99 -0.20 4.79
CA ILE D 52 12.99 -0.05 6.24
C ILE D 52 11.88 -0.87 6.88
N ARG D 53 12.24 -1.76 7.81
CA ARG D 53 11.27 -2.61 8.48
C ARG D 53 11.19 -2.38 9.96
N LEU D 54 11.94 -1.39 10.43
CA LEU D 54 11.99 -1.10 11.86
C LEU D 54 11.36 0.26 12.12
N ILE D 55 10.35 0.30 13.00
CA ILE D 55 9.63 1.52 13.32
C ILE D 55 9.56 1.73 14.82
N ARG D 56 9.90 2.94 15.26
CA ARG D 56 9.65 3.33 16.64
C ARG D 56 8.48 4.31 16.69
N PHE D 57 7.50 4.00 17.54
CA PHE D 57 6.28 4.81 17.61
C PHE D 57 6.01 5.40 18.98
N PRO D 58 6.32 6.69 19.15
CA PRO D 58 5.95 7.44 20.35
C PRO D 58 4.44 7.58 20.53
N PHE D 59 3.99 7.40 21.77
CA PHE D 59 2.66 7.77 22.19
C PHE D 59 2.79 8.27 23.63
N ILE D 60 1.75 8.91 24.17
CA ILE D 60 1.81 9.34 25.57
C ILE D 60 0.76 8.69 26.48
N TRP D 61 1.18 8.47 27.73
CA TRP D 61 0.38 7.81 28.74
C TRP D 61 -0.94 8.56 28.94
N GLU D 62 -0.86 9.89 29.01
CA GLU D 62 -2.03 10.76 29.22
C GLU D 62 -3.18 10.55 28.23
N ARG D 63 -2.86 10.04 27.04
CA ARG D 63 -3.87 9.79 26.00
C ARG D 63 -4.38 8.34 25.98
N VAL D 64 -3.65 7.44 26.65
CA VAL D 64 -4.04 6.04 26.84
C VAL D 64 -4.80 5.87 28.14
N GLN D 65 -4.50 6.76 29.07
CA GLN D 65 -5.18 6.86 30.36
C GLN D 65 -5.28 8.31 30.80
N HIS D 66 -6.49 8.85 30.79
CA HIS D 66 -6.66 10.27 31.07
C HIS D 66 -6.37 10.62 32.53
N SER D 67 -6.74 9.74 33.45
CA SER D 67 -6.41 9.93 34.86
C SER D 67 -6.10 8.61 35.54
N LEU D 68 -5.41 8.67 36.68
CA LEU D 68 -5.04 7.47 37.44
C LEU D 68 -6.23 6.82 38.15
N ASP D 69 -7.32 7.58 38.24
CA ASP D 69 -8.57 7.10 38.83
C ASP D 69 -9.42 6.49 37.74
N SER D 70 -8.92 6.49 36.51
CA SER D 70 -9.68 5.99 35.38
C SER D 70 -9.05 4.81 34.65
N GLY D 71 -9.87 4.17 33.81
CA GLY D 71 -9.47 3.12 32.90
C GLY D 71 -8.84 3.60 31.61
N LEU D 72 -8.25 2.68 30.85
CA LEU D 72 -7.64 3.00 29.56
C LEU D 72 -8.65 3.49 28.51
N ASN D 73 -8.22 4.46 27.70
CA ASN D 73 -9.07 5.02 26.65
C ASN D 73 -9.25 4.05 25.47
N PHE D 74 -10.50 3.82 25.09
CA PHE D 74 -10.82 2.88 24.02
C PHE D 74 -10.30 3.30 22.66
N ASP D 75 -10.51 4.57 22.33
CA ASP D 75 -10.18 5.06 21.01
C ASP D 75 -8.66 5.02 20.75
N GLN D 76 -7.89 5.39 21.76
CA GLN D 76 -6.45 5.46 21.63
C GLN D 76 -5.84 4.06 21.49
N ILE D 77 -6.39 3.09 22.21
CA ILE D 77 -5.93 1.72 22.08
C ILE D 77 -6.21 1.22 20.67
N ARG D 78 -7.38 1.56 20.14
CA ARG D 78 -7.74 1.17 18.79
C ARG D 78 -6.77 1.81 17.79
N LEU D 79 -6.43 3.07 18.02
CA LEU D 79 -5.47 3.77 17.16
C LEU D 79 -4.09 3.12 17.23
N LEU D 80 -3.67 2.74 18.42
CA LEU D 80 -2.40 2.04 18.59
C LEU D 80 -2.39 0.69 17.88
N LYS D 81 -3.50 -0.03 17.98
CA LYS D 81 -3.64 -1.32 17.32
C LYS D 81 -3.56 -1.17 15.79
N LYS D 82 -4.20 -0.13 15.27
CA LYS D 82 -4.21 0.12 13.84
C LYS D 82 -2.79 0.37 13.33
N THR D 83 -1.99 1.05 14.14
CA THR D 83 -0.61 1.32 13.79
C THR D 83 0.14 0.00 13.63
N LEU D 84 -0.10 -0.92 14.55
CA LEU D 84 0.51 -2.25 14.49
C LEU D 84 0.04 -3.04 13.28
N ASP D 85 -1.25 -2.94 12.96
CA ASP D 85 -1.83 -3.65 11.83
C ASP D 85 -1.19 -3.16 10.52
N LEU D 86 -1.07 -1.85 10.40
CA LEU D 86 -0.49 -1.24 9.20
C LEU D 86 0.97 -1.64 9.02
N ALA D 87 1.72 -1.64 10.13
CA ALA D 87 3.10 -2.07 10.08
C ALA D 87 3.16 -3.54 9.68
N ALA D 88 2.27 -4.34 10.24
CA ALA D 88 2.24 -5.77 9.95
C ALA D 88 1.91 -6.02 8.47
N GLN D 89 1.00 -5.21 7.94
CA GLN D 89 0.60 -5.33 6.54
C GLN D 89 1.80 -5.11 5.61
N ASN D 90 2.69 -4.22 6.01
CA ASN D 90 3.85 -3.86 5.21
C ASN D 90 5.12 -4.61 5.62
N GLY D 91 4.96 -5.63 6.44
CA GLY D 91 6.08 -6.48 6.83
C GLY D 91 7.08 -5.80 7.75
N GLN D 92 6.60 -4.84 8.53
CA GLN D 92 7.46 -4.12 9.46
C GLN D 92 7.13 -4.48 10.90
N LYS D 93 8.04 -4.16 11.81
CA LYS D 93 7.81 -4.39 13.22
C LYS D 93 7.95 -3.07 14.00
N VAL D 94 7.14 -2.90 15.04
CA VAL D 94 7.09 -1.65 15.77
C VAL D 94 7.54 -1.75 17.23
N ILE D 95 8.33 -0.78 17.65
CA ILE D 95 8.68 -0.59 19.05
C ILE D 95 7.76 0.52 19.58
N LEU D 96 6.85 0.17 20.49
CA LEU D 96 5.97 1.18 21.07
C LEU D 96 6.66 1.95 22.18
N ASP D 97 6.66 3.27 22.05
CA ASP D 97 7.42 4.13 22.94
C ASP D 97 6.51 5.01 23.79
N MET D 98 6.43 4.72 25.09
CA MET D 98 5.72 5.61 26.00
C MET D 98 6.57 6.85 26.21
N HIS D 99 6.16 7.93 25.55
CA HIS D 99 7.03 9.10 25.31
C HIS D 99 6.90 10.13 26.43
N ASN D 100 7.24 9.74 27.66
CA ASN D 100 6.76 10.46 28.86
C ASN D 100 7.78 11.16 29.76
N TYR D 101 9.07 11.02 29.46
CA TYR D 101 10.11 11.76 30.18
C TYR D 101 10.10 11.55 31.71
N GLY D 102 9.66 10.36 32.13
CA GLY D 102 9.58 9.98 33.53
C GLY D 102 8.43 10.59 34.29
N ARG D 103 7.45 11.13 33.56
CA ARG D 103 6.39 11.92 34.16
C ARG D 103 4.99 11.52 33.70
N TYR D 104 4.00 11.81 34.54
CA TYR D 104 2.60 11.63 34.21
C TYR D 104 1.82 12.86 34.63
N HIS D 105 1.16 13.50 33.67
CA HIS D 105 0.52 14.81 33.90
C HIS D 105 1.40 15.78 34.69
N GLY D 106 2.68 15.84 34.31
CA GLY D 106 3.64 16.77 34.89
C GLY D 106 4.28 16.32 36.18
N GLU D 107 3.84 15.18 36.71
CA GLU D 107 4.38 14.65 37.96
C GLU D 107 5.36 13.49 37.75
N LEU D 108 6.37 13.40 38.60
CA LEU D 108 7.35 12.34 38.47
C LEU D 108 6.75 10.96 38.78
N ILE D 109 7.10 9.98 37.94
CA ILE D 109 6.77 8.60 38.22
C ILE D 109 7.63 8.15 39.42
N GLY D 110 6.97 7.68 40.49
CA GLY D 110 7.63 7.38 41.75
C GLY D 110 7.26 8.35 42.85
N SER D 111 6.58 9.42 42.48
CA SER D 111 5.99 10.35 43.45
C SER D 111 4.67 9.83 44.06
N SER D 112 4.18 10.53 45.10
CA SER D 112 2.91 10.17 45.73
C SER D 112 1.74 10.30 44.75
N LYS D 113 1.83 11.28 43.86
CA LYS D 113 0.79 11.48 42.84
C LYS D 113 0.82 10.39 41.75
N VAL D 114 2.02 9.92 41.39
CA VAL D 114 2.12 8.84 40.41
C VAL D 114 2.94 7.67 40.92
N PRO D 115 2.32 6.79 41.73
CA PRO D 115 3.01 5.63 42.30
C PRO D 115 3.47 4.60 41.26
N TYR D 116 4.47 3.81 41.61
CA TYR D 116 5.07 2.86 40.69
C TYR D 116 3.98 1.92 40.19
N GLU D 117 3.07 1.56 41.09
CA GLU D 117 1.97 0.65 40.78
C GLU D 117 1.14 1.14 39.61
N ALA D 118 0.97 2.46 39.54
CA ALA D 118 0.18 3.08 38.47
C ALA D 118 0.89 2.94 37.13
N TYR D 119 2.20 3.11 37.15
CA TYR D 119 3.02 2.96 35.95
C TYR D 119 3.12 1.50 35.51
N ALA D 120 3.31 0.61 36.48
CA ALA D 120 3.32 -0.82 36.20
C ALA D 120 1.98 -1.29 35.65
N SER D 121 0.89 -0.79 36.22
CA SER D 121 -0.44 -1.21 35.83
C SER D 121 -0.80 -0.89 34.38
N VAL D 122 -0.47 0.32 33.94
CA VAL D 122 -0.78 0.70 32.55
C VAL D 122 0.00 -0.14 31.55
N TRP D 123 1.26 -0.38 31.83
CA TRP D 123 2.09 -1.23 30.97
C TRP D 123 1.61 -2.69 30.94
N ARG D 124 1.19 -3.19 32.10
CA ARG D 124 0.70 -4.55 32.18
C ARG D 124 -0.53 -4.71 31.29
N LYS D 125 -1.38 -3.71 31.29
CA LYS D 125 -2.60 -3.77 30.48
C LYS D 125 -2.31 -3.64 28.98
N LEU D 126 -1.36 -2.77 28.63
CA LEU D 126 -0.98 -2.62 27.23
C LEU D 126 -0.38 -3.92 26.72
N ALA D 127 0.42 -4.56 27.56
CA ALA D 127 0.99 -5.85 27.20
C ALA D 127 -0.13 -6.88 27.01
N GLU D 128 -1.13 -6.88 27.89
CA GLU D 128 -2.17 -7.88 27.75
C GLU D 128 -2.86 -7.71 26.40
N ARG D 129 -3.12 -6.46 26.04
CA ARG D 129 -3.77 -6.16 24.76
C ARG D 129 -2.92 -6.50 23.54
N PHE D 130 -1.64 -6.17 23.59
CA PHE D 130 -0.79 -6.27 22.40
C PHE D 130 0.10 -7.51 22.31
N LYS D 131 0.11 -8.36 23.32
CA LYS D 131 0.99 -9.52 23.29
C LYS D 131 0.76 -10.35 22.03
N GLY D 132 1.80 -10.55 21.23
CA GLY D 132 1.72 -11.43 20.09
C GLY D 132 1.24 -10.83 18.78
N HIS D 133 1.07 -9.51 18.73
CA HIS D 133 0.67 -8.85 17.49
C HIS D 133 1.78 -9.01 16.46
N PRO D 134 1.36 -9.29 15.15
CA PRO D 134 2.48 -9.44 14.19
C PRO D 134 3.31 -8.16 14.03
N GLY D 135 2.64 -7.01 14.07
CA GLY D 135 3.28 -5.72 13.98
C GLY D 135 4.26 -5.42 15.12
N LEU D 136 3.95 -5.86 16.32
CA LEU D 136 4.74 -5.53 17.50
C LEU D 136 6.16 -6.11 17.54
N LEU D 137 7.12 -5.28 17.98
CA LEU D 137 8.48 -5.74 18.21
C LEU D 137 8.79 -5.69 19.71
N GLY D 138 8.36 -4.64 20.38
CA GLY D 138 8.56 -4.53 21.81
C GLY D 138 8.11 -3.25 22.46
N TYR D 139 8.37 -3.17 23.75
CA TYR D 139 7.92 -2.06 24.58
C TYR D 139 9.07 -1.19 25.04
N ASP D 140 9.13 0.02 24.49
CA ASP D 140 10.06 1.03 24.94
C ASP D 140 9.32 1.72 26.09
N ILE D 141 9.62 1.31 27.32
CA ILE D 141 8.72 1.64 28.42
C ILE D 141 8.71 3.11 28.82
N MET D 142 9.74 3.85 28.40
CA MET D 142 9.79 5.29 28.70
C MET D 142 10.81 6.02 27.85
N ASN D 143 10.38 7.09 27.20
CA ASN D 143 11.29 8.03 26.54
C ASN D 143 12.01 9.00 27.48
N GLU D 144 13.34 9.05 27.36
CA GLU D 144 14.20 10.09 27.96
C GLU D 144 13.84 10.53 29.38
N PRO D 145 13.94 9.61 30.36
CA PRO D 145 13.87 10.03 31.76
C PRO D 145 14.92 11.12 32.05
N HIS D 146 14.52 12.12 32.83
CA HIS D 146 15.44 13.17 33.26
C HIS D 146 15.04 13.79 34.58
N SER D 147 16.04 14.17 35.39
CA SER D 147 15.79 14.81 36.68
C SER D 147 14.66 14.12 37.44
N THR D 148 14.81 12.81 37.65
CA THR D 148 13.77 12.01 38.30
C THR D 148 13.99 11.78 39.80
N VAL D 149 14.91 12.55 40.36
CA VAL D 149 15.26 12.46 41.78
C VAL D 149 15.42 11.02 42.27
N GLY D 150 16.22 10.26 41.52
CA GLY D 150 16.54 8.87 41.84
C GLY D 150 15.44 7.83 41.63
N LEU D 151 14.35 8.21 40.99
CA LEU D 151 13.16 7.33 40.92
C LEU D 151 13.07 6.43 39.68
N TRP D 152 13.81 6.72 38.62
CA TRP D 152 13.65 5.99 37.35
C TRP D 152 13.97 4.51 37.38
N PRO D 153 15.12 4.15 37.97
CA PRO D 153 15.49 2.73 37.96
C PRO D 153 14.41 1.84 38.61
N GLY D 154 13.84 2.34 39.69
CA GLY D 154 12.76 1.66 40.37
C GLY D 154 11.49 1.66 39.55
N ALA D 155 11.28 2.72 38.78
CA ALA D 155 10.15 2.80 37.88
C ALA D 155 10.28 1.77 36.74
N ALA D 156 11.48 1.71 36.15
CA ALA D 156 11.79 0.76 35.09
C ALA D 156 11.58 -0.70 35.52
N GLN D 157 12.02 -1.03 36.74
CA GLN D 157 11.90 -2.37 37.23
C GLN D 157 10.44 -2.75 37.45
N ALA D 158 9.67 -1.80 37.94
CA ALA D 158 8.26 -2.04 38.23
C ALA D 158 7.51 -2.39 36.95
N ALA D 159 7.85 -1.69 35.86
CA ALA D 159 7.21 -1.91 34.56
C ALA D 159 7.62 -3.24 33.95
N VAL D 160 8.92 -3.56 34.03
CA VAL D 160 9.43 -4.82 33.49
C VAL D 160 8.78 -6.00 34.23
N ASP D 161 8.71 -5.91 35.55
CA ASP D 161 8.09 -6.94 36.38
C ASP D 161 6.64 -7.15 35.98
N ALA D 162 5.92 -6.04 35.82
CA ALA D 162 4.51 -6.08 35.45
C ALA D 162 4.32 -6.68 34.06
N ILE D 163 5.15 -6.28 33.12
CA ILE D 163 5.09 -6.82 31.76
C ILE D 163 5.35 -8.35 31.72
N ARG D 164 6.33 -8.79 32.50
CA ARG D 164 6.76 -10.18 32.50
C ARG D 164 5.70 -11.09 33.09
N GLU D 165 4.78 -10.51 33.85
CA GLU D 165 3.66 -11.25 34.41
C GLU D 165 2.68 -11.70 33.31
N VAL D 166 2.59 -10.92 32.23
CA VAL D 166 1.64 -11.20 31.16
C VAL D 166 2.31 -11.56 29.82
N ASP D 167 3.60 -11.25 29.71
CA ASP D 167 4.35 -11.51 28.49
C ASP D 167 5.78 -11.86 28.90
N ASP D 168 6.15 -13.14 28.91
CA ASP D 168 7.44 -13.46 29.52
C ASP D 168 8.59 -13.36 28.55
N GLN D 169 8.27 -13.07 27.28
CA GLN D 169 9.31 -13.06 26.26
C GLN D 169 9.56 -11.76 25.46
N THR D 170 8.55 -10.91 25.31
CA THR D 170 8.73 -9.76 24.41
C THR D 170 9.91 -8.89 24.81
N LEU D 171 10.66 -8.42 23.82
CA LEU D 171 11.73 -7.47 24.09
C LEU D 171 11.16 -6.18 24.68
N ILE D 172 11.84 -5.69 25.69
CA ILE D 172 11.53 -4.42 26.32
C ILE D 172 12.79 -3.57 26.21
N PHE D 173 12.62 -2.32 25.82
CA PHE D 173 13.75 -1.44 25.63
C PHE D 173 13.84 -0.47 26.80
N ILE D 174 14.99 -0.48 27.47
CA ILE D 174 15.20 0.29 28.70
C ILE D 174 16.07 1.53 28.48
N GLU D 175 15.50 2.71 28.70
CA GLU D 175 16.25 3.95 28.54
C GLU D 175 16.91 4.38 29.86
N GLY D 176 17.85 5.33 29.78
CA GLY D 176 18.55 5.82 30.96
C GLY D 176 18.28 7.28 31.30
N GLU D 177 18.85 7.76 32.41
CA GLU D 177 18.65 9.12 32.89
C GLU D 177 19.44 10.15 32.05
N ARG D 178 19.32 11.42 32.37
CA ARG D 178 19.95 12.49 31.58
C ARG D 178 19.50 12.49 30.12
N TRP D 179 18.21 12.28 29.91
CA TRP D 179 17.63 12.26 28.58
C TRP D 179 18.18 11.08 27.75
N SER D 180 18.55 10.01 28.44
CA SER D 180 19.08 8.79 27.82
C SER D 180 20.25 9.02 26.86
N SER D 181 21.06 10.03 27.15
CA SER D 181 22.23 10.37 26.35
C SER D 181 23.24 9.24 26.19
N ALA D 182 23.60 8.94 24.95
CA ALA D 182 24.62 7.92 24.64
C ALA D 182 26.00 8.27 25.22
N TYR D 183 26.44 9.52 25.02
CA TYR D 183 27.76 9.97 25.46
C TYR D 183 27.90 9.93 26.99
N HIS D 184 26.82 10.28 27.66
CA HIS D 184 26.83 10.38 29.12
C HIS D 184 26.48 9.08 29.85
N TRP D 185 26.21 8.01 29.10
CA TRP D 185 25.67 6.79 29.71
C TRP D 185 26.47 6.22 30.90
N PRO D 186 27.80 6.05 30.76
CA PRO D 186 28.59 5.48 31.86
C PRO D 186 28.67 6.40 33.08
N LEU D 187 28.47 7.69 32.84
CA LEU D 187 28.51 8.69 33.90
C LEU D 187 27.24 8.65 34.76
N VAL D 188 26.06 8.64 34.11
CA VAL D 188 24.77 8.65 34.83
C VAL D 188 24.18 7.28 35.17
N ASN D 189 24.48 6.25 34.36
CA ASN D 189 23.92 4.92 34.59
C ASN D 189 24.99 3.85 34.78
N ALA D 190 26.08 4.17 35.46
CA ALA D 190 27.25 3.28 35.47
C ALA D 190 26.93 1.81 35.77
N ASN D 191 26.20 1.57 36.86
CA ASN D 191 25.88 0.23 37.28
C ASN D 191 24.39 -0.06 37.09
N PHE D 192 23.77 0.69 36.17
CA PHE D 192 22.35 0.54 35.85
C PHE D 192 22.12 -0.84 35.30
N LEU D 193 21.24 -1.58 35.97
CA LEU D 193 20.90 -2.93 35.54
C LEU D 193 19.50 -3.33 35.97
N ILE D 194 18.68 -3.66 34.98
CA ILE D 194 17.32 -4.11 35.24
C ILE D 194 17.30 -5.64 35.25
N ASN D 195 16.58 -6.20 36.22
CA ASN D 195 16.44 -7.65 36.34
C ASN D 195 15.36 -8.19 35.40
N ASP D 196 15.72 -9.17 34.58
CA ASP D 196 14.78 -9.83 33.67
C ASP D 196 15.25 -11.27 33.53
N PRO D 197 14.53 -12.20 34.17
CA PRO D 197 14.90 -13.61 34.14
C PRO D 197 14.96 -14.12 32.71
N ALA D 198 14.23 -13.47 31.81
CA ALA D 198 14.17 -13.87 30.41
C ALA D 198 15.35 -13.40 29.58
N ASP D 199 16.08 -12.39 30.08
CA ASP D 199 17.21 -11.82 29.33
C ASP D 199 16.76 -11.28 27.98
N ARG D 200 15.62 -10.58 27.98
CA ARG D 200 15.03 -10.03 26.76
C ARG D 200 14.83 -8.54 26.88
N LEU D 201 15.87 -7.87 27.37
CA LEU D 201 15.93 -6.43 27.52
C LEU D 201 16.97 -5.93 26.53
N ILE D 202 16.75 -4.72 26.01
CA ILE D 202 17.72 -4.06 25.16
C ILE D 202 17.79 -2.63 25.67
N TYR D 203 19.00 -2.10 25.88
CA TYR D 203 19.17 -0.75 26.44
C TYR D 203 19.22 0.29 25.35
N GLU D 204 18.64 1.47 25.59
CA GLU D 204 18.44 2.40 24.50
C GLU D 204 18.94 3.78 24.84
N ALA D 205 19.85 4.28 24.00
CA ALA D 205 20.41 5.61 24.18
C ALA D 205 20.03 6.49 22.99
N HIS D 206 20.12 7.80 23.17
CA HIS D 206 19.83 8.74 22.11
C HIS D 206 21.06 9.58 21.81
N LEU D 207 21.27 9.93 20.54
CA LEU D 207 22.51 10.59 20.16
C LEU D 207 22.33 11.67 19.10
N TYR D 208 22.62 12.92 19.47
CA TYR D 208 22.58 14.03 18.53
C TYR D 208 23.95 14.70 18.43
N PHE D 209 24.15 15.50 17.39
CA PHE D 209 25.49 15.96 17.01
C PHE D 209 25.78 17.42 17.39
N ASP D 210 24.83 18.13 17.99
CA ASP D 210 25.05 19.54 18.34
C ASP D 210 25.76 19.69 19.69
N ASP D 211 26.31 20.88 19.98
CA ASP D 211 27.20 21.03 21.12
C ASP D 211 26.57 20.65 22.46
N ASP D 212 25.28 20.95 22.61
CA ASP D 212 24.58 20.71 23.87
C ASP D 212 23.89 19.34 23.94
N PHE D 213 24.13 18.50 22.94
CA PHE D 213 23.59 17.15 22.91
C PHE D 213 22.06 17.11 22.81
N SER D 214 21.43 18.24 22.52
CA SER D 214 19.98 18.36 22.65
C SER D 214 19.15 17.92 21.43
N GLY D 215 19.79 17.89 20.27
CA GLY D 215 19.10 17.61 19.01
C GLY D 215 18.26 18.78 18.53
N LYS D 216 18.43 19.95 19.12
CA LYS D 216 17.68 21.13 18.69
C LYS D 216 18.38 21.77 17.50
N TYR D 217 19.68 21.53 17.38
CA TYR D 217 20.45 22.00 16.23
C TYR D 217 20.32 23.50 16.01
N MET D 218 20.47 24.26 17.09
CA MET D 218 20.51 25.71 17.00
C MET D 218 21.76 26.07 16.22
N ALA D 219 21.71 27.17 15.48
CA ALA D 219 22.80 27.52 14.57
C ALA D 219 24.11 27.70 15.32
N GLN D 220 24.05 28.36 16.48
CA GLN D 220 25.25 28.59 17.27
C GLN D 220 25.86 27.28 17.74
N THR D 221 25.01 26.32 18.09
CA THR D 221 25.46 25.04 18.65
C THR D 221 25.75 23.97 17.60
N SER D 222 25.54 24.29 16.32
CA SER D 222 25.69 23.29 15.27
C SER D 222 26.73 23.65 14.20
N ARG D 223 27.65 24.55 14.53
CA ARG D 223 28.73 24.90 13.61
C ARG D 223 29.89 23.90 13.51
N ASN D 224 30.40 23.71 12.29
CA ASN D 224 31.63 22.96 12.05
C ASN D 224 31.66 21.54 12.62
N ILE D 225 30.56 20.82 12.46
CA ILE D 225 30.45 19.45 12.98
C ILE D 225 31.58 18.54 12.50
N ASP D 226 32.22 17.88 13.45
CA ASP D 226 33.26 16.89 13.21
C ASP D 226 32.61 15.62 12.71
N PRO D 227 33.12 15.05 11.60
CA PRO D 227 32.50 13.87 11.00
C PRO D 227 32.53 12.62 11.90
N MET D 228 33.34 12.64 12.95
CA MET D 228 33.42 11.54 13.91
C MET D 228 32.74 11.80 15.26
N ILE D 229 31.98 12.88 15.36
CA ILE D 229 31.29 13.20 16.62
C ILE D 229 30.24 12.14 16.97
N GLY D 230 29.61 11.57 15.96
CA GLY D 230 28.61 10.52 16.18
C GLY D 230 29.23 9.25 16.71
N VAL D 231 30.33 8.83 16.10
CA VAL D 231 31.07 7.67 16.56
C VAL D 231 31.65 7.89 17.96
N GLU D 232 32.20 9.08 18.21
CA GLU D 232 32.77 9.37 19.52
C GLU D 232 31.74 9.39 20.65
N ARG D 233 30.53 9.83 20.33
CA ARG D 233 29.46 9.87 21.34
C ARG D 233 28.74 8.53 21.53
N ALA D 234 28.76 7.68 20.51
CA ALA D 234 28.22 6.32 20.58
C ALA D 234 29.14 5.39 21.36
N ARG D 235 30.44 5.62 21.27
CA ARG D 235 31.42 4.69 21.81
C ARG D 235 31.24 4.38 23.32
N PRO D 236 31.02 5.41 24.16
CA PRO D 236 30.87 5.17 25.60
C PRO D 236 29.70 4.24 25.93
N PHE D 237 28.66 4.33 25.13
CA PHE D 237 27.45 3.51 25.27
C PHE D 237 27.76 2.08 24.83
N ILE D 238 28.38 1.93 23.67
CA ILE D 238 28.81 0.61 23.19
C ILE D 238 29.75 -0.13 24.16
N GLU D 239 30.77 0.58 24.68
CA GLU D 239 31.74 -0.05 25.57
C GLU D 239 31.08 -0.47 26.88
N TRP D 240 30.12 0.34 27.33
CA TRP D 240 29.36 0.01 28.52
C TRP D 240 28.57 -1.27 28.27
N LEU D 241 27.91 -1.37 27.12
CA LEU D 241 27.13 -2.58 26.78
C LEU D 241 28.00 -3.85 26.70
N GLN D 242 29.16 -3.74 26.08
CA GLN D 242 30.10 -4.84 25.94
C GLN D 242 30.59 -5.29 27.30
N LYS D 243 30.92 -4.30 28.14
CA LYS D 243 31.38 -4.54 29.52
C LYS D 243 30.35 -5.28 30.39
N HIS D 244 29.09 -4.83 30.29
CA HIS D 244 27.98 -5.36 31.10
C HIS D 244 27.19 -6.48 30.42
N GLY D 245 27.67 -6.95 29.27
CA GLY D 245 27.06 -8.04 28.54
C GLY D 245 25.66 -7.78 28.02
N GLN D 246 25.37 -6.54 27.64
CA GLN D 246 24.02 -6.17 27.22
C GLN D 246 23.93 -5.80 25.75
N LYS D 247 22.72 -5.88 25.20
CA LYS D 247 22.38 -5.42 23.83
C LYS D 247 21.91 -3.94 23.80
N GLY D 248 22.19 -3.25 22.69
CA GLY D 248 21.83 -1.85 22.58
C GLY D 248 21.01 -1.45 21.35
N PHE D 249 20.43 -0.25 21.44
CA PHE D 249 19.56 0.33 20.44
C PHE D 249 19.76 1.84 20.47
N LEU D 250 20.10 2.44 19.33
CA LEU D 250 20.21 3.90 19.27
C LEU D 250 18.87 4.47 18.82
N GLY D 251 17.98 4.67 19.78
CA GLY D 251 16.59 4.99 19.55
C GLY D 251 16.36 6.28 18.81
N GLU D 252 17.16 7.29 19.11
CA GLU D 252 17.07 8.57 18.41
C GLU D 252 18.42 9.09 17.89
N TYR D 253 18.41 9.56 16.66
CA TYR D 253 19.48 10.38 16.09
C TYR D 253 18.87 11.17 14.94
N GLY D 254 19.48 12.29 14.55
CA GLY D 254 18.94 13.08 13.46
C GLY D 254 19.81 14.24 13.06
N ILE D 255 19.59 14.73 11.84
CA ILE D 255 20.35 15.86 11.30
C ILE D 255 19.46 16.84 10.54
N PRO D 256 19.78 18.13 10.62
CA PRO D 256 19.10 19.13 9.78
C PRO D 256 19.51 18.97 8.33
N ASP D 257 18.62 19.26 7.39
CA ASP D 257 18.98 19.12 5.99
C ASP D 257 19.97 20.17 5.46
N ASP D 258 20.32 21.15 6.29
CA ASP D 258 21.14 22.29 5.84
C ASP D 258 22.57 22.30 6.41
N LEU D 259 22.99 21.18 7.00
CA LEU D 259 24.34 21.03 7.52
C LEU D 259 25.08 19.90 6.84
N PRO D 260 25.92 20.22 5.85
CA PRO D 260 26.71 19.22 5.14
C PRO D 260 27.56 18.40 6.10
N GLU D 261 28.04 19.05 7.15
CA GLU D 261 28.91 18.42 8.14
C GLU D 261 28.15 17.34 8.89
N ALA D 262 26.86 17.55 9.10
CA ALA D 262 26.04 16.58 9.81
C ALA D 262 25.80 15.29 9.05
N ALA D 263 25.65 15.40 7.74
CA ALA D 263 25.45 14.22 6.90
C ALA D 263 26.65 13.28 6.98
N GLN D 264 27.86 13.84 6.90
CA GLN D 264 29.05 13.02 7.08
C GLN D 264 29.05 12.36 8.45
N ALA D 265 28.62 13.11 9.48
CA ALA D 265 28.58 12.58 10.84
C ALA D 265 27.58 11.42 10.93
N MET D 266 26.46 11.57 10.25
CA MET D 266 25.44 10.53 10.20
C MET D 266 25.98 9.27 9.50
N ASP D 267 26.71 9.48 8.41
CA ASP D 267 27.31 8.39 7.66
C ASP D 267 28.28 7.55 8.50
N ASN D 268 29.22 8.21 9.16
CA ASN D 268 30.18 7.52 10.01
C ASN D 268 29.52 6.86 11.23
N LEU D 269 28.44 7.45 11.71
CA LEU D 269 27.72 6.88 12.85
C LEU D 269 27.05 5.56 12.49
N LEU D 270 26.31 5.55 11.38
CA LEU D 270 25.61 4.35 10.94
C LEU D 270 26.58 3.23 10.58
N ALA D 271 27.73 3.59 10.02
CA ALA D 271 28.79 2.62 9.73
C ALA D 271 29.29 1.99 11.03
N TYR D 272 29.51 2.82 12.03
CA TYR D 272 29.95 2.36 13.34
C TYR D 272 28.92 1.43 13.98
N LEU D 273 27.64 1.79 13.87
CA LEU D 273 26.58 0.95 14.41
C LEU D 273 26.45 -0.40 13.66
N ASN D 274 26.62 -0.38 12.33
CA ASN D 274 26.61 -1.63 11.58
C ASN D 274 27.73 -2.57 12.02
N ASP D 275 28.91 -2.01 12.25
CA ASP D 275 30.06 -2.78 12.70
C ASP D 275 29.80 -3.43 14.04
N ASN D 276 28.81 -2.90 14.76
CA ASN D 276 28.47 -3.44 16.06
C ASN D 276 27.11 -4.12 16.08
N CYS D 277 26.46 -4.19 14.93
CA CYS D 277 25.12 -4.78 14.81
C CYS D 277 24.15 -4.19 15.82
N VAL D 278 24.27 -2.87 16.00
CA VAL D 278 23.41 -2.11 16.89
C VAL D 278 22.38 -1.39 16.04
N PRO D 279 21.08 -1.62 16.34
CA PRO D 279 19.98 -1.00 15.59
C PRO D 279 19.83 0.48 15.95
N SER D 280 18.98 1.19 15.22
CA SER D 280 18.78 2.63 15.45
C SER D 280 17.45 3.08 14.88
N ALA D 281 16.96 4.22 15.36
CA ALA D 281 15.77 4.84 14.77
C ALA D 281 16.01 6.31 14.46
N TYR D 282 15.80 6.69 13.20
CA TYR D 282 15.95 8.10 12.81
C TYR D 282 14.81 8.97 13.33
N TRP D 283 15.15 10.18 13.77
CA TRP D 283 14.15 11.14 14.22
C TRP D 283 14.09 12.31 13.25
N ALA D 284 12.97 12.45 12.53
CA ALA D 284 11.82 11.56 12.59
C ALA D 284 11.06 11.66 11.26
N GLY D 285 10.08 10.78 11.09
CA GLY D 285 9.24 10.80 9.92
C GLY D 285 7.79 10.75 10.32
N GLY D 286 6.93 10.58 9.34
CA GLY D 286 5.51 10.55 9.58
C GLY D 286 4.82 11.87 9.32
N PRO D 287 3.53 11.92 9.63
CA PRO D 287 2.64 13.08 9.43
C PRO D 287 2.94 14.19 10.42
N GLY D 288 2.70 15.44 10.03
CA GLY D 288 2.69 16.56 10.95
C GLY D 288 4.00 17.29 11.22
N TRP D 289 5.02 17.05 10.44
CA TRP D 289 6.30 17.70 10.68
C TRP D 289 6.49 19.06 9.97
N GLY D 290 5.67 19.36 8.98
CA GLY D 290 5.85 20.59 8.22
C GLY D 290 7.18 20.66 7.51
N THR D 291 7.88 21.77 7.69
CA THR D 291 9.18 22.00 7.08
C THR D 291 10.34 21.75 8.04
N TYR D 292 10.07 20.98 9.10
CA TYR D 292 11.08 20.56 10.08
C TYR D 292 12.34 20.08 9.38
N LYS D 293 13.48 20.69 9.73
CA LYS D 293 14.74 20.43 9.05
C LYS D 293 15.26 19.00 9.28
N LEU D 294 14.91 18.40 10.42
CA LEU D 294 15.33 17.04 10.72
C LEU D 294 14.42 16.00 10.11
N ALA D 295 13.23 16.40 9.67
CA ALA D 295 12.24 15.45 9.17
C ALA D 295 12.70 14.70 7.91
N ILE D 296 12.43 13.40 7.87
CA ILE D 296 12.80 12.53 6.74
C ILE D 296 11.58 12.15 5.87
N GLU D 297 10.43 12.73 6.22
CA GLU D 297 9.18 12.56 5.48
C GLU D 297 9.20 13.30 4.11
N PRO D 298 8.74 12.63 3.03
CA PRO D 298 8.70 13.30 1.73
C PRO D 298 7.77 14.52 1.77
N ASP D 303 11.48 13.10 -1.96
CA ASP D 303 12.35 12.40 -1.03
C ASP D 303 13.25 13.38 -0.28
N ARG D 304 13.62 13.01 0.94
CA ARG D 304 14.49 13.82 1.76
C ARG D 304 15.95 13.36 1.64
N PRO D 305 16.90 14.29 1.85
CA PRO D 305 18.34 14.03 1.78
C PRO D 305 18.81 12.98 2.81
N GLN D 306 18.20 12.99 3.99
CA GLN D 306 18.56 12.05 5.06
C GLN D 306 18.19 10.61 4.71
N MET D 307 17.25 10.44 3.79
CA MET D 307 16.82 9.10 3.39
C MET D 307 17.88 8.43 2.52
N GLU D 308 18.55 9.22 1.69
CA GLU D 308 19.63 8.69 0.86
C GLU D 308 20.77 8.21 1.76
N LEU D 309 21.05 8.96 2.82
CA LEU D 309 22.09 8.60 3.77
C LEU D 309 21.76 7.30 4.50
N MET D 310 20.50 7.15 4.88
CA MET D 310 20.04 5.97 5.60
C MET D 310 20.21 4.71 4.75
N ARG D 311 19.84 4.81 3.49
CA ARG D 311 19.80 3.64 2.61
C ARG D 311 21.18 3.02 2.40
N LYS D 312 22.22 3.84 2.43
CA LYS D 312 23.58 3.37 2.17
C LYS D 312 23.96 2.28 3.17
N HIS D 313 23.51 2.42 4.41
CA HIS D 313 23.90 1.51 5.49
C HIS D 313 22.88 0.43 5.86
N LEU D 314 21.83 0.28 5.06
CA LEU D 314 20.76 -0.67 5.37
C LEU D 314 21.20 -2.13 5.34
N ALA D 315 22.10 -2.47 4.42
CA ALA D 315 22.55 -3.85 4.28
C ALA D 315 23.56 -4.26 5.36
N ASN D 316 23.42 -5.50 5.83
CA ASN D 316 24.34 -6.08 6.80
C ASN D 316 24.29 -7.60 6.80
N ASP D 317 25.23 -8.22 7.49
CA ASP D 317 25.28 -9.67 7.58
C ASP D 317 25.15 -10.10 9.03
N CYS D 318 24.52 -9.25 9.86
CA CYS D 318 24.28 -9.55 11.27
C CYS D 318 23.29 -10.67 11.46
N THR D 319 23.58 -11.50 12.46
CA THR D 319 22.68 -12.58 12.86
C THR D 319 22.02 -12.35 14.22
N ALA D 320 22.56 -11.43 15.00
CA ALA D 320 22.01 -11.11 16.31
C ALA D 320 22.22 -9.62 16.62
N ILE D 321 21.41 -9.08 17.52
CA ILE D 321 21.56 -7.69 17.93
C ILE D 321 22.80 -7.56 18.81
N GLY D 322 23.64 -6.57 18.52
CA GLY D 322 24.91 -6.39 19.22
C GLY D 322 24.89 -5.35 20.32
N PRO D 323 26.07 -4.90 20.75
CA PRO D 323 27.45 -5.22 20.33
C PRO D 323 27.97 -6.54 20.92
N THR D 324 29.15 -7.02 20.52
CA THR D 324 29.69 -8.27 21.06
C THR D 324 30.12 -8.08 22.49
#